data_6H5E
#
_entry.id   6H5E
#
_cell.length_a   109.720
_cell.length_b   109.740
_cell.length_c   123.300
_cell.angle_alpha   90.00
_cell.angle_beta   90.00
_cell.angle_gamma   90.00
#
_symmetry.space_group_name_H-M   'P 21 21 21'
#
loop_
_entity.id
_entity.type
_entity.pdbx_description
1 polymer 'SA1707 protein'
2 polymer 'DUF1727 domain-containing protein'
3 non-polymer 'ZINC ION'
4 non-polymer 'PHOSPHOAMINOPHOSPHONIC ACID-ADENYLATE ESTER'
5 non-polymer 'MAGNESIUM ION'
6 non-polymer TRIS-HYDROXYMETHYL-METHYL-AMMONIUM
7 non-polymer GLYCEROL
8 non-polymer DI(HYDROXYETHYL)ETHER
9 water water
#
loop_
_entity_poly.entity_id
_entity_poly.type
_entity_poly.pdbx_seq_one_letter_code
_entity_poly.pdbx_strand_id
1 'polypeptide(L)'
;MHELTIYHFMSDKLNLYSDIGNIIALRQRAKKRNIKVNVVEINETEGITFDECDIFFIGGGSDREQALATKELSKIKTPL
KEAIEDGMPGLTICGGYQFLGKKYITPDGTELEGLGILDFYTESKTNRLTGDIVIESDTFGTIVGFENHGGRTYHDFGTL
GHVTFGYGNNDEDKKEGIHYKNLLGTYLHGPILPKNYEITDYLLEKACERKGIPFEPKEIDNEAEIQAKQVLIDRANRQK
KSRLEHHHHHH
;
A,C
2 'polypeptide(L)'
;MRQWTAIHLAKLARKASRAVGKRGTDLPGQIARKVDTDVLRKLAEQVDDIVFISGTNGKTTTSNLIGHTLKANNIQIIHN
NEGANMAAGITSAFIMQSTPKTKIAVIEIDEGSIPRVLKEVTPSMMVFTNFFRDQMDRFGEIDIMVNNIAETISNKGIKL
LLNADDPFVSRLKIASDTIVYYGMKAHAHEFEQSTMNESRYCPNCGRLLQYDYIHYNQIGHYHCQCGFKREQAKYEISSF
DVAPFLYLNINDEKYDMKIAGDFNAYNALAAYTVLRELGLNEQTIKNGFETYTSDNGRMQYFKKERKEAMINLAKNPAGM
NASLSVGEQLEGEKVYVISLNDNAADGRDTSWIYDADFEKLSKQQIEAIIVTGTRAEELQLRLKLAEVEVPIIVERDIYK
ATAKTMDYKGFTVAIPNYTSLAPMLEQLNRSFEGGQS
;
B,D
#
loop_
_chem_comp.id
_chem_comp.type
_chem_comp.name
_chem_comp.formula
144 non-polymer TRIS-HYDROXYMETHYL-METHYL-AMMONIUM 'C4 H12 N O3 1'
ANP non-polymer 'PHOSPHOAMINOPHOSPHONIC ACID-ADENYLATE ESTER' 'C10 H17 N6 O12 P3'
GOL non-polymer GLYCEROL 'C3 H8 O3'
MG non-polymer 'MAGNESIUM ION' 'Mg 2'
PEG non-polymer DI(HYDROXYETHYL)ETHER 'C4 H10 O3'
ZN non-polymer 'ZINC ION' 'Zn 2'
#
# COMPACT_ATOMS: atom_id res chain seq x y z
N MET A 1 -12.06 -18.50 -49.39
CA MET A 1 -13.29 -19.02 -48.81
C MET A 1 -14.32 -17.92 -48.68
N HIS A 2 -15.57 -18.33 -48.48
CA HIS A 2 -16.68 -17.36 -48.32
C HIS A 2 -16.47 -16.55 -47.04
N GLU A 3 -17.11 -15.38 -46.98
CA GLU A 3 -17.06 -14.51 -45.83
C GLU A 3 -18.47 -14.29 -45.31
N LEU A 4 -18.57 -14.10 -44.00
CA LEU A 4 -19.77 -13.59 -43.34
C LEU A 4 -19.35 -12.48 -42.39
N THR A 5 -20.22 -11.51 -42.22
CA THR A 5 -19.89 -10.31 -41.44
C THR A 5 -20.82 -10.18 -40.25
N ILE A 6 -20.23 -10.03 -39.06
CA ILE A 6 -20.98 -9.86 -37.82
C ILE A 6 -20.84 -8.41 -37.39
N TYR A 7 -21.96 -7.74 -37.21
CA TYR A 7 -21.99 -6.46 -36.51
C TYR A 7 -22.13 -6.76 -35.01
N HIS A 8 -21.10 -6.39 -34.25
CA HIS A 8 -21.09 -6.54 -32.77
C HIS A 8 -21.33 -5.13 -32.19
N PHE A 9 -22.54 -4.87 -31.70
CA PHE A 9 -22.91 -3.55 -31.24
C PHE A 9 -22.51 -3.29 -29.80
N MET A 10 -22.03 -2.06 -29.57
CA MET A 10 -21.65 -1.57 -28.25
C MET A 10 -20.81 -2.61 -27.52
N SER A 11 -19.85 -3.19 -28.23
CA SER A 11 -18.97 -4.17 -27.61
C SER A 11 -18.20 -3.59 -26.43
N ASP A 12 -18.03 -2.27 -26.37
CA ASP A 12 -17.26 -1.67 -25.27
C ASP A 12 -18.09 -1.54 -24.01
N LYS A 13 -19.33 -1.03 -24.13
CA LYS A 13 -20.14 -0.87 -22.93
C LYS A 13 -20.80 -2.19 -22.51
N LEU A 14 -21.31 -2.96 -23.48
CA LEU A 14 -22.09 -4.18 -23.20
C LEU A 14 -21.20 -5.42 -23.25
N ASN A 15 -20.39 -5.57 -22.20
CA ASN A 15 -19.27 -6.51 -22.17
C ASN A 15 -19.28 -7.43 -20.94
N LEU A 16 -20.42 -7.60 -20.27
CA LEU A 16 -20.42 -8.32 -19.02
C LEU A 16 -20.52 -9.85 -19.15
N TYR A 17 -20.83 -10.39 -20.33
CA TYR A 17 -21.17 -11.82 -20.44
C TYR A 17 -20.26 -12.56 -21.42
N SER A 18 -18.96 -12.20 -21.47
CA SER A 18 -17.97 -12.97 -22.23
C SER A 18 -18.44 -13.20 -23.66
N ASP A 19 -18.85 -12.10 -24.30
CA ASP A 19 -19.30 -12.11 -25.68
C ASP A 19 -18.30 -12.81 -26.60
N ILE A 20 -17.00 -12.61 -26.35
CA ILE A 20 -15.96 -13.17 -27.20
C ILE A 20 -16.16 -14.66 -27.39
N GLY A 21 -16.67 -15.36 -26.37
CA GLY A 21 -16.94 -16.78 -26.49
C GLY A 21 -18.02 -17.06 -27.51
N ASN A 22 -19.02 -16.19 -27.60
CA ASN A 22 -20.02 -16.35 -28.65
C ASN A 22 -19.41 -16.10 -30.02
N ILE A 23 -18.52 -15.10 -30.10
CA ILE A 23 -17.82 -14.82 -31.36
C ILE A 23 -16.99 -16.03 -31.77
N ILE A 24 -16.23 -16.59 -30.83
CA ILE A 24 -15.39 -17.76 -31.13
C ILE A 24 -16.26 -18.92 -31.64
N ALA A 25 -17.40 -19.18 -31.00
CA ALA A 25 -18.24 -20.29 -31.41
C ALA A 25 -18.71 -20.11 -32.86
N LEU A 26 -19.05 -18.88 -33.24
CA LEU A 26 -19.48 -18.60 -34.60
C LEU A 26 -18.32 -18.71 -35.58
N ARG A 27 -17.14 -18.21 -35.20
CA ARG A 27 -16.00 -18.32 -36.09
C ARG A 27 -15.66 -19.78 -36.35
N GLN A 28 -15.69 -20.59 -35.30
CA GLN A 28 -15.22 -21.95 -35.43
C GLN A 28 -16.23 -22.85 -36.17
N ARG A 29 -17.53 -22.68 -35.90
CA ARG A 29 -18.50 -23.49 -36.63
C ARG A 29 -18.54 -23.13 -38.10
N ALA A 30 -18.37 -21.85 -38.41
CA ALA A 30 -18.36 -21.41 -39.80
C ALA A 30 -17.09 -21.85 -40.50
N LYS A 31 -15.98 -21.88 -39.76
CA LYS A 31 -14.71 -22.27 -40.35
C LYS A 31 -14.73 -23.74 -40.75
N LYS A 32 -15.46 -24.55 -39.99
CA LYS A 32 -15.68 -25.94 -40.39
C LYS A 32 -16.68 -26.07 -41.54
N ARG A 33 -17.34 -24.98 -41.93
CA ARG A 33 -18.07 -24.93 -43.20
C ARG A 33 -17.37 -24.01 -44.20
N ASN A 34 -16.06 -23.86 -44.05
CA ASN A 34 -15.20 -23.12 -44.98
C ASN A 34 -15.63 -21.64 -45.11
N ILE A 35 -16.20 -21.06 -44.06
CA ILE A 35 -16.66 -19.68 -44.08
C ILE A 35 -15.79 -18.86 -43.13
N LYS A 36 -15.26 -17.75 -43.63
CA LYS A 36 -14.49 -16.80 -42.84
C LYS A 36 -15.43 -15.77 -42.24
N VAL A 37 -15.25 -15.47 -40.95
CA VAL A 37 -16.16 -14.49 -40.28
C VAL A 37 -15.37 -13.26 -39.87
N ASN A 38 -15.82 -12.09 -40.35
CA ASN A 38 -15.22 -10.78 -40.00
C ASN A 38 -16.17 -10.12 -39.00
N VAL A 39 -15.65 -9.64 -37.88
CA VAL A 39 -16.54 -9.00 -36.87
C VAL A 39 -16.35 -7.49 -36.90
N VAL A 40 -17.42 -6.75 -37.12
CA VAL A 40 -17.35 -5.29 -37.09
C VAL A 40 -17.87 -4.81 -35.73
N GLU A 41 -16.97 -4.28 -34.89
CA GLU A 41 -17.39 -3.71 -33.62
C GLU A 41 -17.98 -2.32 -33.86
N ILE A 42 -19.25 -2.13 -33.49
CA ILE A 42 -19.94 -0.86 -33.76
C ILE A 42 -20.33 -0.27 -32.41
N ASN A 43 -19.47 0.62 -31.89
CA ASN A 43 -19.73 1.35 -30.65
C ASN A 43 -20.21 2.77 -30.86
N GLU A 44 -20.21 3.27 -32.10
CA GLU A 44 -20.78 4.57 -32.43
C GLU A 44 -21.70 4.39 -33.63
N THR A 45 -22.98 4.70 -33.45
CA THR A 45 -23.96 4.62 -34.52
C THR A 45 -24.15 6.02 -35.09
N GLU A 46 -23.51 6.27 -36.23
CA GLU A 46 -23.74 7.48 -37.01
C GLU A 46 -23.87 7.04 -38.45
N GLY A 47 -25.07 7.11 -39.00
CA GLY A 47 -25.30 6.66 -40.37
C GLY A 47 -24.87 5.23 -40.63
N ILE A 48 -24.91 4.38 -39.60
CA ILE A 48 -24.61 2.97 -39.83
C ILE A 48 -25.75 2.35 -40.63
N THR A 49 -25.41 1.41 -41.52
CA THR A 49 -26.37 0.77 -42.41
C THR A 49 -26.22 -0.74 -42.32
N PHE A 50 -27.34 -1.46 -42.47
CA PHE A 50 -27.34 -2.92 -42.38
C PHE A 50 -27.10 -3.59 -43.72
N ASP A 51 -26.75 -2.84 -44.75
CA ASP A 51 -26.54 -3.44 -46.07
C ASP A 51 -25.47 -4.51 -46.02
N GLU A 52 -24.36 -4.24 -45.32
CA GLU A 52 -23.20 -5.12 -45.29
C GLU A 52 -23.17 -6.06 -44.08
N CYS A 53 -24.28 -6.21 -43.36
CA CYS A 53 -24.33 -7.01 -42.15
C CYS A 53 -25.05 -8.32 -42.42
N ASP A 54 -24.43 -9.43 -41.99
CA ASP A 54 -24.96 -10.78 -42.12
C ASP A 54 -25.62 -11.28 -40.84
N ILE A 55 -25.03 -10.96 -39.67
CA ILE A 55 -25.60 -11.27 -38.37
C ILE A 55 -25.24 -10.11 -37.43
N PHE A 56 -26.19 -9.70 -36.60
CA PHE A 56 -25.85 -8.71 -35.58
C PHE A 56 -25.88 -9.35 -34.20
N PHE A 57 -25.18 -8.70 -33.28
CA PHE A 57 -25.03 -9.21 -31.93
C PHE A 57 -25.02 -8.02 -30.96
N ILE A 58 -25.80 -8.13 -29.89
CA ILE A 58 -25.88 -7.12 -28.84
C ILE A 58 -25.73 -7.86 -27.53
N GLY A 59 -24.66 -7.53 -26.79
CA GLY A 59 -24.44 -8.13 -25.48
C GLY A 59 -25.17 -7.36 -24.40
N GLY A 60 -24.92 -7.76 -23.16
CA GLY A 60 -25.54 -7.15 -22.00
C GLY A 60 -24.56 -6.31 -21.21
N GLY A 61 -25.05 -5.18 -20.71
CA GLY A 61 -24.24 -4.39 -19.81
C GLY A 61 -24.92 -4.20 -18.48
N SER A 62 -24.37 -3.30 -17.65
CA SER A 62 -25.07 -2.93 -16.43
C SER A 62 -26.25 -2.03 -16.78
N ASP A 63 -27.11 -1.81 -15.78
CA ASP A 63 -28.24 -0.92 -15.98
C ASP A 63 -27.82 0.42 -16.54
N ARG A 64 -26.73 1.00 -16.00
CA ARG A 64 -26.30 2.30 -16.51
C ARG A 64 -25.73 2.19 -17.92
N GLU A 65 -24.98 1.13 -18.21
CA GLU A 65 -24.42 1.03 -19.54
C GLU A 65 -25.49 0.66 -20.57
N GLN A 66 -26.47 -0.16 -20.16
CA GLN A 66 -27.61 -0.46 -21.04
C GLN A 66 -28.32 0.82 -21.50
N ALA A 67 -28.66 1.70 -20.57
CA ALA A 67 -29.41 2.90 -20.93
C ALA A 67 -28.62 3.78 -21.90
N LEU A 68 -27.30 3.87 -21.70
CA LEU A 68 -26.46 4.64 -22.61
C LEU A 68 -26.35 3.92 -23.95
N ALA A 69 -26.20 2.59 -23.94
CA ALA A 69 -26.24 1.83 -25.19
C ALA A 69 -27.56 2.01 -25.91
N THR A 70 -28.67 1.97 -25.17
CA THR A 70 -29.98 2.16 -25.78
C THR A 70 -30.07 3.53 -26.42
N LYS A 71 -29.53 4.55 -25.74
CA LYS A 71 -29.57 5.90 -26.28
C LYS A 71 -28.77 5.99 -27.58
N GLU A 72 -27.62 5.33 -27.63
CA GLU A 72 -26.84 5.37 -28.87
C GLU A 72 -27.51 4.54 -29.96
N LEU A 73 -28.00 3.34 -29.61
CA LEU A 73 -28.66 2.50 -30.60
C LEU A 73 -29.95 3.13 -31.12
N SER A 74 -30.60 3.97 -30.31
CA SER A 74 -31.86 4.53 -30.77
C SER A 74 -31.69 5.43 -31.97
N LYS A 75 -30.44 5.79 -32.33
CA LYS A 75 -30.17 6.57 -33.52
C LYS A 75 -30.39 5.79 -34.79
N ILE A 76 -30.54 4.48 -34.68
CA ILE A 76 -30.74 3.60 -35.83
C ILE A 76 -31.84 2.63 -35.46
N LYS A 77 -32.79 3.08 -34.65
CA LYS A 77 -33.88 2.18 -34.25
C LYS A 77 -34.64 1.66 -35.45
N THR A 78 -34.86 2.50 -36.46
CA THR A 78 -35.67 2.13 -37.62
C THR A 78 -34.90 1.29 -38.63
N PRO A 79 -33.64 1.61 -38.96
CA PRO A 79 -32.86 0.65 -39.75
C PRO A 79 -32.68 -0.68 -39.06
N LEU A 80 -32.68 -0.71 -37.72
CA LEU A 80 -32.51 -1.98 -37.05
C LEU A 80 -33.80 -2.79 -37.08
N LYS A 81 -34.92 -2.15 -36.72
CA LYS A 81 -36.20 -2.86 -36.69
C LYS A 81 -36.59 -3.35 -38.07
N GLU A 82 -36.35 -2.54 -39.11
CA GLU A 82 -36.68 -2.99 -40.45
C GLU A 82 -35.76 -4.11 -40.91
N ALA A 83 -34.55 -4.19 -40.36
CA ALA A 83 -33.67 -5.31 -40.65
C ALA A 83 -34.19 -6.58 -39.98
N ILE A 84 -34.52 -6.51 -38.69
CA ILE A 84 -35.14 -7.63 -38.01
C ILE A 84 -36.42 -8.05 -38.72
N GLU A 85 -37.25 -7.07 -39.10
CA GLU A 85 -38.49 -7.38 -39.79
C GLU A 85 -38.24 -8.04 -41.14
N ASP A 86 -37.09 -7.77 -41.74
CA ASP A 86 -36.67 -8.45 -42.95
C ASP A 86 -36.00 -9.81 -42.68
N GLY A 87 -35.94 -10.27 -41.44
CA GLY A 87 -35.33 -11.56 -41.15
C GLY A 87 -33.85 -11.54 -40.86
N MET A 88 -33.25 -10.39 -40.60
CA MET A 88 -31.85 -10.36 -40.26
C MET A 88 -31.61 -11.23 -39.02
N PRO A 89 -30.66 -12.16 -39.06
CA PRO A 89 -30.33 -12.94 -37.86
C PRO A 89 -29.63 -12.08 -36.82
N GLY A 90 -30.01 -12.30 -35.56
CA GLY A 90 -29.40 -11.56 -34.46
C GLY A 90 -29.45 -12.36 -33.19
N LEU A 91 -28.47 -12.13 -32.32
CA LEU A 91 -28.45 -12.70 -30.98
C LEU A 91 -28.25 -11.58 -29.99
N THR A 92 -29.04 -11.58 -28.92
CA THR A 92 -28.99 -10.53 -27.91
C THR A 92 -28.93 -11.20 -26.55
N ILE A 93 -28.16 -10.62 -25.63
CA ILE A 93 -27.87 -11.28 -24.36
C ILE A 93 -28.29 -10.40 -23.21
N CYS A 94 -29.04 -10.98 -22.28
CA CYS A 94 -29.52 -10.32 -21.07
C CYS A 94 -30.00 -8.90 -21.37
N GLY A 95 -29.23 -7.88 -20.97
CA GLY A 95 -29.68 -6.52 -21.17
C GLY A 95 -29.89 -6.15 -22.63
N GLY A 96 -29.06 -6.70 -23.50
CA GLY A 96 -29.20 -6.43 -24.94
C GLY A 96 -30.50 -7.01 -25.46
N TYR A 97 -31.03 -8.01 -24.75
CA TYR A 97 -32.30 -8.66 -25.13
C TYR A 97 -33.45 -7.89 -24.48
N GLN A 98 -33.30 -7.55 -23.21
CA GLN A 98 -34.34 -6.82 -22.44
C GLN A 98 -34.65 -5.47 -23.07
N PHE A 99 -33.63 -4.75 -23.55
CA PHE A 99 -33.90 -3.40 -24.06
C PHE A 99 -34.35 -3.39 -25.52
N LEU A 100 -34.54 -4.58 -26.13
CA LEU A 100 -35.31 -4.64 -27.37
C LEU A 100 -36.75 -4.20 -27.14
N GLY A 101 -37.23 -4.34 -25.90
CA GLY A 101 -38.61 -4.09 -25.56
C GLY A 101 -38.90 -2.63 -25.23
N LYS A 102 -40.08 -2.42 -24.63
CA LYS A 102 -40.54 -1.07 -24.36
C LYS A 102 -39.86 -0.46 -23.14
N LYS A 103 -39.73 -1.21 -22.05
CA LYS A 103 -39.15 -0.60 -20.85
C LYS A 103 -38.59 -1.68 -19.95
N TYR A 104 -37.66 -1.25 -19.09
CA TYR A 104 -37.02 -2.08 -18.09
C TYR A 104 -37.24 -1.40 -16.75
N ILE A 105 -37.83 -2.12 -15.80
CA ILE A 105 -38.15 -1.56 -14.49
C ILE A 105 -37.15 -2.13 -13.50
N THR A 106 -36.38 -1.26 -12.85
CA THR A 106 -35.43 -1.69 -11.83
C THR A 106 -36.19 -2.12 -10.58
N PRO A 107 -35.53 -2.82 -9.66
CA PRO A 107 -36.25 -3.29 -8.46
C PRO A 107 -36.91 -2.19 -7.65
N ASP A 108 -36.34 -0.97 -7.62
CA ASP A 108 -36.93 0.13 -6.86
C ASP A 108 -38.03 0.86 -7.61
N GLY A 109 -38.55 0.27 -8.69
CA GLY A 109 -39.60 0.90 -9.46
C GLY A 109 -39.13 1.88 -10.52
N THR A 110 -37.82 2.06 -10.67
CA THR A 110 -37.31 2.99 -11.66
C THR A 110 -37.47 2.42 -13.08
N GLU A 111 -37.90 3.28 -14.00
CA GLU A 111 -38.34 2.87 -15.34
C GLU A 111 -37.34 3.37 -16.38
N LEU A 112 -36.66 2.46 -17.05
CA LEU A 112 -35.72 2.77 -18.12
C LEU A 112 -36.31 2.44 -19.48
N GLU A 113 -36.16 3.38 -20.43
CA GLU A 113 -36.72 3.21 -21.76
C GLU A 113 -35.88 2.23 -22.60
N GLY A 114 -36.56 1.29 -23.26
CA GLY A 114 -35.90 0.46 -24.25
C GLY A 114 -36.02 1.03 -25.66
N LEU A 115 -35.31 0.39 -26.60
CA LEU A 115 -35.53 0.68 -28.02
C LEU A 115 -37.00 0.62 -28.41
N GLY A 116 -37.79 -0.23 -27.75
CA GLY A 116 -39.17 -0.40 -28.15
C GLY A 116 -39.34 -1.07 -29.51
N ILE A 117 -38.35 -1.88 -29.89
CA ILE A 117 -38.38 -2.62 -31.19
C ILE A 117 -39.58 -3.57 -31.16
N LEU A 118 -39.79 -4.24 -30.03
CA LEU A 118 -40.92 -5.14 -29.84
C LEU A 118 -41.66 -4.71 -28.58
N ASP A 119 -42.93 -5.10 -28.52
CA ASP A 119 -43.85 -4.60 -27.49
C ASP A 119 -43.81 -5.49 -26.25
N PHE A 120 -42.68 -5.47 -25.55
CA PHE A 120 -42.66 -6.17 -24.28
C PHE A 120 -41.94 -5.35 -23.23
N TYR A 121 -42.02 -5.80 -21.99
CA TYR A 121 -41.36 -5.11 -20.89
C TYR A 121 -40.73 -6.13 -19.97
N THR A 122 -39.82 -5.65 -19.13
CA THR A 122 -39.13 -6.43 -18.13
C THR A 122 -39.22 -5.67 -16.81
N GLU A 123 -39.49 -6.39 -15.71
CA GLU A 123 -39.45 -5.77 -14.40
C GLU A 123 -38.61 -6.62 -13.47
N SER A 124 -37.62 -5.99 -12.85
CA SER A 124 -36.64 -6.68 -12.03
C SER A 124 -37.16 -6.88 -10.61
N LYS A 125 -36.68 -7.94 -9.96
CA LYS A 125 -36.91 -8.11 -8.54
C LYS A 125 -35.58 -8.44 -7.89
N THR A 126 -35.51 -8.20 -6.59
CA THR A 126 -34.25 -8.33 -5.86
C THR A 126 -33.82 -9.79 -5.73
N ASN A 127 -34.78 -10.70 -5.54
CA ASN A 127 -34.48 -12.13 -5.49
C ASN A 127 -34.34 -12.65 -6.90
N ARG A 128 -33.18 -13.19 -7.22
CA ARG A 128 -32.80 -13.49 -8.59
C ARG A 128 -33.22 -14.90 -8.98
N LEU A 129 -33.37 -15.10 -10.28
CA LEU A 129 -33.52 -16.43 -10.85
C LEU A 129 -32.14 -16.93 -11.25
N THR A 130 -31.63 -17.92 -10.53
CA THR A 130 -30.24 -18.35 -10.65
C THR A 130 -30.16 -19.86 -10.68
N GLY A 131 -29.40 -20.37 -11.64
CA GLY A 131 -28.99 -21.76 -11.57
C GLY A 131 -28.81 -22.34 -12.95
N ASP A 132 -28.52 -23.64 -12.96
CA ASP A 132 -28.52 -24.38 -14.21
C ASP A 132 -29.89 -24.34 -14.85
N ILE A 133 -29.91 -24.32 -16.17
CA ILE A 133 -31.15 -24.26 -16.90
C ILE A 133 -31.01 -25.16 -18.12
N VAL A 134 -32.01 -26.05 -18.30
CA VAL A 134 -32.13 -27.02 -19.38
C VAL A 134 -33.44 -26.71 -20.09
N ILE A 135 -33.37 -26.54 -21.42
CA ILE A 135 -34.47 -26.11 -22.27
C ILE A 135 -34.61 -27.13 -23.41
N GLU A 136 -35.85 -27.53 -23.71
CA GLU A 136 -36.12 -28.40 -24.87
C GLU A 136 -36.85 -27.59 -25.93
N SER A 137 -36.17 -27.34 -27.04
CA SER A 137 -36.61 -26.53 -28.17
C SER A 137 -36.91 -27.43 -29.38
N ASP A 138 -37.86 -27.01 -30.21
CA ASP A 138 -38.05 -27.78 -31.41
C ASP A 138 -37.17 -27.29 -32.56
N THR A 139 -36.62 -26.08 -32.43
CA THR A 139 -35.66 -25.53 -33.38
C THR A 139 -34.20 -25.73 -32.96
N PHE A 140 -33.89 -25.63 -31.67
CA PHE A 140 -32.51 -25.65 -31.21
C PHE A 140 -32.16 -26.87 -30.41
N GLY A 141 -33.07 -27.82 -30.26
CA GLY A 141 -32.74 -29.02 -29.53
C GLY A 141 -32.72 -28.74 -28.03
N THR A 142 -31.80 -29.41 -27.34
CA THR A 142 -31.61 -29.19 -25.92
C THR A 142 -30.67 -28.00 -25.74
N ILE A 143 -31.18 -26.90 -25.16
CA ILE A 143 -30.36 -25.74 -24.81
C ILE A 143 -30.03 -25.81 -23.34
N VAL A 144 -28.76 -25.56 -23.02
CA VAL A 144 -28.21 -25.84 -21.70
C VAL A 144 -27.30 -24.68 -21.31
N GLY A 145 -27.40 -24.25 -20.06
CA GLY A 145 -26.75 -23.00 -19.70
C GLY A 145 -26.80 -22.72 -18.22
N PHE A 146 -26.48 -21.48 -17.89
CA PHE A 146 -26.55 -20.96 -16.54
C PHE A 146 -27.31 -19.65 -16.60
N GLU A 147 -28.19 -19.43 -15.63
CA GLU A 147 -28.98 -18.22 -15.58
C GLU A 147 -28.76 -17.55 -14.25
N ASN A 148 -28.91 -16.22 -14.24
CA ASN A 148 -28.68 -15.46 -13.03
C ASN A 148 -29.13 -14.01 -13.23
N HIS A 149 -30.42 -13.75 -13.07
CA HIS A 149 -30.96 -12.45 -13.42
C HIS A 149 -32.14 -12.10 -12.53
N GLY A 150 -32.28 -10.80 -12.25
CA GLY A 150 -33.32 -10.28 -11.41
C GLY A 150 -34.50 -9.87 -12.26
N GLY A 151 -34.24 -9.68 -13.55
CA GLY A 151 -35.28 -9.26 -14.47
C GLY A 151 -36.26 -10.41 -14.78
N ARG A 152 -37.56 -10.11 -14.71
CA ARG A 152 -38.62 -10.98 -15.20
C ARG A 152 -39.17 -10.35 -16.47
N THR A 153 -38.94 -11.01 -17.61
CA THR A 153 -39.37 -10.47 -18.89
C THR A 153 -40.71 -11.10 -19.29
N TYR A 154 -41.61 -10.27 -19.82
CA TYR A 154 -42.99 -10.65 -20.11
C TYR A 154 -43.23 -10.31 -21.57
N HIS A 155 -43.30 -11.33 -22.41
CA HIS A 155 -43.66 -11.09 -23.80
C HIS A 155 -44.49 -12.25 -24.29
N ASP A 156 -45.25 -11.98 -25.35
CA ASP A 156 -46.16 -12.92 -26.00
C ASP A 156 -45.67 -13.33 -27.38
N PHE A 157 -44.37 -13.38 -27.57
CA PHE A 157 -43.77 -13.87 -28.80
C PHE A 157 -43.34 -15.32 -28.57
N GLY A 158 -42.76 -15.94 -29.60
CA GLY A 158 -42.19 -17.26 -29.41
C GLY A 158 -40.89 -17.19 -28.60
N THR A 159 -40.47 -18.33 -28.05
CA THR A 159 -39.33 -18.40 -27.14
C THR A 159 -38.34 -19.44 -27.66
N LEU A 160 -37.18 -19.53 -26.99
CA LEU A 160 -36.21 -20.57 -27.31
C LEU A 160 -36.65 -21.96 -26.91
N GLY A 161 -37.68 -22.10 -26.10
CA GLY A 161 -38.17 -23.43 -25.81
C GLY A 161 -38.74 -23.52 -24.41
N HIS A 162 -39.11 -24.74 -24.04
CA HIS A 162 -39.68 -25.04 -22.74
C HIS A 162 -38.59 -25.45 -21.75
N VAL A 163 -38.70 -24.93 -20.53
CA VAL A 163 -37.69 -25.10 -19.48
C VAL A 163 -38.04 -26.32 -18.64
N THR A 164 -37.26 -27.39 -18.79
CA THR A 164 -37.41 -28.56 -17.93
C THR A 164 -36.66 -28.42 -16.60
N PHE A 165 -35.68 -27.52 -16.53
CA PHE A 165 -35.00 -27.25 -15.28
C PHE A 165 -34.57 -25.79 -15.27
N GLY A 166 -34.93 -25.07 -14.24
CA GLY A 166 -34.66 -23.65 -14.15
C GLY A 166 -35.92 -22.85 -14.31
N TYR A 167 -35.74 -21.57 -14.65
CA TYR A 167 -36.86 -20.63 -14.73
C TYR A 167 -37.10 -20.10 -16.14
N GLY A 168 -36.09 -19.51 -16.77
CA GLY A 168 -36.30 -18.82 -18.04
C GLY A 168 -36.61 -17.33 -17.90
N ASN A 169 -37.52 -16.82 -18.74
CA ASN A 169 -37.83 -15.38 -18.73
C ASN A 169 -38.34 -14.90 -17.39
N ASN A 170 -39.06 -15.74 -16.63
CA ASN A 170 -39.76 -15.24 -15.44
C ASN A 170 -40.06 -16.41 -14.50
N ASP A 171 -40.78 -16.11 -13.41
CA ASP A 171 -41.00 -17.12 -12.37
C ASP A 171 -41.94 -18.24 -12.85
N GLU A 172 -42.86 -17.95 -13.77
CA GLU A 172 -44.03 -18.79 -14.03
C GLU A 172 -44.02 -19.56 -15.35
N ASP A 173 -43.58 -18.94 -16.45
CA ASP A 173 -43.84 -19.50 -17.76
C ASP A 173 -43.09 -20.80 -18.03
N LYS A 174 -41.93 -21.02 -17.38
CA LYS A 174 -41.04 -22.12 -17.77
C LYS A 174 -40.68 -22.04 -19.25
N LYS A 175 -40.45 -20.83 -19.75
CA LYS A 175 -40.05 -20.60 -21.15
C LYS A 175 -38.88 -19.64 -21.15
N GLU A 176 -37.87 -19.89 -22.01
CA GLU A 176 -36.62 -19.11 -22.02
C GLU A 176 -36.47 -18.27 -23.29
N GLY A 177 -36.13 -16.98 -23.09
CA GLY A 177 -35.71 -16.08 -24.14
C GLY A 177 -36.80 -15.71 -25.16
N ILE A 178 -36.34 -15.31 -26.34
CA ILE A 178 -37.25 -14.86 -27.38
C ILE A 178 -36.71 -15.35 -28.73
N HIS A 179 -37.62 -15.75 -29.59
CA HIS A 179 -37.33 -16.16 -30.98
C HIS A 179 -38.37 -15.45 -31.83
N TYR A 180 -37.98 -14.34 -32.46
CA TYR A 180 -38.88 -13.59 -33.36
C TYR A 180 -38.18 -13.52 -34.72
N LYS A 181 -38.78 -14.08 -35.77
CA LYS A 181 -38.10 -14.13 -37.10
C LYS A 181 -36.74 -14.79 -36.87
N ASN A 182 -35.65 -14.13 -37.24
CA ASN A 182 -34.30 -14.70 -37.02
C ASN A 182 -33.61 -14.02 -35.83
N LEU A 183 -34.36 -13.23 -35.04
CA LEU A 183 -33.79 -12.56 -33.89
C LEU A 183 -33.95 -13.44 -32.66
N LEU A 184 -32.84 -13.75 -32.00
CA LEU A 184 -32.84 -14.51 -30.77
C LEU A 184 -32.46 -13.60 -29.60
N GLY A 185 -33.02 -13.85 -28.43
CA GLY A 185 -32.61 -13.19 -27.19
C GLY A 185 -32.71 -14.18 -26.06
N THR A 186 -31.86 -13.98 -25.04
CA THR A 186 -31.72 -14.99 -24.01
C THR A 186 -31.02 -14.40 -22.80
N TYR A 187 -31.26 -15.03 -21.66
CA TYR A 187 -30.62 -14.74 -20.39
C TYR A 187 -29.46 -15.67 -20.11
N LEU A 188 -29.19 -16.65 -20.98
CA LEU A 188 -28.24 -17.68 -20.63
C LEU A 188 -26.80 -17.21 -20.69
N HIS A 189 -26.01 -17.69 -19.73
CA HIS A 189 -24.58 -17.55 -19.64
C HIS A 189 -23.90 -18.85 -20.07
N GLY A 190 -22.60 -18.74 -20.31
CA GLY A 190 -21.77 -19.88 -20.66
C GLY A 190 -20.47 -19.57 -21.39
N PRO A 191 -20.43 -18.66 -22.39
CA PRO A 191 -21.61 -17.98 -22.95
C PRO A 191 -22.62 -18.98 -23.54
N ILE A 192 -23.68 -18.51 -24.21
CA ILE A 192 -24.67 -19.49 -24.64
C ILE A 192 -24.17 -20.35 -25.81
N LEU A 193 -23.46 -19.75 -26.76
CA LEU A 193 -23.23 -20.40 -28.04
C LEU A 193 -22.29 -21.62 -28.03
N PRO A 194 -21.15 -21.63 -27.31
CA PRO A 194 -20.22 -22.80 -27.44
C PRO A 194 -20.85 -24.19 -27.27
N LYS A 195 -21.64 -24.41 -26.23
CA LYS A 195 -22.32 -25.70 -26.06
C LYS A 195 -23.49 -25.83 -27.03
N ASN A 196 -24.18 -24.75 -27.33
CA ASN A 196 -25.47 -24.81 -27.97
C ASN A 196 -25.33 -24.55 -29.46
N TYR A 197 -24.69 -25.54 -30.11
CA TYR A 197 -24.29 -25.42 -31.51
C TYR A 197 -25.49 -25.33 -32.46
N GLU A 198 -26.65 -25.92 -32.13
CA GLU A 198 -27.83 -25.72 -32.99
C GLU A 198 -28.20 -24.24 -33.09
N ILE A 199 -27.93 -23.46 -32.03
CA ILE A 199 -28.18 -22.01 -32.10
C ILE A 199 -27.14 -21.34 -33.00
N THR A 200 -25.86 -21.67 -32.79
CA THR A 200 -24.79 -21.17 -33.63
C THR A 200 -25.04 -21.51 -35.10
N ASP A 201 -25.38 -22.77 -35.37
CA ASP A 201 -25.61 -23.17 -36.77
C ASP A 201 -26.87 -22.54 -37.35
N TYR A 202 -27.90 -22.34 -36.54
CA TYR A 202 -29.09 -21.65 -37.04
C TYR A 202 -28.74 -20.26 -37.58
N LEU A 203 -28.00 -19.46 -36.80
CA LEU A 203 -27.67 -18.10 -37.23
C LEU A 203 -26.78 -18.13 -38.47
N LEU A 204 -25.73 -18.96 -38.46
CA LEU A 204 -24.84 -19.04 -39.63
C LEU A 204 -25.61 -19.45 -40.87
N GLU A 205 -26.56 -20.37 -40.69
CA GLU A 205 -27.26 -20.93 -41.85
C GLU A 205 -28.24 -19.92 -42.42
N LYS A 206 -28.92 -19.17 -41.56
CA LYS A 206 -29.80 -18.11 -42.04
C LYS A 206 -29.02 -17.04 -42.79
N ALA A 207 -27.87 -16.64 -42.26
CA ALA A 207 -27.05 -15.65 -42.97
C ALA A 207 -26.49 -16.21 -44.28
N CYS A 208 -26.17 -17.52 -44.33
CA CYS A 208 -25.67 -18.13 -45.56
C CYS A 208 -26.72 -18.16 -46.66
N GLU A 209 -27.97 -18.48 -46.33
CA GLU A 209 -28.92 -18.56 -47.43
C GLU A 209 -29.39 -17.20 -47.89
N ARG A 210 -29.48 -16.23 -46.97
CA ARG A 210 -29.84 -14.88 -47.38
C ARG A 210 -28.77 -14.29 -48.29
N LYS A 211 -27.50 -14.62 -48.05
CA LYS A 211 -26.41 -14.15 -48.90
C LYS A 211 -26.31 -14.97 -50.18
N GLY A 212 -26.90 -16.15 -50.20
CA GLY A 212 -26.81 -17.03 -51.34
C GLY A 212 -25.59 -17.93 -51.38
N ILE A 213 -24.79 -17.97 -50.33
CA ILE A 213 -23.62 -18.85 -50.29
C ILE A 213 -24.01 -20.16 -49.62
N PRO A 214 -23.28 -21.25 -49.82
CA PRO A 214 -23.67 -22.54 -49.25
C PRO A 214 -23.14 -22.75 -47.83
N PHE A 215 -23.84 -23.63 -47.12
CA PHE A 215 -23.51 -24.02 -45.73
C PHE A 215 -23.26 -25.53 -45.72
N GLU A 216 -22.07 -25.94 -46.15
CA GLU A 216 -21.73 -27.39 -46.22
C GLU A 216 -20.38 -27.64 -45.55
N PRO A 217 -20.08 -28.85 -45.03
CA PRO A 217 -21.09 -29.86 -44.68
C PRO A 217 -22.01 -29.42 -43.54
N LYS A 218 -23.27 -29.86 -43.59
CA LYS A 218 -24.26 -29.44 -42.60
C LYS A 218 -24.11 -30.21 -41.29
N GLU A 219 -23.74 -31.48 -41.34
CA GLU A 219 -23.62 -32.31 -40.15
C GLU A 219 -22.13 -32.50 -39.87
N ILE A 220 -21.68 -32.01 -38.71
CA ILE A 220 -20.27 -32.14 -38.34
C ILE A 220 -20.17 -32.76 -36.95
N ASP A 221 -18.96 -32.79 -36.41
CA ASP A 221 -18.71 -33.44 -35.14
C ASP A 221 -19.12 -32.53 -33.99
N ASN A 222 -19.89 -33.09 -33.05
CA ASN A 222 -20.52 -32.33 -31.96
C ASN A 222 -20.25 -33.02 -30.63
N GLU A 223 -19.32 -33.97 -30.60
CA GLU A 223 -19.14 -34.80 -29.41
C GLU A 223 -18.81 -33.95 -28.18
N ALA A 224 -17.90 -32.98 -28.34
CA ALA A 224 -17.45 -32.20 -27.19
C ALA A 224 -18.56 -31.30 -26.67
N GLU A 225 -19.30 -30.68 -27.59
CA GLU A 225 -20.49 -29.91 -27.24
C GLU A 225 -21.48 -30.76 -26.45
N ILE A 226 -21.75 -31.98 -26.93
CA ILE A 226 -22.77 -32.82 -26.31
C ILE A 226 -22.31 -33.31 -24.95
N GLN A 227 -21.02 -33.62 -24.82
CA GLN A 227 -20.46 -33.98 -23.51
C GLN A 227 -20.55 -32.81 -22.52
N ALA A 228 -20.29 -31.58 -22.97
CA ALA A 228 -20.44 -30.44 -22.07
C ALA A 228 -21.91 -30.21 -21.69
N LYS A 229 -22.84 -30.33 -22.65
CA LYS A 229 -24.25 -30.26 -22.28
C LYS A 229 -24.62 -31.31 -21.24
N GLN A 230 -24.15 -32.54 -21.44
CA GLN A 230 -24.61 -33.68 -20.65
C GLN A 230 -24.28 -33.51 -19.17
N VAL A 231 -23.18 -32.82 -18.86
CA VAL A 231 -22.84 -32.51 -17.47
C VAL A 231 -24.01 -31.81 -16.78
N LEU A 232 -24.57 -30.80 -17.43
CA LEU A 232 -25.64 -30.04 -16.79
C LEU A 232 -26.96 -30.82 -16.83
N ILE A 233 -27.23 -31.53 -17.91
CA ILE A 233 -28.40 -32.40 -17.98
C ILE A 233 -28.37 -33.43 -16.84
N ASP A 234 -27.22 -34.09 -16.64
CA ASP A 234 -27.15 -35.10 -15.59
C ASP A 234 -27.34 -34.48 -14.23
N ARG A 235 -26.75 -33.31 -14.01
CA ARG A 235 -26.83 -32.66 -12.71
C ARG A 235 -28.25 -32.14 -12.44
N ALA A 236 -28.91 -31.60 -13.47
CA ALA A 236 -30.29 -31.18 -13.28
C ALA A 236 -31.16 -32.35 -12.83
N ASN A 237 -31.04 -33.49 -13.53
CA ASN A 237 -31.78 -34.68 -13.12
C ASN A 237 -31.48 -35.06 -11.68
N ARG A 238 -30.20 -35.02 -11.29
CA ARG A 238 -29.88 -35.38 -9.92
C ARG A 238 -30.61 -34.47 -8.93
N GLN A 239 -30.64 -33.18 -9.25
CA GLN A 239 -31.30 -32.17 -8.37
C GLN A 239 -32.81 -32.45 -8.33
N LYS A 240 -33.33 -33.07 -9.39
CA LYS A 240 -34.78 -33.42 -9.44
C LYS A 240 -35.01 -34.62 -8.52
N LYS A 241 -34.17 -35.65 -8.67
CA LYS A 241 -34.30 -36.90 -7.86
C LYS A 241 -34.04 -36.57 -6.39
N SER A 242 -33.21 -35.56 -6.11
CA SER A 242 -32.92 -35.18 -4.73
C SER A 242 -33.90 -34.13 -4.20
N ARG A 243 -35.06 -33.98 -4.84
CA ARG A 243 -36.12 -33.11 -4.35
C ARG A 243 -37.41 -33.90 -4.09
N LEU A 244 -37.28 -35.18 -3.80
CA LEU A 244 -38.41 -36.01 -3.45
C LEU A 244 -38.48 -36.19 -1.93
N ASP B 36 8.92 -17.75 32.52
CA ASP B 36 8.97 -18.27 31.15
C ASP B 36 9.77 -17.32 30.28
N THR B 37 9.69 -16.03 30.60
CA THR B 37 10.59 -15.06 29.98
C THR B 37 12.02 -15.23 30.44
N ASP B 38 12.24 -15.79 31.64
CA ASP B 38 13.57 -16.20 32.09
C ASP B 38 13.99 -17.55 31.48
N VAL B 39 13.04 -18.39 31.09
CA VAL B 39 13.38 -19.65 30.44
C VAL B 39 13.87 -19.42 29.02
N LEU B 40 13.21 -18.52 28.29
CA LEU B 40 13.70 -18.12 26.98
C LEU B 40 15.11 -17.54 27.09
N ARG B 41 15.29 -16.56 27.98
CA ARG B 41 16.62 -16.03 28.27
C ARG B 41 17.61 -17.15 28.58
N LYS B 42 17.19 -18.16 29.36
CA LYS B 42 18.08 -19.27 29.68
C LYS B 42 18.34 -20.15 28.46
N LEU B 43 17.29 -20.46 27.69
CA LEU B 43 17.45 -21.30 26.51
C LEU B 43 18.34 -20.62 25.46
N ALA B 44 18.04 -19.36 25.15
CA ALA B 44 18.83 -18.64 24.16
C ALA B 44 20.31 -18.59 24.53
N GLU B 45 20.64 -18.55 25.81
CA GLU B 45 22.03 -18.41 26.20
C GLU B 45 22.89 -19.55 25.69
N GLN B 46 22.32 -20.75 25.56
CA GLN B 46 23.10 -21.89 25.11
C GLN B 46 23.18 -22.00 23.59
N VAL B 47 22.68 -21.02 22.86
CA VAL B 47 22.72 -21.03 21.40
C VAL B 47 23.84 -20.11 20.93
N ASP B 48 24.79 -20.67 20.18
CA ASP B 48 25.93 -19.88 19.74
C ASP B 48 25.51 -18.75 18.81
N ASP B 49 24.73 -19.07 17.79
CA ASP B 49 24.32 -18.10 16.76
C ASP B 49 22.81 -17.96 16.79
N ILE B 50 22.33 -16.74 16.96
CA ILE B 50 20.91 -16.43 16.95
C ILE B 50 20.72 -15.34 15.90
N VAL B 51 19.98 -15.67 14.84
CA VAL B 51 19.74 -14.78 13.71
C VAL B 51 18.28 -14.32 13.75
N PHE B 52 18.07 -13.02 13.82
CA PHE B 52 16.73 -12.47 13.69
C PHE B 52 16.52 -11.90 12.30
N ILE B 53 15.35 -12.20 11.72
CA ILE B 53 14.90 -11.69 10.44
C ILE B 53 13.75 -10.74 10.69
N SER B 54 13.84 -9.49 10.21
CA SER B 54 12.71 -8.58 10.38
C SER B 54 12.64 -7.62 9.19
N GLY B 55 11.74 -6.66 9.26
CA GLY B 55 11.36 -5.85 8.12
C GLY B 55 9.86 -5.98 7.88
N THR B 56 9.38 -5.19 6.93
CA THR B 56 7.93 -5.22 6.78
C THR B 56 7.50 -6.37 5.87
N ASN B 57 8.23 -6.56 4.76
CA ASN B 57 7.85 -7.64 3.81
C ASN B 57 9.00 -8.60 3.54
N GLY B 58 8.65 -9.86 3.27
CA GLY B 58 9.58 -10.88 2.88
C GLY B 58 10.28 -11.60 4.00
N LYS B 59 9.90 -11.36 5.26
CA LYS B 59 10.58 -12.03 6.38
C LYS B 59 10.50 -13.55 6.26
N THR B 60 9.32 -14.07 5.93
CA THR B 60 9.07 -15.51 5.95
C THR B 60 9.89 -16.23 4.88
N THR B 61 9.83 -15.75 3.63
CA THR B 61 10.64 -16.35 2.57
C THR B 61 12.12 -16.31 2.93
N THR B 62 12.61 -15.15 3.38
CA THR B 62 14.01 -15.04 3.78
C THR B 62 14.36 -16.07 4.84
N SER B 63 13.57 -16.07 5.90
CA SER B 63 13.78 -17.00 7.01
C SER B 63 13.70 -18.45 6.54
N ASN B 64 12.79 -18.76 5.60
CA ASN B 64 12.68 -20.14 5.12
C ASN B 64 13.92 -20.54 4.33
N LEU B 65 14.38 -19.68 3.43
CA LEU B 65 15.61 -19.97 2.70
C LEU B 65 16.77 -20.24 3.65
N ILE B 66 16.89 -19.47 4.74
CA ILE B 66 17.99 -19.69 5.69
C ILE B 66 17.84 -21.04 6.39
N GLY B 67 16.65 -21.30 6.96
CA GLY B 67 16.45 -22.54 7.69
C GLY B 67 16.53 -23.75 6.78
N HIS B 68 15.95 -23.66 5.59
CA HIS B 68 16.05 -24.75 4.62
C HIS B 68 17.52 -25.07 4.32
N THR B 69 18.30 -24.05 3.98
CA THR B 69 19.68 -24.28 3.55
C THR B 69 20.51 -24.88 4.67
N LEU B 70 20.36 -24.39 5.90
CA LEU B 70 21.07 -25.01 7.00
C LEU B 70 20.63 -26.45 7.21
N LYS B 71 19.31 -26.71 7.12
CA LYS B 71 18.80 -28.07 7.31
C LYS B 71 19.29 -28.99 6.21
N ALA B 72 19.43 -28.46 5.00
CA ALA B 72 19.95 -29.27 3.87
C ALA B 72 21.42 -29.60 4.12
N ASN B 73 22.02 -29.03 5.18
CA ASN B 73 23.45 -29.26 5.50
C ASN B 73 23.59 -29.99 6.84
N ASN B 74 22.50 -30.56 7.34
CA ASN B 74 22.47 -31.34 8.61
C ASN B 74 22.88 -30.51 9.82
N ILE B 75 22.51 -29.23 9.85
CA ILE B 75 22.78 -28.38 11.00
C ILE B 75 21.50 -28.30 11.83
N GLN B 76 21.55 -28.80 13.06
CA GLN B 76 20.41 -28.68 13.96
C GLN B 76 20.14 -27.21 14.28
N ILE B 77 18.91 -26.75 14.02
CA ILE B 77 18.55 -25.36 14.24
C ILE B 77 17.22 -25.25 14.97
N ILE B 78 17.06 -24.16 15.73
CA ILE B 78 15.74 -23.72 16.17
C ILE B 78 15.20 -22.83 15.07
N HIS B 79 13.98 -23.10 14.63
CA HIS B 79 13.41 -22.32 13.53
C HIS B 79 11.92 -22.20 13.73
N ASN B 80 11.45 -20.97 13.90
CA ASN B 80 9.99 -20.69 13.95
C ASN B 80 9.54 -20.66 12.50
N ASN B 81 9.60 -21.83 11.88
CA ASN B 81 9.31 -22.07 10.45
C ASN B 81 7.82 -21.91 10.16
N GLU B 82 7.03 -21.52 11.14
CA GLU B 82 5.58 -21.35 10.89
CA GLU B 82 5.66 -21.30 10.92
C GLU B 82 5.23 -19.87 10.79
N GLY B 83 6.22 -19.00 10.96
CA GLY B 83 5.93 -17.55 10.88
C GLY B 83 5.41 -16.98 12.18
N ALA B 84 5.31 -17.76 13.25
CA ALA B 84 4.85 -17.24 14.56
C ALA B 84 5.93 -16.28 15.05
N ASN B 85 5.86 -15.03 14.62
CA ASN B 85 6.94 -14.04 14.81
C ASN B 85 6.73 -13.07 15.97
N MET B 86 5.87 -13.40 16.93
CA MET B 86 5.71 -12.56 18.09
C MET B 86 6.34 -13.24 19.30
N ALA B 87 6.31 -12.56 20.44
CA ALA B 87 7.08 -13.01 21.60
C ALA B 87 6.68 -14.42 22.03
N ALA B 88 5.38 -14.69 22.12
CA ALA B 88 4.94 -16.00 22.57
C ALA B 88 5.40 -17.09 21.61
N GLY B 89 5.20 -16.86 20.30
CA GLY B 89 5.57 -17.88 19.33
C GLY B 89 7.08 -18.10 19.28
N ILE B 90 7.85 -17.02 19.42
CA ILE B 90 9.30 -17.18 19.49
C ILE B 90 9.68 -17.94 20.75
N THR B 91 9.08 -17.59 21.89
CA THR B 91 9.32 -18.33 23.12
C THR B 91 8.99 -19.80 22.95
N SER B 92 7.86 -20.08 22.28
CA SER B 92 7.43 -21.45 22.10
C SER B 92 8.41 -22.24 21.23
N ALA B 93 8.84 -21.65 20.11
CA ALA B 93 9.84 -22.33 19.25
C ALA B 93 11.08 -22.72 20.05
N PHE B 94 11.63 -21.78 20.81
CA PHE B 94 12.83 -22.08 21.60
C PHE B 94 12.60 -23.22 22.58
N ILE B 95 11.43 -23.23 23.24
CA ILE B 95 11.12 -24.28 24.19
C ILE B 95 11.08 -25.64 23.50
N MET B 96 10.37 -25.72 22.39
CA MET B 96 10.05 -27.00 21.78
C MET B 96 11.15 -27.56 20.90
N GLN B 97 12.10 -26.71 20.47
CA GLN B 97 13.07 -27.13 19.48
C GLN B 97 14.50 -27.16 19.98
N SER B 98 14.80 -26.47 21.08
CA SER B 98 16.15 -26.47 21.60
C SER B 98 16.53 -27.87 22.07
N THR B 99 17.73 -28.30 21.70
CA THR B 99 18.35 -29.59 22.00
C THR B 99 19.81 -29.34 22.38
N PRO B 100 20.61 -30.38 22.71
CA PRO B 100 22.04 -30.13 22.91
C PRO B 100 22.79 -29.79 21.64
N LYS B 101 22.31 -30.26 20.49
CA LYS B 101 22.99 -30.08 19.22
C LYS B 101 22.53 -28.85 18.46
N THR B 102 21.59 -28.08 18.99
CA THR B 102 21.03 -26.94 18.26
C THR B 102 22.01 -25.78 18.34
N LYS B 103 22.79 -25.60 17.28
CA LYS B 103 23.81 -24.57 17.26
C LYS B 103 23.29 -23.20 16.86
N ILE B 104 22.31 -23.13 15.95
CA ILE B 104 21.86 -21.86 15.39
C ILE B 104 20.36 -21.73 15.57
N ALA B 105 19.92 -20.58 16.07
CA ALA B 105 18.50 -20.22 16.09
C ALA B 105 18.24 -19.26 14.95
N VAL B 106 17.23 -19.58 14.15
CA VAL B 106 16.81 -18.78 13.01
C VAL B 106 15.38 -18.29 13.29
N ILE B 107 15.24 -17.00 13.59
CA ILE B 107 14.00 -16.45 14.14
C ILE B 107 13.51 -15.27 13.32
N GLU B 108 12.31 -15.42 12.79
CA GLU B 108 11.57 -14.34 12.12
C GLU B 108 10.88 -13.54 13.23
N ILE B 109 10.98 -12.22 13.23
CA ILE B 109 10.37 -11.44 14.30
C ILE B 109 9.54 -10.27 13.73
N ASP B 110 8.24 -10.21 14.09
CA ASP B 110 7.43 -9.02 13.85
C ASP B 110 8.15 -7.78 14.36
N GLU B 111 8.23 -6.77 13.50
CA GLU B 111 9.05 -5.59 13.80
C GLU B 111 8.60 -4.92 15.08
N GLY B 112 7.29 -4.86 15.31
CA GLY B 112 6.73 -4.31 16.54
C GLY B 112 7.04 -5.11 17.79
N SER B 113 7.51 -6.34 17.68
CA SER B 113 7.88 -7.15 18.83
C SER B 113 9.37 -7.11 19.14
N ILE B 114 10.15 -6.35 18.37
CA ILE B 114 11.60 -6.29 18.62
C ILE B 114 11.93 -5.78 20.01
N PRO B 115 11.29 -4.72 20.54
CA PRO B 115 11.63 -4.32 21.92
C PRO B 115 11.36 -5.39 22.96
N ARG B 116 10.18 -6.00 22.91
CA ARG B 116 9.80 -7.03 23.92
C ARG B 116 10.77 -8.22 23.90
N VAL B 117 11.11 -8.71 22.71
CA VAL B 117 11.97 -9.88 22.64
C VAL B 117 13.41 -9.53 23.02
N LEU B 118 13.85 -8.29 22.76
CA LEU B 118 15.24 -7.97 23.07
C LEU B 118 15.51 -7.86 24.57
N LYS B 119 14.47 -7.60 25.38
CA LYS B 119 14.63 -7.63 26.83
C LYS B 119 15.11 -8.97 27.31
N GLU B 120 14.75 -10.04 26.62
CA GLU B 120 15.08 -11.38 27.04
C GLU B 120 16.09 -12.09 26.14
N VAL B 121 16.24 -11.67 24.90
CA VAL B 121 17.17 -12.31 23.97
C VAL B 121 17.93 -11.24 23.23
N THR B 122 19.26 -11.37 23.19
CA THR B 122 20.08 -10.56 22.32
C THR B 122 20.61 -11.42 21.19
N PRO B 123 20.30 -11.10 19.93
CA PRO B 123 20.83 -11.88 18.82
C PRO B 123 22.24 -11.45 18.46
N SER B 124 22.99 -12.40 17.90
CA SER B 124 24.30 -12.09 17.33
C SER B 124 24.19 -11.45 15.95
N MET B 125 23.11 -11.71 15.24
CA MET B 125 23.03 -11.22 13.88
C MET B 125 21.58 -10.86 13.61
N MET B 126 21.36 -9.80 12.86
CA MET B 126 20.00 -9.41 12.53
C MET B 126 20.03 -8.88 11.12
N VAL B 127 19.13 -9.40 10.27
CA VAL B 127 18.96 -8.94 8.91
C VAL B 127 17.59 -8.27 8.80
N PHE B 128 17.53 -7.16 8.06
CA PHE B 128 16.32 -6.40 7.82
C PHE B 128 16.11 -6.36 6.33
N THR B 129 14.88 -6.64 5.89
CA THR B 129 14.59 -6.76 4.47
C THR B 129 14.22 -5.43 3.83
N ASN B 130 13.31 -4.71 4.47
CA ASN B 130 12.75 -3.49 3.90
C ASN B 130 11.85 -2.85 4.96
N PHE B 131 11.54 -1.57 4.77
CA PHE B 131 10.47 -0.92 5.56
C PHE B 131 9.56 -0.15 4.62
N PHE B 132 8.44 -0.76 4.26
CA PHE B 132 7.48 -0.08 3.35
C PHE B 132 6.34 0.55 4.15
N ARG B 133 6.10 1.84 3.90
CA ARG B 133 4.96 2.50 4.55
C ARG B 133 3.74 2.09 3.75
N ASP B 134 2.67 1.62 4.40
CA ASP B 134 1.45 1.31 3.60
C ASP B 134 0.75 2.64 3.36
N GLN B 135 -0.12 2.71 2.34
CA GLN B 135 -0.83 3.97 1.99
C GLN B 135 -1.80 4.40 3.09
N MET B 136 -2.31 3.48 3.91
CA MET B 136 -3.25 3.79 5.01
C MET B 136 -2.50 4.15 6.29
N ASP B 137 -1.18 4.15 6.26
CA ASP B 137 -0.42 4.48 7.48
C ASP B 137 -0.55 5.98 7.74
N ARG B 138 -0.51 6.37 9.03
CA ARG B 138 -0.52 7.76 9.44
C ARG B 138 0.85 8.40 9.20
N PHE B 139 0.89 9.72 9.33
CA PHE B 139 2.07 10.51 8.97
C PHE B 139 3.34 9.99 9.63
N GLY B 140 4.35 9.74 8.80
CA GLY B 140 5.67 9.30 9.22
C GLY B 140 5.71 8.23 10.31
N GLU B 141 4.83 7.24 10.22
CA GLU B 141 4.84 6.16 11.23
C GLU B 141 6.02 5.23 10.96
N ILE B 142 6.67 5.40 9.80
CA ILE B 142 7.81 4.54 9.38
C ILE B 142 9.10 4.97 10.10
N ASP B 143 9.56 6.20 9.86
CA ASP B 143 10.82 6.67 10.51
C ASP B 143 10.71 6.51 12.03
N ILE B 144 9.54 6.78 12.60
CA ILE B 144 9.35 6.59 14.05
C ILE B 144 9.60 5.13 14.42
N MET B 145 9.01 4.21 13.65
CA MET B 145 9.23 2.79 13.89
C MET B 145 10.71 2.42 13.79
N VAL B 146 11.42 3.03 12.84
CA VAL B 146 12.82 2.71 12.62
C VAL B 146 13.70 3.31 13.72
N ASN B 147 13.33 4.50 14.21
CA ASN B 147 14.06 5.04 15.36
C ASN B 147 13.88 4.16 16.58
N ASN B 148 12.66 3.71 16.84
CA ASN B 148 12.42 2.88 18.02
C ASN B 148 13.21 1.59 17.94
N ILE B 149 13.32 1.03 16.74
CA ILE B 149 14.10 -0.18 16.53
C ILE B 149 15.59 0.11 16.72
N ALA B 150 16.08 1.20 16.10
CA ALA B 150 17.48 1.60 16.27
C ALA B 150 17.82 1.84 17.74
N GLU B 151 16.92 2.50 18.48
CA GLU B 151 17.20 2.72 19.90
C GLU B 151 17.27 1.38 20.64
N THR B 152 16.34 0.48 20.33
CA THR B 152 16.23 -0.81 20.99
C THR B 152 17.47 -1.67 20.77
N ILE B 153 17.95 -1.73 19.54
CA ILE B 153 19.11 -2.62 19.22
C ILE B 153 20.44 -1.88 19.36
N SER B 154 20.43 -0.61 19.75
CA SER B 154 21.67 0.18 19.79
C SER B 154 22.73 -0.34 20.77
N ASN B 155 23.99 -0.21 20.36
CA ASN B 155 25.20 -0.54 21.17
C ASN B 155 25.09 -1.91 21.84
N LYS B 156 24.86 -2.97 21.06
CA LYS B 156 24.81 -4.30 21.63
C LYS B 156 25.76 -5.24 20.90
N GLY B 157 26.62 -4.73 20.03
CA GLY B 157 27.45 -5.58 19.20
C GLY B 157 26.72 -6.49 18.21
N ILE B 158 25.48 -6.17 17.85
CA ILE B 158 24.74 -7.02 16.90
C ILE B 158 25.26 -6.75 15.49
N LYS B 159 25.67 -7.79 14.80
CA LYS B 159 26.00 -7.66 13.39
C LYS B 159 24.70 -7.41 12.62
N LEU B 160 24.61 -6.27 11.94
CA LEU B 160 23.41 -5.85 11.24
C LEU B 160 23.60 -6.07 9.76
N LEU B 161 22.64 -6.74 9.14
CA LEU B 161 22.68 -7.04 7.71
C LEU B 161 21.59 -6.19 7.07
N LEU B 162 22.01 -5.15 6.37
CA LEU B 162 21.10 -4.11 5.92
C LEU B 162 21.01 -4.12 4.40
N ASN B 163 19.78 -3.95 3.90
CA ASN B 163 19.47 -3.69 2.50
C ASN B 163 19.96 -2.28 2.13
N ALA B 164 21.16 -2.18 1.51
CA ALA B 164 21.66 -0.86 1.13
C ALA B 164 20.71 -0.11 0.23
N ASP B 165 19.89 -0.82 -0.55
CA ASP B 165 18.96 -0.21 -1.50
C ASP B 165 17.72 0.40 -0.84
N ASP B 166 17.45 0.05 0.42
CA ASP B 166 16.32 0.64 1.12
C ASP B 166 16.84 1.73 2.04
N PRO B 167 16.52 3.01 1.81
CA PRO B 167 17.00 4.07 2.71
C PRO B 167 16.62 3.83 4.17
N PHE B 168 15.40 3.34 4.43
CA PHE B 168 14.97 3.22 5.81
C PHE B 168 15.56 2.02 6.53
N VAL B 169 15.97 0.98 5.81
CA VAL B 169 16.76 -0.07 6.45
C VAL B 169 18.18 0.45 6.72
N SER B 170 18.71 1.26 5.79
CA SER B 170 20.10 1.69 5.89
C SER B 170 20.31 2.68 7.03
N ARG B 171 19.30 3.46 7.36
CA ARG B 171 19.25 4.26 8.59
C ARG B 171 19.59 3.47 9.85
N LEU B 172 19.47 2.15 9.83
CA LEU B 172 19.85 1.40 11.03
C LEU B 172 21.37 1.26 11.18
N LYS B 173 22.16 1.77 10.23
CA LYS B 173 23.60 1.77 10.37
C LYS B 173 24.05 2.48 11.66
N ILE B 174 23.24 3.43 12.16
CA ILE B 174 23.56 4.15 13.38
C ILE B 174 23.51 3.27 14.62
N ALA B 175 23.01 2.04 14.52
CA ALA B 175 22.69 1.24 15.70
C ALA B 175 23.72 0.17 16.00
N SER B 176 24.75 0.04 15.17
CA SER B 176 25.81 -0.90 15.49
C SER B 176 27.10 -0.45 14.83
N ASP B 177 28.22 -0.95 15.37
CA ASP B 177 29.52 -0.74 14.77
C ASP B 177 29.91 -1.88 13.85
N THR B 178 29.00 -2.83 13.59
CA THR B 178 29.26 -3.99 12.74
C THR B 178 28.12 -4.12 11.72
N ILE B 179 28.35 -3.57 10.53
CA ILE B 179 27.33 -3.42 9.50
C ILE B 179 27.80 -4.18 8.26
N VAL B 180 26.89 -4.94 7.66
CA VAL B 180 27.13 -5.68 6.42
C VAL B 180 26.02 -5.33 5.46
N TYR B 181 26.38 -4.77 4.31
CA TYR B 181 25.39 -4.36 3.30
C TYR B 181 25.20 -5.42 2.23
N TYR B 182 23.95 -5.63 1.83
CA TYR B 182 23.64 -6.31 0.58
C TYR B 182 22.75 -5.40 -0.26
N GLY B 183 22.69 -5.70 -1.55
CA GLY B 183 21.95 -4.85 -2.46
C GLY B 183 22.01 -5.39 -3.86
N MET B 184 21.50 -4.61 -4.80
CA MET B 184 21.34 -5.06 -6.17
C MET B 184 21.89 -3.99 -7.12
N LYS B 185 22.77 -4.40 -8.03
CA LYS B 185 23.30 -3.49 -9.04
C LYS B 185 22.16 -2.83 -9.82
N ALA B 186 22.35 -1.55 -10.15
CA ALA B 186 21.47 -0.87 -11.09
C ALA B 186 21.28 -1.70 -12.34
N HIS B 187 20.03 -1.77 -12.82
CA HIS B 187 19.64 -2.48 -14.03
C HIS B 187 19.76 -4.00 -13.91
N ALA B 188 19.81 -4.54 -12.70
CA ALA B 188 19.83 -6.00 -12.55
C ALA B 188 18.57 -6.65 -13.11
N HIS B 189 17.44 -5.95 -13.01
CA HIS B 189 16.17 -6.47 -13.49
C HIS B 189 15.24 -5.30 -13.68
N GLU B 190 14.33 -5.44 -14.64
CA GLU B 190 13.28 -4.43 -14.83
C GLU B 190 12.09 -4.85 -13.98
N PHE B 191 11.94 -4.22 -12.81
CA PHE B 191 10.85 -4.54 -11.91
C PHE B 191 9.53 -3.97 -12.42
N GLU B 192 8.44 -4.63 -12.05
CA GLU B 192 7.08 -4.19 -12.37
C GLU B 192 6.67 -3.10 -11.40
N GLN B 193 7.09 -1.87 -11.70
CA GLN B 193 6.77 -0.70 -10.87
C GLN B 193 5.26 -0.49 -10.74
N GLU B 198 5.01 7.02 -4.16
CA GLU B 198 4.82 8.48 -3.90
C GLU B 198 6.16 9.23 -3.98
N SER B 199 6.59 9.85 -2.88
CA SER B 199 7.87 10.59 -2.81
C SER B 199 8.60 10.20 -1.52
N ARG B 200 9.93 10.33 -1.47
CA ARG B 200 10.64 9.84 -0.26
C ARG B 200 11.58 10.89 0.32
N TYR B 201 11.66 10.95 1.64
CA TYR B 201 12.47 11.90 2.38
C TYR B 201 13.61 11.19 3.09
N CYS B 202 14.75 11.85 3.13
CA CYS B 202 15.93 11.23 3.72
C CYS B 202 15.67 10.92 5.19
N PRO B 203 16.05 9.73 5.67
CA PRO B 203 15.87 9.45 7.11
C PRO B 203 16.97 10.03 7.99
N ASN B 204 18.12 10.42 7.43
CA ASN B 204 19.13 11.12 8.23
C ASN B 204 18.73 12.56 8.49
N CYS B 205 18.52 13.35 7.44
CA CYS B 205 18.28 14.78 7.57
C CYS B 205 16.86 15.23 7.22
N GLY B 206 16.06 14.38 6.60
CA GLY B 206 14.68 14.74 6.35
C GLY B 206 14.43 15.52 5.06
N ARG B 207 15.48 15.86 4.32
CA ARG B 207 15.29 16.58 3.03
C ARG B 207 14.76 15.58 2.00
N LEU B 208 14.28 16.08 0.85
CA LEU B 208 13.77 15.18 -0.22
C LEU B 208 14.96 14.35 -0.72
N LEU B 209 14.73 13.04 -0.94
CA LEU B 209 15.82 12.12 -1.36
C LEU B 209 16.00 12.14 -2.88
N GLN B 210 17.25 12.11 -3.34
CA GLN B 210 17.57 12.03 -4.75
C GLN B 210 18.03 10.63 -5.11
N TYR B 211 17.46 10.09 -6.18
CA TYR B 211 17.75 8.73 -6.62
C TYR B 211 18.47 8.77 -7.97
N ASP B 212 19.61 8.10 -8.05
CA ASP B 212 20.23 7.86 -9.35
C ASP B 212 19.45 6.85 -10.16
N TYR B 213 18.96 5.80 -9.50
CA TYR B 213 18.24 4.73 -10.17
C TYR B 213 17.20 4.17 -9.21
N ILE B 214 16.07 3.69 -9.75
CA ILE B 214 15.00 3.13 -8.94
C ILE B 214 14.78 1.68 -9.37
N HIS B 215 14.88 0.76 -8.42
CA HIS B 215 14.44 -0.61 -8.67
C HIS B 215 12.92 -0.64 -8.68
N TYR B 216 12.34 -0.32 -7.52
CA TYR B 216 10.87 -0.23 -7.37
C TYR B 216 10.56 0.53 -6.09
N ASN B 217 9.49 1.33 -6.11
CA ASN B 217 9.04 2.08 -4.91
C ASN B 217 10.22 2.90 -4.37
N GLN B 218 10.60 2.65 -3.12
CA GLN B 218 11.72 3.32 -2.47
C GLN B 218 13.04 2.57 -2.65
N ILE B 219 13.02 1.38 -3.24
CA ILE B 219 14.24 0.59 -3.36
C ILE B 219 15.05 1.11 -4.54
N GLY B 220 16.29 1.51 -4.28
CA GLY B 220 17.10 2.08 -5.35
C GLY B 220 18.44 2.61 -4.88
N HIS B 221 19.09 3.35 -5.76
CA HIS B 221 20.39 3.97 -5.48
C HIS B 221 20.16 5.46 -5.22
N TYR B 222 20.27 5.86 -3.96
CA TYR B 222 19.94 7.21 -3.50
C TYR B 222 21.19 7.87 -2.91
N HIS B 223 21.15 9.20 -2.76
CA HIS B 223 22.30 9.95 -2.22
C HIS B 223 21.82 11.32 -1.77
N CYS B 224 21.73 11.53 -0.46
CA CYS B 224 21.35 12.84 0.04
C CYS B 224 22.50 13.84 -0.15
N GLN B 225 22.19 15.10 0.07
CA GLN B 225 23.25 16.10 0.20
C GLN B 225 23.81 16.15 1.61
N CYS B 226 23.14 15.51 2.58
CA CYS B 226 23.64 15.40 3.94
C CYS B 226 24.73 14.34 4.08
N GLY B 227 24.95 13.52 3.05
CA GLY B 227 25.92 12.42 3.08
C GLY B 227 25.27 11.04 3.14
N PHE B 228 24.06 10.94 3.69
CA PHE B 228 23.33 9.67 3.69
C PHE B 228 23.11 9.23 2.26
N LYS B 229 23.64 8.06 1.92
CA LYS B 229 23.63 7.55 0.54
C LYS B 229 23.44 6.04 0.53
N ARG B 230 23.27 5.49 -0.67
CA ARG B 230 23.26 4.05 -0.89
C ARG B 230 24.70 3.55 -0.87
N GLU B 231 25.07 2.89 0.23
CA GLU B 231 26.46 2.39 0.47
C GLU B 231 26.81 1.22 -0.44
N GLN B 232 28.10 0.93 -0.58
CA GLN B 232 28.57 -0.18 -1.43
C GLN B 232 28.20 -1.50 -0.74
N ALA B 233 27.73 -2.47 -1.53
CA ALA B 233 27.23 -3.75 -0.96
C ALA B 233 28.32 -4.82 -0.92
N LYS B 234 28.47 -5.46 0.24
CA LYS B 234 29.37 -6.60 0.38
C LYS B 234 28.90 -7.79 -0.46
N TYR B 235 27.60 -8.09 -0.45
CA TYR B 235 27.04 -9.10 -1.34
C TYR B 235 26.01 -8.44 -2.24
N GLU B 236 26.13 -8.67 -3.55
CA GLU B 236 25.36 -7.90 -4.52
C GLU B 236 24.85 -8.81 -5.63
N ILE B 237 23.61 -8.58 -6.04
CA ILE B 237 23.07 -9.24 -7.23
C ILE B 237 23.40 -8.36 -8.42
N SER B 238 24.20 -8.89 -9.35
CA SER B 238 24.52 -8.12 -10.56
C SER B 238 23.37 -8.14 -11.55
N SER B 239 22.77 -9.32 -11.78
CA SER B 239 21.59 -9.43 -12.61
C SER B 239 20.79 -10.66 -12.18
N PHE B 240 19.52 -10.71 -12.60
CA PHE B 240 18.75 -11.92 -12.42
C PHE B 240 17.57 -11.92 -13.40
N ASP B 241 17.00 -13.09 -13.59
CA ASP B 241 15.77 -13.18 -14.38
C ASP B 241 14.85 -14.21 -13.74
N VAL B 242 13.64 -14.29 -14.30
CA VAL B 242 12.57 -15.12 -13.76
C VAL B 242 11.97 -15.86 -14.96
N ALA B 243 12.47 -17.06 -15.25
CA ALA B 243 12.14 -17.73 -16.51
C ALA B 243 11.95 -19.27 -16.46
N PRO B 244 10.97 -19.75 -15.68
CA PRO B 244 9.99 -19.00 -14.90
C PRO B 244 10.40 -18.78 -13.45
N PHE B 245 11.50 -19.40 -13.02
CA PHE B 245 11.94 -19.33 -11.64
C PHE B 245 13.14 -18.39 -11.55
N LEU B 246 13.36 -17.87 -10.35
CA LEU B 246 14.49 -16.99 -10.14
C LEU B 246 15.77 -17.64 -10.60
N TYR B 247 16.57 -16.89 -11.34
CA TYR B 247 17.93 -17.27 -11.67
C TYR B 247 18.83 -16.12 -11.25
N LEU B 248 19.60 -16.32 -10.19
CA LEU B 248 20.38 -15.19 -9.61
C LEU B 248 21.87 -15.25 -9.94
N ASN B 249 22.47 -14.05 -9.98
CA ASN B 249 23.93 -13.86 -10.18
C ASN B 249 24.41 -13.05 -8.97
N ILE B 250 24.90 -13.75 -7.94
CA ILE B 250 25.37 -13.09 -6.69
C ILE B 250 26.89 -13.20 -6.59
N ASN B 251 27.58 -12.05 -6.60
CA ASN B 251 29.03 -12.01 -6.47
C ASN B 251 29.71 -13.02 -7.38
N ASP B 252 29.37 -12.94 -8.67
CA ASP B 252 30.01 -13.73 -9.72
C ASP B 252 29.74 -15.23 -9.57
N GLU B 253 28.59 -15.58 -8.95
CA GLU B 253 28.13 -16.96 -8.88
C GLU B 253 26.65 -17.02 -9.27
N LYS B 254 26.26 -18.14 -9.85
CA LYS B 254 24.92 -18.30 -10.41
C LYS B 254 24.10 -19.23 -9.52
N TYR B 255 22.87 -18.83 -9.24
CA TYR B 255 21.95 -19.57 -8.37
C TYR B 255 20.64 -19.80 -9.13
N ASP B 256 20.37 -21.07 -9.43
CA ASP B 256 19.22 -21.52 -10.23
C ASP B 256 18.12 -21.95 -9.26
N MET B 257 17.21 -21.02 -8.95
CA MET B 257 16.21 -21.24 -7.92
C MET B 257 15.03 -22.05 -8.47
N LYS B 258 14.08 -22.36 -7.58
CA LYS B 258 12.84 -23.04 -7.92
C LYS B 258 11.65 -22.33 -7.28
N ILE B 259 11.83 -21.04 -7.01
CA ILE B 259 10.75 -20.12 -6.66
C ILE B 259 10.75 -19.00 -7.67
N ALA B 260 9.62 -18.33 -7.77
CA ALA B 260 9.36 -17.23 -8.69
C ALA B 260 9.08 -15.97 -7.86
N GLY B 261 8.69 -14.90 -8.55
CA GLY B 261 8.41 -13.64 -7.88
C GLY B 261 9.62 -12.73 -7.84
N ASP B 262 9.62 -11.71 -8.71
CA ASP B 262 10.54 -10.57 -8.72
C ASP B 262 11.14 -10.25 -7.37
N PHE B 263 10.28 -9.84 -6.44
N PHE B 263 10.28 -9.84 -6.44
CA PHE B 263 10.66 -9.43 -5.07
CA PHE B 263 10.67 -9.43 -5.06
C PHE B 263 11.44 -10.51 -4.31
C PHE B 263 11.45 -10.52 -4.32
N ASN B 264 11.31 -11.79 -4.70
CA ASN B 264 12.02 -12.83 -3.99
C ASN B 264 13.52 -12.83 -4.28
N ALA B 265 14.00 -12.14 -5.31
CA ALA B 265 15.44 -11.97 -5.44
C ALA B 265 16.02 -11.31 -4.20
N TYR B 266 15.33 -10.29 -3.67
CA TYR B 266 15.82 -9.61 -2.47
C TYR B 266 15.78 -10.51 -1.25
N ASN B 267 14.71 -11.30 -1.10
CA ASN B 267 14.63 -12.22 0.03
C ASN B 267 15.72 -13.28 -0.06
N ALA B 268 15.93 -13.86 -1.24
CA ALA B 268 17.06 -14.75 -1.47
C ALA B 268 18.40 -14.07 -1.14
N LEU B 269 18.61 -12.83 -1.61
CA LEU B 269 19.88 -12.16 -1.36
C LEU B 269 20.08 -11.91 0.14
N ALA B 270 19.00 -11.54 0.85
CA ALA B 270 19.05 -11.40 2.30
C ALA B 270 19.40 -12.73 2.96
N ALA B 271 18.81 -13.84 2.50
CA ALA B 271 19.15 -15.15 3.08
C ALA B 271 20.57 -15.54 2.73
N TYR B 272 20.99 -15.24 1.51
CA TYR B 272 22.36 -15.47 1.12
C TYR B 272 23.31 -14.79 2.10
N THR B 273 23.01 -13.53 2.43
CA THR B 273 23.90 -12.73 3.27
C THR B 273 24.00 -13.31 4.68
N VAL B 274 22.87 -13.77 5.25
CA VAL B 274 22.94 -14.45 6.54
C VAL B 274 23.83 -15.68 6.45
N LEU B 275 23.55 -16.56 5.47
CA LEU B 275 24.25 -17.83 5.39
C LEU B 275 25.76 -17.63 5.26
N ARG B 276 26.18 -16.65 4.43
CA ARG B 276 27.60 -16.34 4.27
C ARG B 276 28.21 -15.83 5.57
N GLU B 277 27.53 -14.87 6.22
CA GLU B 277 28.00 -14.35 7.49
C GLU B 277 28.04 -15.43 8.57
N LEU B 278 27.23 -16.48 8.44
CA LEU B 278 27.36 -17.65 9.30
C LEU B 278 28.52 -18.53 8.89
N GLY B 279 29.21 -18.17 7.80
CA GLY B 279 30.41 -18.92 7.37
C GLY B 279 30.13 -19.99 6.33
N LEU B 280 28.91 -20.07 5.80
CA LEU B 280 28.61 -21.10 4.77
C LEU B 280 29.27 -20.67 3.45
N ASN B 281 29.63 -21.63 2.61
CA ASN B 281 30.31 -21.30 1.33
C ASN B 281 29.32 -21.34 0.16
N GLU B 282 29.73 -20.77 -0.98
CA GLU B 282 28.89 -20.70 -2.20
C GLU B 282 28.25 -22.04 -2.53
N GLN B 283 29.02 -23.13 -2.52
CA GLN B 283 28.49 -24.47 -2.87
C GLN B 283 27.42 -24.91 -1.86
N THR B 284 27.72 -24.83 -0.56
CA THR B 284 26.76 -25.25 0.49
C THR B 284 25.46 -24.44 0.33
N ILE B 285 25.59 -23.14 0.14
CA ILE B 285 24.41 -22.24 -0.03
C ILE B 285 23.71 -22.61 -1.33
N LYS B 286 24.48 -22.88 -2.39
CA LYS B 286 23.88 -23.20 -3.68
C LYS B 286 23.05 -24.48 -3.63
N ASN B 287 23.51 -25.48 -2.85
N ASN B 287 23.46 -25.48 -2.84
CA ASN B 287 22.80 -26.75 -2.76
CA ASN B 287 22.73 -26.75 -2.89
C ASN B 287 21.39 -26.56 -2.26
C ASN B 287 21.38 -26.65 -2.18
N GLY B 288 21.21 -25.73 -1.24
CA GLY B 288 19.90 -25.52 -0.63
C GLY B 288 19.05 -24.54 -1.41
N PHE B 289 19.69 -23.53 -2.01
CA PHE B 289 18.96 -22.58 -2.85
C PHE B 289 18.40 -23.26 -4.11
N GLU B 290 19.05 -24.31 -4.60
CA GLU B 290 18.56 -24.96 -5.81
C GLU B 290 17.38 -25.88 -5.55
N THR B 291 17.09 -26.24 -4.29
CA THR B 291 16.02 -27.17 -3.97
C THR B 291 14.86 -26.54 -3.22
N TYR B 292 15.05 -25.35 -2.65
CA TYR B 292 13.97 -24.73 -1.90
C TYR B 292 12.78 -24.49 -2.82
N THR B 293 11.58 -24.72 -2.30
CA THR B 293 10.40 -24.37 -3.09
C THR B 293 9.27 -23.90 -2.19
N SER B 294 8.34 -23.16 -2.80
CA SER B 294 7.14 -22.72 -2.12
C SER B 294 6.26 -23.92 -1.79
N ASP B 295 5.23 -23.69 -0.98
CA ASP B 295 4.40 -24.80 -0.56
C ASP B 295 2.92 -24.46 -0.58
N ASN B 296 2.53 -23.37 -1.24
CA ASN B 296 1.14 -22.94 -1.27
C ASN B 296 0.49 -23.20 -2.63
N GLY B 297 1.13 -23.96 -3.49
CA GLY B 297 0.50 -24.14 -4.81
C GLY B 297 0.62 -22.90 -5.68
N ARG B 298 1.52 -21.98 -5.35
CA ARG B 298 1.75 -20.82 -6.25
C ARG B 298 3.17 -20.95 -6.79
N MET B 299 3.30 -21.28 -8.08
CA MET B 299 4.62 -21.48 -8.73
C MET B 299 5.42 -22.46 -7.87
N GLN B 300 4.78 -23.52 -7.42
CA GLN B 300 5.39 -24.51 -6.54
C GLN B 300 5.94 -25.66 -7.38
N TYR B 301 7.20 -26.00 -7.13
CA TYR B 301 7.98 -26.90 -7.96
C TYR B 301 8.04 -28.28 -7.33
N PHE B 302 8.11 -29.29 -8.19
CA PHE B 302 8.24 -30.67 -7.75
C PHE B 302 9.22 -31.42 -8.62
N LYS B 303 9.86 -32.42 -8.03
CA LYS B 303 10.79 -33.27 -8.77
C LYS B 303 10.90 -34.64 -8.12
N LYS B 304 10.91 -35.68 -8.95
CA LYS B 304 11.21 -37.04 -8.56
C LYS B 304 11.99 -37.64 -9.70
N GLU B 305 13.24 -38.04 -9.45
CA GLU B 305 14.13 -38.60 -10.47
C GLU B 305 14.23 -37.57 -11.60
N ARG B 306 13.82 -37.89 -12.83
CA ARG B 306 13.89 -36.94 -13.92
C ARG B 306 12.57 -36.23 -14.18
N LYS B 307 11.49 -36.66 -13.50
CA LYS B 307 10.17 -36.11 -13.71
C LYS B 307 9.98 -34.83 -12.90
N GLU B 308 9.54 -33.77 -13.57
CA GLU B 308 9.31 -32.48 -12.96
C GLU B 308 7.84 -32.05 -13.10
N ALA B 309 7.37 -31.28 -12.11
CA ALA B 309 6.04 -30.67 -12.19
C ALA B 309 6.07 -29.27 -11.57
N MET B 310 5.14 -28.44 -12.02
CA MET B 310 4.87 -27.16 -11.39
C MET B 310 3.37 -26.92 -11.34
N ILE B 311 2.88 -26.46 -10.19
CA ILE B 311 1.47 -26.17 -9.97
C ILE B 311 1.29 -24.67 -9.74
N ASN B 312 0.28 -24.09 -10.38
CA ASN B 312 0.02 -22.67 -10.18
C ASN B 312 -1.47 -22.39 -10.28
N LEU B 313 -2.05 -21.98 -9.16
CA LEU B 313 -3.44 -21.59 -9.05
C LEU B 313 -3.78 -20.52 -10.10
N ALA B 314 -4.91 -20.72 -10.79
CA ALA B 314 -5.46 -19.71 -11.68
C ALA B 314 -6.98 -19.82 -11.65
N LYS B 315 -7.66 -18.72 -11.35
CA LYS B 315 -9.13 -18.75 -11.19
C LYS B 315 -9.80 -17.61 -11.96
N ASN B 316 -9.08 -16.97 -12.88
CA ASN B 316 -9.68 -15.87 -13.62
C ASN B 316 -8.85 -15.66 -14.88
N PRO B 317 -9.34 -14.85 -15.82
CA PRO B 317 -8.62 -14.74 -17.10
C PRO B 317 -7.17 -14.31 -16.95
N ALA B 318 -6.87 -13.32 -16.10
CA ALA B 318 -5.48 -12.88 -15.96
C ALA B 318 -4.61 -13.93 -15.26
N GLY B 319 -5.12 -14.59 -14.21
CA GLY B 319 -4.36 -15.67 -13.62
C GLY B 319 -4.14 -16.84 -14.58
N MET B 320 -5.14 -17.15 -15.41
CA MET B 320 -4.98 -18.27 -16.34
C MET B 320 -3.93 -17.95 -17.41
N ASN B 321 -3.98 -16.72 -17.94
CA ASN B 321 -3.04 -16.30 -18.96
C ASN B 321 -1.61 -16.42 -18.46
N ALA B 322 -1.36 -15.98 -17.22
CA ALA B 322 -0.02 -16.07 -16.65
C ALA B 322 0.37 -17.52 -16.44
N SER B 323 -0.56 -18.36 -15.94
CA SER B 323 -0.26 -19.80 -15.79
C SER B 323 -0.04 -20.48 -17.14
N LEU B 324 -0.79 -20.10 -18.19
CA LEU B 324 -0.59 -20.71 -19.51
C LEU B 324 0.75 -20.31 -20.11
N SER B 325 1.28 -19.14 -19.71
CA SER B 325 2.53 -18.63 -20.25
C SER B 325 3.74 -19.33 -19.68
N VAL B 326 3.63 -19.94 -18.50
CA VAL B 326 4.80 -20.52 -17.86
C VAL B 326 5.44 -21.58 -18.75
N GLY B 327 4.61 -22.37 -19.44
CA GLY B 327 5.14 -23.42 -20.28
C GLY B 327 6.05 -22.92 -21.37
N GLU B 328 5.76 -21.72 -21.93
CA GLU B 328 6.65 -21.16 -22.95
C GLU B 328 8.08 -21.08 -22.43
N GLN B 329 8.25 -20.76 -21.15
CA GLN B 329 9.59 -20.58 -20.61
C GLN B 329 10.18 -21.89 -20.10
N LEU B 330 9.48 -23.00 -20.25
CA LEU B 330 10.05 -24.30 -19.92
C LEU B 330 10.51 -24.99 -21.19
N GLU B 331 11.69 -25.61 -21.14
CA GLU B 331 12.21 -26.31 -22.30
C GLU B 331 11.66 -27.72 -22.32
N GLY B 332 11.32 -28.19 -23.52
CA GLY B 332 10.85 -29.54 -23.70
C GLY B 332 9.35 -29.61 -23.79
N GLU B 333 8.88 -30.85 -24.00
CA GLU B 333 7.43 -31.15 -24.11
C GLU B 333 6.81 -30.94 -22.73
N LYS B 334 5.55 -30.50 -22.70
CA LYS B 334 4.86 -30.30 -21.41
C LYS B 334 3.59 -31.14 -21.39
N VAL B 335 3.17 -31.57 -20.20
CA VAL B 335 1.88 -32.28 -20.02
C VAL B 335 1.06 -31.40 -19.08
N TYR B 336 -0.12 -30.96 -19.53
CA TYR B 336 -0.95 -30.08 -18.72
C TYR B 336 -1.99 -30.90 -17.98
N VAL B 337 -2.28 -30.47 -16.75
CA VAL B 337 -3.53 -30.86 -16.09
C VAL B 337 -4.19 -29.57 -15.62
N ILE B 338 -5.40 -29.34 -16.09
CA ILE B 338 -6.12 -28.10 -15.83
C ILE B 338 -7.45 -28.48 -15.21
N SER B 339 -7.81 -27.83 -14.12
CA SER B 339 -8.97 -28.21 -13.33
C SER B 339 -9.92 -27.03 -13.21
N LEU B 340 -11.18 -27.28 -13.53
CA LEU B 340 -12.20 -26.25 -13.44
C LEU B 340 -13.35 -26.79 -12.59
N ASN B 341 -13.36 -26.44 -11.30
CA ASN B 341 -14.53 -26.68 -10.48
C ASN B 341 -15.46 -25.48 -10.57
N ASP B 342 -16.73 -25.71 -10.22
CA ASP B 342 -17.73 -24.66 -10.20
C ASP B 342 -18.51 -24.67 -8.89
N ASN B 343 -17.80 -24.96 -7.81
CA ASN B 343 -18.35 -24.86 -6.45
C ASN B 343 -18.57 -23.39 -6.07
N ALA B 344 -19.28 -23.18 -4.96
CA ALA B 344 -19.67 -21.83 -4.56
C ALA B 344 -18.47 -20.90 -4.45
N ALA B 345 -17.34 -21.38 -3.93
CA ALA B 345 -16.19 -20.50 -3.77
C ALA B 345 -15.55 -20.19 -5.11
N ASP B 346 -15.72 -21.07 -6.12
CA ASP B 346 -15.21 -20.82 -7.47
C ASP B 346 -16.09 -19.91 -8.29
N GLY B 347 -17.36 -19.77 -7.93
CA GLY B 347 -18.32 -19.15 -8.83
C GLY B 347 -18.97 -20.20 -9.72
N ARG B 348 -20.27 -20.10 -9.95
CA ARG B 348 -20.98 -21.08 -10.76
C ARG B 348 -20.87 -20.79 -12.24
N ASP B 349 -20.62 -19.55 -12.64
CA ASP B 349 -20.50 -19.21 -14.05
C ASP B 349 -19.03 -19.38 -14.46
N THR B 350 -18.79 -20.32 -15.39
CA THR B 350 -17.48 -20.62 -15.93
C THR B 350 -17.22 -19.91 -17.25
N SER B 351 -18.10 -19.01 -17.67
CA SER B 351 -17.91 -18.36 -18.97
C SER B 351 -16.56 -17.65 -19.08
N TRP B 352 -15.95 -17.26 -17.94
CA TRP B 352 -14.70 -16.50 -18.00
C TRP B 352 -13.59 -17.25 -18.73
N ILE B 353 -13.65 -18.59 -18.80
CA ILE B 353 -12.59 -19.28 -19.51
C ILE B 353 -12.56 -18.89 -21.00
N TYR B 354 -13.65 -18.34 -21.54
CA TYR B 354 -13.59 -17.82 -22.91
C TYR B 354 -12.85 -16.48 -23.00
N ASP B 355 -12.70 -15.76 -21.89
CA ASP B 355 -11.91 -14.53 -21.85
C ASP B 355 -10.42 -14.82 -21.67
N ALA B 356 -10.06 -16.08 -21.44
CA ALA B 356 -8.67 -16.48 -21.31
C ALA B 356 -8.09 -16.94 -22.64
N ASP B 357 -6.79 -16.75 -22.79
CA ASP B 357 -6.08 -17.00 -24.05
C ASP B 357 -5.59 -18.45 -24.10
N PHE B 358 -6.54 -19.39 -24.15
CA PHE B 358 -6.18 -20.79 -24.33
C PHE B 358 -5.60 -21.05 -25.71
N GLU B 359 -5.86 -20.17 -26.69
CA GLU B 359 -5.37 -20.38 -28.05
C GLU B 359 -3.85 -20.42 -28.09
N LYS B 360 -3.19 -19.68 -27.19
CA LYS B 360 -1.74 -19.60 -27.24
C LYS B 360 -1.05 -20.92 -26.93
N LEU B 361 -1.73 -21.88 -26.32
CA LEU B 361 -1.13 -23.18 -26.06
C LEU B 361 -0.64 -23.86 -27.34
N SER B 362 -1.16 -23.45 -28.51
CA SER B 362 -0.74 -24.05 -29.77
C SER B 362 0.69 -23.71 -30.12
N LYS B 363 1.24 -22.64 -29.54
CA LYS B 363 2.64 -22.27 -29.69
C LYS B 363 3.58 -23.13 -28.85
N GLN B 364 3.05 -24.06 -28.06
CA GLN B 364 3.85 -24.86 -27.14
C GLN B 364 3.92 -26.31 -27.61
N GLN B 365 4.87 -27.02 -27.02
CA GLN B 365 5.11 -28.42 -27.30
C GLN B 365 4.49 -29.23 -26.17
N ILE B 366 3.36 -29.87 -26.45
CA ILE B 366 2.52 -30.47 -25.42
C ILE B 366 2.15 -31.88 -25.82
N GLU B 367 2.43 -32.83 -24.93
CA GLU B 367 2.09 -34.26 -25.17
C GLU B 367 0.58 -34.45 -25.07
N ALA B 368 -0.04 -33.83 -24.06
CA ALA B 368 -1.46 -34.01 -23.78
C ALA B 368 -1.88 -33.04 -22.69
N ILE B 369 -3.17 -32.74 -22.68
CA ILE B 369 -3.79 -31.89 -21.67
C ILE B 369 -4.87 -32.73 -21.00
N ILE B 370 -4.74 -32.93 -19.70
CA ILE B 370 -5.76 -33.62 -18.94
C ILE B 370 -6.65 -32.53 -18.34
N VAL B 371 -7.95 -32.62 -18.62
CA VAL B 371 -8.91 -31.65 -18.08
C VAL B 371 -9.68 -32.35 -16.98
N THR B 372 -9.87 -31.64 -15.87
CA THR B 372 -10.43 -32.27 -14.68
C THR B 372 -11.30 -31.25 -13.94
N GLY B 373 -11.83 -31.67 -12.79
CA GLY B 373 -12.78 -30.87 -12.06
C GLY B 373 -14.23 -31.09 -12.50
N THR B 374 -15.16 -30.51 -11.74
CA THR B 374 -16.56 -30.71 -12.00
C THR B 374 -16.97 -30.22 -13.38
N ARG B 375 -16.22 -29.28 -13.95
CA ARG B 375 -16.55 -28.78 -15.27
C ARG B 375 -15.40 -29.04 -16.23
N ALA B 376 -14.82 -30.24 -16.15
CA ALA B 376 -13.77 -30.65 -17.09
C ALA B 376 -14.23 -30.52 -18.54
N GLU B 377 -15.50 -30.85 -18.81
CA GLU B 377 -15.98 -30.85 -20.18
C GLU B 377 -16.09 -29.45 -20.75
N GLU B 378 -16.33 -28.43 -19.93
CA GLU B 378 -16.22 -27.07 -20.45
C GLU B 378 -14.78 -26.78 -20.92
N LEU B 379 -13.78 -27.25 -20.17
CA LEU B 379 -12.38 -27.07 -20.60
C LEU B 379 -12.11 -27.79 -21.92
N GLN B 380 -12.56 -29.04 -22.05
CA GLN B 380 -12.42 -29.74 -23.32
C GLN B 380 -13.04 -28.93 -24.45
N LEU B 381 -14.27 -28.46 -24.25
CA LEU B 381 -14.91 -27.72 -25.32
C LEU B 381 -14.19 -26.40 -25.59
N ARG B 382 -13.72 -25.72 -24.54
CA ARG B 382 -12.97 -24.46 -24.72
C ARG B 382 -11.70 -24.70 -25.53
N LEU B 383 -10.99 -25.80 -25.27
CA LEU B 383 -9.76 -26.08 -25.99
C LEU B 383 -10.04 -26.51 -27.42
N LYS B 384 -11.16 -27.21 -27.67
CA LYS B 384 -11.56 -27.49 -29.05
C LYS B 384 -11.79 -26.19 -29.81
N LEU B 385 -12.49 -25.23 -29.18
CA LEU B 385 -12.71 -23.96 -29.87
C LEU B 385 -11.44 -23.13 -29.94
N ALA B 386 -10.48 -23.38 -29.04
CA ALA B 386 -9.17 -22.71 -29.13
C ALA B 386 -8.31 -23.27 -30.27
N GLU B 387 -8.77 -24.34 -30.95
CA GLU B 387 -7.99 -25.06 -31.97
C GLU B 387 -6.66 -25.55 -31.41
N VAL B 388 -6.67 -26.00 -30.16
CA VAL B 388 -5.47 -26.56 -29.55
C VAL B 388 -5.47 -28.05 -29.86
N GLU B 389 -4.68 -28.45 -30.85
CA GLU B 389 -4.81 -29.80 -31.40
C GLU B 389 -3.74 -30.73 -30.84
N VAL B 390 -3.99 -31.12 -29.59
CA VAL B 390 -3.26 -32.17 -28.88
C VAL B 390 -4.32 -33.06 -28.22
N PRO B 391 -3.95 -34.26 -27.80
CA PRO B 391 -4.95 -35.12 -27.15
C PRO B 391 -5.46 -34.51 -25.85
N ILE B 392 -6.77 -34.56 -25.67
CA ILE B 392 -7.45 -34.08 -24.47
C ILE B 392 -7.97 -35.29 -23.74
N ILE B 393 -7.61 -35.45 -22.48
CA ILE B 393 -8.12 -36.54 -21.67
C ILE B 393 -9.03 -35.97 -20.60
N VAL B 394 -10.30 -36.37 -20.64
CA VAL B 394 -11.31 -35.94 -19.69
C VAL B 394 -11.26 -36.91 -18.51
N GLU B 395 -10.87 -36.42 -17.34
CA GLU B 395 -10.88 -37.23 -16.12
C GLU B 395 -11.35 -36.33 -14.98
N ARG B 396 -12.64 -36.45 -14.61
CA ARG B 396 -13.23 -35.46 -13.71
C ARG B 396 -12.71 -35.56 -12.28
N ASP B 397 -12.18 -36.71 -11.87
CA ASP B 397 -11.64 -36.87 -10.53
C ASP B 397 -10.25 -36.22 -10.48
N ILE B 398 -10.14 -35.13 -9.70
CA ILE B 398 -8.89 -34.35 -9.67
C ILE B 398 -7.72 -35.21 -9.24
N TYR B 399 -7.93 -36.11 -8.28
CA TYR B 399 -6.84 -36.99 -7.86
C TYR B 399 -6.33 -37.84 -9.01
N LYS B 400 -7.24 -38.52 -9.72
CA LYS B 400 -6.78 -39.43 -10.77
C LYS B 400 -6.18 -38.67 -11.92
N ALA B 401 -6.79 -37.53 -12.28
CA ALA B 401 -6.26 -36.75 -13.39
C ALA B 401 -4.86 -36.24 -13.09
N THR B 402 -4.60 -35.89 -11.82
CA THR B 402 -3.29 -35.33 -11.46
C THR B 402 -2.22 -36.41 -11.45
N ALA B 403 -2.52 -37.56 -10.83
CA ALA B 403 -1.59 -38.69 -10.83
C ALA B 403 -1.27 -39.16 -12.25
N LYS B 404 -2.26 -39.10 -13.15
CA LYS B 404 -2.03 -39.44 -14.56
C LYS B 404 -0.86 -38.69 -15.18
N THR B 405 -0.58 -37.44 -14.73
CA THR B 405 0.54 -36.72 -15.31
C THR B 405 1.86 -37.40 -15.01
N MET B 406 1.93 -38.20 -13.95
CA MET B 406 3.12 -39.01 -13.73
C MET B 406 3.39 -39.99 -14.85
N ASP B 407 2.36 -40.33 -15.64
CA ASP B 407 2.52 -41.32 -16.74
C ASP B 407 3.31 -40.71 -17.90
N TYR B 408 3.48 -39.39 -17.92
CA TYR B 408 4.21 -38.74 -19.03
C TYR B 408 5.64 -38.40 -18.60
N LYS B 409 6.53 -38.16 -19.57
CA LYS B 409 7.95 -37.84 -19.26
C LYS B 409 8.16 -36.33 -19.36
N GLY B 410 7.17 -35.61 -19.90
CA GLY B 410 7.27 -34.16 -20.08
C GLY B 410 7.08 -33.40 -18.78
N PHE B 411 7.32 -32.09 -18.83
CA PHE B 411 7.17 -31.22 -17.64
C PHE B 411 5.68 -30.99 -17.35
N THR B 412 5.18 -31.48 -16.22
CA THR B 412 3.81 -31.23 -15.80
C THR B 412 3.59 -29.76 -15.47
N VAL B 413 2.67 -29.11 -16.19
CA VAL B 413 2.13 -27.81 -15.78
C VAL B 413 0.72 -28.04 -15.25
N ALA B 414 0.52 -27.77 -13.96
CA ALA B 414 -0.72 -28.10 -13.28
C ALA B 414 -1.41 -26.81 -12.87
N ILE B 415 -2.64 -26.62 -13.34
CA ILE B 415 -3.38 -25.37 -13.15
C ILE B 415 -4.77 -25.63 -12.57
N PRO B 416 -4.93 -25.48 -11.26
CA PRO B 416 -6.26 -25.58 -10.64
C PRO B 416 -6.93 -24.24 -10.43
N ASN B 417 -8.26 -24.20 -10.48
CA ASN B 417 -8.94 -23.05 -9.92
C ASN B 417 -9.07 -23.32 -8.41
N TYR B 418 -9.76 -22.42 -7.70
CA TYR B 418 -9.60 -22.32 -6.25
C TYR B 418 -9.95 -23.61 -5.52
N THR B 419 -11.19 -24.12 -5.67
CA THR B 419 -11.48 -25.34 -4.91
C THR B 419 -10.77 -26.57 -5.50
N SER B 420 -10.19 -26.47 -6.69
CA SER B 420 -9.41 -27.59 -7.19
C SER B 420 -8.04 -27.68 -6.55
N LEU B 421 -7.55 -26.58 -5.96
CA LEU B 421 -6.16 -26.51 -5.54
C LEU B 421 -5.82 -27.58 -4.51
N ALA B 422 -6.59 -27.64 -3.42
CA ALA B 422 -6.19 -28.53 -2.34
C ALA B 422 -6.15 -29.98 -2.77
N PRO B 423 -7.16 -30.54 -3.45
CA PRO B 423 -6.98 -31.93 -3.93
C PRO B 423 -5.84 -32.07 -4.92
N MET B 424 -5.65 -31.11 -5.83
CA MET B 424 -4.56 -31.30 -6.80
C MET B 424 -3.21 -31.25 -6.11
N LEU B 425 -3.01 -30.25 -5.23
CA LEU B 425 -1.77 -30.15 -4.47
C LEU B 425 -1.52 -31.40 -3.64
N GLU B 426 -2.58 -31.93 -3.02
CA GLU B 426 -2.39 -33.10 -2.18
C GLU B 426 -1.96 -34.30 -3.02
N GLN B 427 -2.64 -34.52 -4.16
CA GLN B 427 -2.19 -35.60 -5.03
C GLN B 427 -0.74 -35.41 -5.48
N LEU B 428 -0.37 -34.19 -5.86
CA LEU B 428 1.00 -33.96 -6.30
C LEU B 428 2.01 -34.28 -5.21
N ASN B 429 1.69 -33.94 -3.95
CA ASN B 429 2.61 -34.32 -2.87
C ASN B 429 2.66 -35.81 -2.71
N ARG B 430 1.53 -36.49 -2.92
CA ARG B 430 1.54 -37.94 -2.90
C ARG B 430 2.44 -38.49 -3.99
N SER B 431 2.26 -38.02 -5.24
CA SER B 431 2.94 -38.66 -6.36
C SER B 431 4.45 -38.44 -6.29
N PHE B 432 4.88 -37.34 -5.68
CA PHE B 432 6.31 -37.04 -5.61
C PHE B 432 6.95 -37.51 -4.31
N GLU B 433 6.26 -38.39 -3.57
CA GLU B 433 6.82 -39.23 -2.51
C GLU B 433 6.80 -38.49 -1.18
N MET C 1 6.84 54.72 5.82
CA MET C 1 7.67 53.52 6.10
C MET C 1 8.61 53.30 4.93
N HIS C 2 9.92 53.33 5.18
CA HIS C 2 10.93 53.09 4.16
C HIS C 2 10.83 51.67 3.62
N GLU C 3 11.54 51.41 2.53
CA GLU C 3 11.42 50.13 1.85
C GLU C 3 12.72 49.69 1.19
N LEU C 4 12.99 48.39 1.31
CA LEU C 4 14.09 47.70 0.61
C LEU C 4 13.52 46.46 -0.07
N THR C 5 14.12 46.09 -1.21
CA THR C 5 13.67 44.91 -1.97
C THR C 5 14.81 43.88 -2.08
N ILE C 6 14.55 42.66 -1.62
CA ILE C 6 15.52 41.56 -1.69
C ILE C 6 15.22 40.73 -2.93
N TYR C 7 16.26 40.44 -3.72
CA TYR C 7 16.21 39.45 -4.78
C TYR C 7 16.58 38.09 -4.20
N HIS C 8 15.65 37.14 -4.32
CA HIS C 8 15.85 35.74 -3.87
C HIS C 8 16.03 34.90 -5.14
N PHE C 9 17.28 34.57 -5.49
CA PHE C 9 17.55 33.85 -6.74
C PHE C 9 17.39 32.36 -6.54
N MET C 10 16.70 31.72 -7.49
CA MET C 10 16.59 30.27 -7.55
C MET C 10 15.99 29.70 -6.27
N SER C 11 14.96 30.39 -5.75
CA SER C 11 14.29 29.91 -4.55
C SER C 11 13.79 28.48 -4.72
N ASP C 12 13.44 28.10 -5.96
CA ASP C 12 12.82 26.79 -6.20
C ASP C 12 13.83 25.65 -6.08
N LYS C 13 14.90 25.68 -6.89
CA LYS C 13 15.87 24.59 -6.86
C LYS C 13 16.74 24.65 -5.58
N LEU C 14 17.38 25.79 -5.37
CA LEU C 14 18.30 26.01 -4.22
C LEU C 14 17.46 26.24 -2.96
N ASN C 15 17.16 25.18 -2.22
CA ASN C 15 16.22 25.31 -1.11
C ASN C 15 16.47 24.30 0.00
N LEU C 16 17.67 23.74 0.10
CA LEU C 16 17.92 22.70 1.07
C LEU C 16 18.19 23.23 2.49
N TYR C 17 18.35 24.54 2.66
CA TYR C 17 18.86 25.10 3.92
C TYR C 17 17.90 26.11 4.55
N SER C 18 16.59 25.91 4.38
CA SER C 18 15.56 26.72 5.02
C SER C 18 15.79 28.23 4.84
N ASP C 19 16.15 28.62 3.61
CA ASP C 19 16.36 30.02 3.24
C ASP C 19 15.29 30.96 3.79
N ILE C 20 14.08 30.47 4.03
CA ILE C 20 13.02 31.35 4.49
C ILE C 20 13.37 31.95 5.84
N GLY C 21 14.09 31.20 6.69
CA GLY C 21 14.53 31.76 7.96
C GLY C 21 15.41 32.97 7.78
N ASN C 22 16.19 33.01 6.70
CA ASN C 22 16.98 34.20 6.45
C ASN C 22 16.11 35.35 6.01
N ILE C 23 15.06 35.06 5.24
CA ILE C 23 14.19 36.12 4.76
C ILE C 23 13.40 36.69 5.92
N ILE C 24 12.94 35.83 6.83
CA ILE C 24 12.18 36.28 8.00
C ILE C 24 13.04 37.18 8.88
N ALA C 25 14.28 36.75 9.13
CA ALA C 25 15.21 37.51 9.97
C ALA C 25 15.47 38.89 9.36
N LEU C 26 15.80 38.93 8.07
CA LEU C 26 15.94 40.21 7.37
C LEU C 26 14.69 41.05 7.55
N ARG C 27 13.52 40.45 7.30
CA ARG C 27 12.27 41.20 7.35
C ARG C 27 12.03 41.78 8.74
N GLN C 28 12.31 40.99 9.79
CA GLN C 28 11.99 41.41 11.14
C GLN C 28 12.92 42.54 11.60
N ARG C 29 14.23 42.37 11.38
CA ARG C 29 15.18 43.43 11.75
C ARG C 29 14.92 44.71 10.97
N ALA C 30 14.41 44.61 9.73
CA ALA C 30 14.12 45.82 8.98
C ALA C 30 12.88 46.53 9.51
N LYS C 31 11.81 45.75 9.77
CA LYS C 31 10.59 46.29 10.35
C LYS C 31 10.83 47.04 11.66
N LYS C 32 11.80 46.58 12.45
CA LYS C 32 12.11 47.26 13.71
C LYS C 32 12.88 48.56 13.50
N ARG C 33 13.41 48.78 12.31
CA ARG C 33 14.01 50.05 11.91
C ARG C 33 13.10 50.79 10.92
N ASN C 34 11.79 50.50 11.00
CA ASN C 34 10.75 51.09 10.15
C ASN C 34 11.06 50.95 8.66
N ILE C 35 11.44 49.74 8.28
CA ILE C 35 11.76 49.43 6.89
C ILE C 35 10.93 48.24 6.48
N LYS C 36 10.06 48.42 5.48
CA LYS C 36 9.33 47.32 4.89
C LYS C 36 10.22 46.62 3.89
N VAL C 37 10.46 45.32 4.10
CA VAL C 37 11.14 44.48 3.11
C VAL C 37 10.08 43.78 2.27
N ASN C 38 10.38 43.77 0.96
CA ASN C 38 9.61 43.15 -0.15
C ASN C 38 10.57 42.19 -0.85
N VAL C 39 10.17 40.94 -1.09
CA VAL C 39 11.08 39.96 -1.66
C VAL C 39 10.66 39.65 -3.08
N VAL C 40 11.63 39.60 -3.99
CA VAL C 40 11.39 39.21 -5.38
C VAL C 40 12.06 37.87 -5.61
N GLU C 41 11.26 36.81 -5.66
CA GLU C 41 11.80 35.51 -6.06
C GLU C 41 12.10 35.51 -7.55
N ILE C 42 13.32 35.11 -7.89
CA ILE C 42 13.77 35.09 -9.28
C ILE C 42 14.22 33.68 -9.59
N ASN C 43 13.54 33.02 -10.53
CA ASN C 43 13.92 31.71 -10.99
C ASN C 43 14.23 31.66 -12.48
N GLU C 44 13.76 32.63 -13.26
CA GLU C 44 14.12 32.79 -14.66
C GLU C 44 14.75 34.16 -14.81
N THR C 45 15.94 34.22 -15.41
CA THR C 45 16.83 35.36 -15.22
C THR C 45 16.99 36.28 -16.42
N GLU C 46 16.66 35.83 -17.63
CA GLU C 46 16.92 36.64 -18.82
C GLU C 46 16.28 38.02 -18.70
N GLY C 47 17.07 39.05 -18.95
CA GLY C 47 16.59 40.41 -18.89
C GLY C 47 16.47 41.01 -17.51
N ILE C 48 16.95 40.31 -16.49
CA ILE C 48 16.90 40.84 -15.12
C ILE C 48 18.02 41.84 -14.94
N THR C 49 17.69 42.94 -14.27
CA THR C 49 18.62 44.03 -13.91
C THR C 49 18.59 44.20 -12.39
N PHE C 50 19.69 44.65 -11.80
CA PHE C 50 19.76 44.88 -10.36
C PHE C 50 19.37 46.29 -9.96
N ASP C 51 18.79 47.06 -10.87
CA ASP C 51 18.44 48.44 -10.56
C ASP C 51 17.50 48.52 -9.37
N GLU C 52 16.55 47.58 -9.26
CA GLU C 52 15.59 47.55 -8.18
C GLU C 52 16.07 46.74 -6.98
N CYS C 53 17.28 46.18 -7.05
CA CYS C 53 17.77 45.25 -6.05
C CYS C 53 18.56 45.99 -4.98
N ASP C 54 18.13 45.89 -3.72
CA ASP C 54 18.90 46.39 -2.60
C ASP C 54 19.81 45.32 -1.98
N ILE C 55 19.36 44.06 -1.97
CA ILE C 55 20.07 42.94 -1.37
C ILE C 55 19.70 41.69 -2.16
N PHE C 56 20.68 40.91 -2.58
CA PHE C 56 20.36 39.66 -3.26
C PHE C 56 20.73 38.46 -2.39
N PHE C 57 20.08 37.33 -2.66
CA PHE C 57 20.29 36.12 -1.87
C PHE C 57 20.35 34.93 -2.79
N ILE C 58 21.34 34.06 -2.58
CA ILE C 58 21.41 32.80 -3.33
C ILE C 58 21.60 31.67 -2.33
N GLY C 59 20.66 30.73 -2.32
CA GLY C 59 20.70 29.60 -1.42
C GLY C 59 21.54 28.47 -1.99
N GLY C 60 21.44 27.32 -1.34
CA GLY C 60 22.22 26.15 -1.73
C GLY C 60 21.33 24.98 -2.12
N GLY C 61 21.82 24.19 -3.08
CA GLY C 61 21.08 23.01 -3.50
C GLY C 61 21.97 21.79 -3.63
N SER C 62 21.42 20.69 -4.12
CA SER C 62 22.26 19.54 -4.37
C SER C 62 23.22 19.83 -5.51
N ASP C 63 24.19 18.92 -5.69
CA ASP C 63 25.19 19.11 -6.75
C ASP C 63 24.51 19.28 -8.09
N ARG C 64 23.49 18.46 -8.37
CA ARG C 64 22.77 18.53 -9.63
C ARG C 64 22.05 19.87 -9.77
N GLU C 65 21.34 20.29 -8.73
CA GLU C 65 20.62 21.55 -8.82
C GLU C 65 21.54 22.75 -8.88
N GLN C 66 22.72 22.69 -8.28
CA GLN C 66 23.64 23.83 -8.35
C GLN C 66 24.17 24.02 -9.77
N ALA C 67 24.50 22.92 -10.46
CA ALA C 67 24.93 23.02 -11.85
C ALA C 67 23.87 23.71 -12.69
N LEU C 68 22.63 23.21 -12.63
CA LEU C 68 21.53 23.79 -13.39
C LEU C 68 21.25 25.22 -12.97
N ALA C 69 21.34 25.50 -11.66
CA ALA C 69 21.18 26.87 -11.18
C ALA C 69 22.29 27.77 -11.71
N THR C 70 23.53 27.28 -11.66
CA THR C 70 24.65 28.09 -12.14
C THR C 70 24.50 28.41 -13.63
N LYS C 71 23.93 27.46 -14.40
CA LYS C 71 23.75 27.70 -15.83
C LYS C 71 22.78 28.85 -16.07
N GLU C 72 21.65 28.85 -15.37
CA GLU C 72 20.68 29.94 -15.51
C GLU C 72 21.24 31.24 -14.96
N LEU C 73 21.97 31.16 -13.83
CA LEU C 73 22.56 32.36 -13.26
C LEU C 73 23.63 32.94 -14.17
N SER C 74 24.25 32.09 -15.01
CA SER C 74 25.23 32.60 -15.95
C SER C 74 24.63 33.59 -16.95
N LYS C 75 23.32 33.53 -17.19
CA LYS C 75 22.67 34.52 -18.07
C LYS C 75 22.89 35.95 -17.58
N ILE C 76 23.11 36.16 -16.28
CA ILE C 76 23.26 37.49 -15.74
C ILE C 76 24.58 37.60 -14.99
N LYS C 77 25.58 36.85 -15.47
CA LYS C 77 26.89 36.83 -14.83
C LYS C 77 27.48 38.23 -14.72
N THR C 78 27.51 38.95 -15.85
CA THR C 78 28.15 40.27 -15.82
C THR C 78 27.37 41.27 -14.98
N PRO C 79 26.05 41.46 -15.15
CA PRO C 79 25.35 42.39 -14.25
C PRO C 79 25.49 42.01 -12.80
N LEU C 80 25.51 40.71 -12.50
CA LEU C 80 25.74 40.27 -11.13
C LEU C 80 27.15 40.61 -10.66
N LYS C 81 28.14 40.26 -11.47
CA LYS C 81 29.52 40.59 -11.13
C LYS C 81 29.68 42.06 -10.80
N GLU C 82 29.23 42.91 -11.72
CA GLU C 82 29.45 44.35 -11.58
C GLU C 82 28.70 44.91 -10.37
N ALA C 83 27.49 44.42 -10.11
CA ALA C 83 26.78 44.82 -8.89
C ALA C 83 27.60 44.51 -7.66
N ILE C 84 28.15 43.30 -7.59
CA ILE C 84 29.00 42.94 -6.46
C ILE C 84 30.23 43.85 -6.36
N GLU C 85 30.80 44.24 -7.51
CA GLU C 85 31.95 45.14 -7.48
C GLU C 85 31.54 46.56 -7.14
N ASP C 86 30.30 46.94 -7.46
CA ASP C 86 29.75 48.22 -7.07
C ASP C 86 29.39 48.26 -5.58
N GLY C 87 29.39 47.12 -4.89
CA GLY C 87 29.11 47.07 -3.48
C GLY C 87 27.73 46.57 -3.11
N MET C 88 27.02 45.96 -4.05
CA MET C 88 25.72 45.39 -3.78
C MET C 88 25.83 44.39 -2.65
N PRO C 89 25.08 44.54 -1.57
CA PRO C 89 25.11 43.51 -0.52
C PRO C 89 24.44 42.23 -0.99
N GLY C 90 25.01 41.09 -0.60
CA GLY C 90 24.44 39.80 -0.88
C GLY C 90 24.84 38.77 0.17
N LEU C 91 24.04 37.71 0.26
CA LEU C 91 24.29 36.60 1.17
C LEU C 91 24.08 35.29 0.43
N THR C 92 25.09 34.41 0.47
CA THR C 92 25.04 33.14 -0.27
C THR C 92 25.38 31.97 0.64
N ILE C 93 24.63 30.87 0.49
CA ILE C 93 24.60 29.76 1.44
C ILE C 93 25.07 28.47 0.77
N CYS C 94 26.08 27.84 1.37
CA CYS C 94 26.65 26.59 0.90
C CYS C 94 26.88 26.58 -0.61
N GLY C 95 26.13 25.76 -1.35
CA GLY C 95 26.33 25.69 -2.79
C GLY C 95 26.20 27.02 -3.49
N GLY C 96 25.32 27.89 -3.00
CA GLY C 96 25.25 29.23 -3.56
C GLY C 96 26.53 30.01 -3.36
N TYR C 97 27.19 29.79 -2.21
CA TYR C 97 28.52 30.34 -1.95
C TYR C 97 29.57 29.68 -2.83
N GLN C 98 29.68 28.34 -2.77
CA GLN C 98 30.74 27.64 -3.48
C GLN C 98 30.75 27.94 -4.97
N PHE C 99 29.56 28.12 -5.56
CA PHE C 99 29.48 28.22 -7.02
C PHE C 99 29.64 29.66 -7.51
N LEU C 100 29.95 30.59 -6.60
CA LEU C 100 30.53 31.87 -7.03
C LEU C 100 31.92 31.69 -7.59
N GLY C 101 32.61 30.62 -7.16
CA GLY C 101 33.98 30.36 -7.54
C GLY C 101 34.11 29.85 -8.95
N LYS C 102 35.32 29.37 -9.25
CA LYS C 102 35.63 28.91 -10.60
C LYS C 102 35.13 27.49 -10.83
N LYS C 103 35.41 26.56 -9.91
CA LYS C 103 35.02 25.17 -10.06
C LYS C 103 34.77 24.55 -8.70
N TYR C 104 33.88 23.55 -8.69
CA TYR C 104 33.61 22.69 -7.55
C TYR C 104 33.90 21.26 -7.98
N ILE C 105 34.68 20.53 -7.19
CA ILE C 105 35.07 19.17 -7.52
C ILE C 105 34.38 18.20 -6.56
N THR C 106 33.68 17.22 -7.11
CA THR C 106 33.02 16.19 -6.27
C THR C 106 34.07 15.15 -5.85
N PRO C 107 33.80 14.27 -4.85
CA PRO C 107 34.78 13.27 -4.43
C PRO C 107 35.37 12.38 -5.54
N ASP C 108 34.60 12.11 -6.59
CA ASP C 108 35.05 11.27 -7.74
C ASP C 108 36.16 12.00 -8.49
N GLY C 109 36.07 13.32 -8.56
CA GLY C 109 37.02 14.17 -9.30
C GLY C 109 36.31 14.96 -10.37
N THR C 110 34.98 14.82 -10.43
CA THR C 110 34.15 15.53 -11.44
C THR C 110 34.22 17.04 -11.18
N GLU C 111 34.74 17.80 -12.14
CA GLU C 111 34.82 19.24 -12.03
C GLU C 111 33.51 19.83 -12.53
N LEU C 112 32.71 20.35 -11.61
CA LEU C 112 31.55 21.15 -12.00
C LEU C 112 31.99 22.59 -12.13
N GLU C 113 31.45 23.28 -13.13
CA GLU C 113 31.89 24.63 -13.44
C GLU C 113 31.10 25.61 -12.58
N GLY C 114 31.82 26.48 -11.90
CA GLY C 114 31.18 27.54 -11.16
C GLY C 114 30.95 28.79 -11.99
N LEU C 115 30.25 29.73 -11.38
CA LEU C 115 29.90 30.98 -12.06
C LEU C 115 31.15 31.78 -12.39
N GLY C 116 32.22 31.57 -11.63
CA GLY C 116 33.49 32.21 -11.92
C GLY C 116 33.48 33.70 -11.69
N ILE C 117 32.64 34.16 -10.76
CA ILE C 117 32.54 35.59 -10.37
C ILE C 117 33.84 35.96 -9.64
N LEU C 118 34.31 35.04 -8.79
CA LEU C 118 35.53 35.20 -8.03
C LEU C 118 36.43 34.01 -8.30
N ASP C 119 37.73 34.21 -8.11
CA ASP C 119 38.70 33.17 -8.47
C ASP C 119 39.06 32.37 -7.22
N PHE C 120 38.22 31.40 -6.90
CA PHE C 120 38.53 30.38 -5.92
C PHE C 120 37.92 29.06 -6.40
N TYR C 121 38.19 27.98 -5.67
CA TYR C 121 37.62 26.68 -6.01
C TYR C 121 37.31 25.91 -4.73
N THR C 122 36.48 24.87 -4.88
CA THR C 122 36.09 23.97 -3.81
C THR C 122 36.37 22.54 -4.23
N GLU C 123 36.77 21.73 -3.25
CA GLU C 123 37.14 20.35 -3.48
C GLU C 123 36.50 19.54 -2.37
N SER C 124 35.66 18.58 -2.74
CA SER C 124 34.87 17.80 -1.78
C SER C 124 35.60 16.52 -1.39
N LYS C 125 35.58 16.21 -0.10
CA LYS C 125 36.00 14.91 0.42
C LYS C 125 34.79 14.16 0.97
N THR C 126 35.00 12.89 1.30
CA THR C 126 33.90 12.05 1.75
C THR C 126 33.64 12.23 3.25
N ASN C 127 34.70 12.36 4.05
CA ASN C 127 34.56 12.66 5.46
C ASN C 127 34.20 14.14 5.61
N ARG C 128 33.10 14.42 6.27
CA ARG C 128 32.53 15.76 6.26
C ARG C 128 33.08 16.59 7.44
N LEU C 129 33.01 17.91 7.26
CA LEU C 129 33.29 18.85 8.34
C LEU C 129 31.95 19.16 8.99
N THR C 130 31.73 18.61 10.18
CA THR C 130 30.38 18.57 10.76
C THR C 130 30.44 18.87 12.24
N GLY C 131 29.60 19.80 12.67
CA GLY C 131 29.45 20.05 14.08
C GLY C 131 29.15 21.51 14.33
N ASP C 132 29.17 21.86 15.61
CA ASP C 132 28.97 23.23 16.02
C ASP C 132 30.14 24.08 15.56
N ILE C 133 29.86 25.34 15.29
CA ILE C 133 30.88 26.27 14.85
C ILE C 133 30.66 27.60 15.56
N VAL C 134 31.74 28.14 16.16
CA VAL C 134 31.79 29.48 16.75
C VAL C 134 32.89 30.26 16.05
N ILE C 135 32.57 31.46 15.61
CA ILE C 135 33.46 32.30 14.83
C ILE C 135 33.52 33.67 15.49
N GLU C 136 34.72 34.23 15.56
CA GLU C 136 34.93 35.58 16.09
C GLU C 136 35.33 36.50 14.93
N SER C 137 34.43 37.40 14.57
CA SER C 137 34.58 38.36 13.49
C SER C 137 34.80 39.76 14.06
N ASP C 138 35.51 40.61 13.31
CA ASP C 138 35.67 42.00 13.74
C ASP C 138 34.57 42.89 13.20
N THR C 139 33.77 42.38 12.28
CA THR C 139 32.61 43.05 11.71
C THR C 139 31.29 42.52 12.24
N PHE C 140 31.19 41.21 12.45
CA PHE C 140 29.93 40.58 12.79
C PHE C 140 29.91 40.06 14.23
N GLY C 141 30.91 40.39 15.03
CA GLY C 141 30.90 39.90 16.40
C GLY C 141 31.11 38.40 16.43
N THR C 142 30.40 37.73 17.36
CA THR C 142 30.46 36.28 17.50
C THR C 142 29.42 35.65 16.58
N ILE C 143 29.86 34.80 15.66
CA ILE C 143 28.96 34.06 14.74
C ILE C 143 28.86 32.61 15.18
N VAL C 144 27.66 32.08 15.18
CA VAL C 144 27.38 30.81 15.81
C VAL C 144 26.46 30.02 14.88
N GLY C 145 26.68 28.72 14.77
CA GLY C 145 25.78 27.91 13.97
C GLY C 145 26.22 26.46 13.89
N PHE C 146 25.72 25.79 12.85
CA PHE C 146 26.00 24.38 12.58
C PHE C 146 26.61 24.29 11.19
N GLU C 147 27.61 23.43 11.05
CA GLU C 147 28.21 23.18 9.75
C GLU C 147 28.15 21.69 9.46
N ASN C 148 28.04 21.34 8.17
CA ASN C 148 28.00 19.96 7.71
C ASN C 148 28.19 19.88 6.19
N HIS C 149 29.44 19.96 5.75
CA HIS C 149 29.77 20.01 4.33
C HIS C 149 30.99 19.13 4.07
N GLY C 150 30.98 18.46 2.92
CA GLY C 150 32.15 17.72 2.48
C GLY C 150 33.08 18.59 1.69
N GLY C 151 32.58 19.69 1.13
CA GLY C 151 33.43 20.59 0.37
C GLY C 151 34.47 21.27 1.26
N ARG C 152 35.66 21.44 0.70
CA ARG C 152 36.71 22.31 1.23
C ARG C 152 36.93 23.42 0.21
N THR C 153 36.50 24.64 0.55
CA THR C 153 36.71 25.81 -0.27
C THR C 153 38.03 26.51 0.05
N TYR C 154 38.80 26.82 -0.99
CA TYR C 154 40.14 27.40 -0.87
C TYR C 154 40.15 28.71 -1.64
N HIS C 155 40.15 29.82 -0.91
CA HIS C 155 40.08 31.15 -1.52
C HIS C 155 40.99 32.10 -0.74
N ASP C 156 41.41 33.18 -1.41
CA ASP C 156 42.38 34.11 -0.82
C ASP C 156 41.77 35.47 -0.56
N PHE C 157 40.48 35.52 -0.27
CA PHE C 157 39.83 36.76 0.08
C PHE C 157 39.61 36.82 1.58
N GLY C 158 39.19 38.00 2.05
CA GLY C 158 38.67 38.09 3.40
C GLY C 158 37.55 37.11 3.64
N THR C 159 37.39 36.73 4.91
CA THR C 159 36.41 35.77 5.38
C THR C 159 35.52 36.44 6.42
N LEU C 160 34.56 35.66 6.92
CA LEU C 160 33.68 36.04 8.01
C LEU C 160 34.36 36.02 9.37
N GLY C 161 35.55 35.44 9.49
CA GLY C 161 36.27 35.57 10.75
C GLY C 161 36.96 34.29 11.17
N HIS C 162 37.66 34.34 12.31
CA HIS C 162 38.44 33.21 12.81
C HIS C 162 37.57 32.20 13.56
N VAL C 163 37.78 30.91 13.30
CA VAL C 163 36.95 29.84 13.86
C VAL C 163 37.55 29.40 15.20
N THR C 164 36.92 29.77 16.31
CA THR C 164 37.40 29.30 17.60
C THR C 164 36.82 27.93 17.97
N PHE C 165 35.77 27.48 17.30
CA PHE C 165 35.36 26.09 17.43
C PHE C 165 34.70 25.64 16.12
N GLY C 166 35.14 24.49 15.62
CA GLY C 166 34.74 23.99 14.32
C GLY C 166 35.86 24.11 13.29
N TYR C 167 35.45 24.10 12.01
CA TYR C 167 36.39 24.02 10.90
C TYR C 167 36.33 25.24 9.99
N GLY C 168 35.15 25.58 9.47
CA GLY C 168 35.00 26.63 8.48
C GLY C 168 35.21 26.13 7.07
N ASN C 169 35.82 26.97 6.24
CA ASN C 169 35.98 26.67 4.81
C ASN C 169 36.62 25.33 4.55
N ASN C 170 37.58 24.92 5.38
CA ASN C 170 38.33 23.72 5.01
C ASN C 170 38.93 23.12 6.28
N ASP C 171 39.89 22.21 6.10
CA ASP C 171 40.43 21.47 7.23
C ASP C 171 41.34 22.29 8.10
N GLU C 172 42.09 23.25 7.52
CA GLU C 172 43.26 23.83 8.20
C GLU C 172 43.17 25.32 8.53
N ASP C 173 42.50 26.15 7.70
CA ASP C 173 42.58 27.60 7.83
C ASP C 173 41.96 28.11 9.14
N LYS C 174 40.96 27.42 9.67
CA LYS C 174 40.20 27.94 10.83
C LYS C 174 39.58 29.30 10.54
N LYS C 175 39.09 29.48 9.32
CA LYS C 175 38.41 30.70 8.90
C LYS C 175 37.15 30.30 8.14
N GLU C 176 36.06 31.07 8.28
CA GLU C 176 34.79 30.62 7.73
C GLU C 176 34.30 31.56 6.63
N GLY C 177 33.88 30.96 5.52
CA GLY C 177 33.16 31.69 4.53
C GLY C 177 34.01 32.71 3.79
N ILE C 178 33.33 33.73 3.29
CA ILE C 178 33.91 34.76 2.45
C ILE C 178 33.22 36.08 2.77
N HIS C 179 34.01 37.14 2.75
CA HIS C 179 33.53 38.51 2.91
C HIS C 179 34.28 39.31 1.87
N TYR C 180 33.59 39.71 0.81
CA TYR C 180 34.20 40.41 -0.32
C TYR C 180 33.31 41.60 -0.63
N LYS C 181 33.81 42.80 -0.32
CA LYS C 181 33.02 44.01 -0.33
C LYS C 181 31.78 43.79 0.53
N ASN C 182 30.59 43.86 -0.06
CA ASN C 182 29.39 43.57 0.71
C ASN C 182 28.76 42.22 0.32
N LEU C 183 29.54 41.35 -0.34
CA LEU C 183 29.11 39.98 -0.58
C LEU C 183 29.56 39.09 0.57
N LEU C 184 28.64 38.28 1.06
CA LEU C 184 28.90 37.31 2.12
C LEU C 184 28.58 35.91 1.59
N GLY C 185 29.38 34.94 2.01
CA GLY C 185 29.09 33.54 1.74
C GLY C 185 29.52 32.71 2.93
N THR C 186 28.83 31.58 3.14
CA THR C 186 29.03 30.81 4.37
C THR C 186 28.51 29.39 4.19
N TYR C 187 29.05 28.50 5.04
CA TYR C 187 28.53 27.14 5.15
C TYR C 187 27.56 26.98 6.31
N LEU C 188 27.31 28.03 7.09
CA LEU C 188 26.54 27.87 8.32
C LEU C 188 25.09 27.52 8.02
N HIS C 189 24.57 26.55 8.76
CA HIS C 189 23.15 26.28 8.88
C HIS C 189 22.63 26.96 10.13
N GLY C 190 21.30 26.93 10.26
CA GLY C 190 20.58 27.44 11.41
C GLY C 190 19.13 27.84 11.13
N PRO C 191 18.80 28.50 9.99
CA PRO C 191 19.77 29.06 9.04
C PRO C 191 20.75 30.04 9.71
N ILE C 192 21.49 30.85 8.93
CA ILE C 192 22.53 31.63 9.61
C ILE C 192 21.97 32.89 10.27
N LEU C 193 20.98 33.53 9.69
CA LEU C 193 20.69 34.90 10.12
C LEU C 193 19.88 35.06 11.41
N PRO C 194 18.90 34.18 11.71
CA PRO C 194 18.14 34.36 12.96
C PRO C 194 19.01 34.65 14.20
N LYS C 195 20.08 33.90 14.43
CA LYS C 195 20.89 34.12 15.62
C LYS C 195 21.87 35.28 15.42
N ASN C 196 22.40 35.39 14.20
CA ASN C 196 23.61 36.18 13.97
C ASN C 196 23.21 37.57 13.46
N TYR C 197 22.56 38.32 14.37
CA TYR C 197 21.87 39.55 14.00
C TYR C 197 22.80 40.61 13.42
N GLU C 198 24.10 40.57 13.75
CA GLU C 198 25.04 41.54 13.18
C GLU C 198 25.21 41.33 11.69
N ILE C 199 25.07 40.09 11.22
CA ILE C 199 25.07 39.84 9.78
C ILE C 199 23.81 40.42 9.13
N THR C 200 22.65 40.08 9.68
CA THR C 200 21.39 40.69 9.22
C THR C 200 21.48 42.22 9.21
N ASP C 201 21.91 42.80 10.32
CA ASP C 201 21.96 44.25 10.43
C ASP C 201 22.97 44.86 9.46
N TYR C 202 24.05 44.13 9.17
CA TYR C 202 25.05 44.63 8.23
C TYR C 202 24.48 44.70 6.82
N LEU C 203 23.80 43.62 6.40
CA LEU C 203 23.18 43.59 5.08
C LEU C 203 22.15 44.71 4.93
N LEU C 204 21.26 44.86 5.91
CA LEU C 204 20.24 45.89 5.82
C LEU C 204 20.84 47.29 5.84
N GLU C 205 21.72 47.55 6.82
CA GLU C 205 22.30 48.91 6.97
C GLU C 205 23.10 49.31 5.72
N LYS C 206 23.91 48.40 5.19
CA LYS C 206 24.69 48.75 4.01
C LYS C 206 23.77 49.07 2.85
N ALA C 207 22.61 48.40 2.79
CA ALA C 207 21.64 48.72 1.76
C ALA C 207 20.99 50.08 2.02
N CYS C 208 20.65 50.37 3.28
CA CYS C 208 20.06 51.67 3.60
C CYS C 208 21.01 52.82 3.27
N GLU C 209 22.31 52.64 3.53
CA GLU C 209 23.28 53.68 3.20
C GLU C 209 23.37 53.88 1.69
N ARG C 210 23.38 52.78 0.94
CA ARG C 210 23.35 52.87 -0.53
C ARG C 210 22.11 53.61 -1.00
N LYS C 211 20.96 53.35 -0.39
CA LYS C 211 19.72 53.94 -0.90
C LYS C 211 19.52 55.38 -0.44
N GLY C 212 20.13 55.78 0.68
CA GLY C 212 19.90 57.09 1.25
C GLY C 212 18.84 57.13 2.33
N ILE C 213 18.27 55.99 2.73
CA ILE C 213 17.26 55.96 3.78
C ILE C 213 17.94 55.63 5.10
N PRO C 214 17.40 56.07 6.22
CA PRO C 214 18.03 55.79 7.51
C PRO C 214 17.80 54.36 8.00
N PHE C 215 18.80 53.86 8.74
CA PHE C 215 18.74 52.62 9.49
C PHE C 215 18.78 53.00 10.97
N GLU C 216 17.62 53.23 11.57
CA GLU C 216 17.64 53.58 13.00
C GLU C 216 16.29 53.23 13.58
N PRO C 217 16.19 52.83 14.85
CA PRO C 217 17.30 52.85 15.83
C PRO C 217 18.25 51.66 15.68
N LYS C 218 19.55 51.93 15.64
CA LYS C 218 20.52 50.86 15.46
C LYS C 218 20.42 49.84 16.59
N GLU C 219 20.23 50.29 17.83
CA GLU C 219 20.23 49.43 19.00
C GLU C 219 18.80 49.01 19.32
N ILE C 220 18.51 47.70 19.20
CA ILE C 220 17.22 47.15 19.55
C ILE C 220 17.44 45.88 20.38
N ASP C 221 16.34 45.21 20.75
CA ASP C 221 16.42 44.07 21.66
C ASP C 221 16.98 42.84 20.93
N ASN C 222 18.11 42.34 21.44
CA ASN C 222 18.73 41.12 20.89
C ASN C 222 18.83 40.02 21.92
N GLU C 223 18.11 40.10 23.04
CA GLU C 223 18.32 39.13 24.11
C GLU C 223 18.08 37.70 23.64
N ALA C 224 16.98 37.45 22.92
CA ALA C 224 16.69 36.11 22.42
C ALA C 224 17.78 35.62 21.47
N GLU C 225 18.24 36.49 20.55
CA GLU C 225 19.34 36.09 19.68
C GLU C 225 20.57 35.69 20.51
N ILE C 226 20.93 36.54 21.48
CA ILE C 226 22.10 36.30 22.32
C ILE C 226 21.92 35.03 23.14
N GLN C 227 20.71 34.83 23.69
CA GLN C 227 20.39 33.62 24.44
C GLN C 227 20.57 32.38 23.56
N ALA C 228 20.11 32.46 22.31
CA ALA C 228 20.25 31.29 21.44
C ALA C 228 21.70 31.07 21.08
N LYS C 229 22.48 32.15 20.86
CA LYS C 229 23.90 31.96 20.58
C LYS C 229 24.60 31.31 21.78
N GLN C 230 24.25 31.76 22.99
CA GLN C 230 24.96 31.34 24.19
C GLN C 230 24.92 29.84 24.39
N VAL C 231 23.79 29.23 24.00
CA VAL C 231 23.63 27.78 24.10
C VAL C 231 24.79 27.04 23.45
N LEU C 232 25.14 27.44 22.23
CA LEU C 232 26.20 26.78 21.48
C LEU C 232 27.59 27.23 21.94
N ILE C 233 27.75 28.51 22.31
CA ILE C 233 29.01 28.94 22.89
C ILE C 233 29.36 28.10 24.11
N ASP C 234 28.38 27.92 25.00
CA ASP C 234 28.61 27.09 26.18
C ASP C 234 28.88 25.64 25.82
N ARG C 235 28.16 25.10 24.82
CA ARG C 235 28.40 23.71 24.44
C ARG C 235 29.77 23.53 23.81
N ALA C 236 30.19 24.49 22.99
CA ALA C 236 31.55 24.45 22.44
C ALA C 236 32.58 24.39 23.56
N ASN C 237 32.48 25.30 24.53
CA ASN C 237 33.46 25.30 25.61
C ASN C 237 33.43 23.98 26.38
N ARG C 238 32.23 23.44 26.63
CA ARG C 238 32.12 22.12 27.24
C ARG C 238 32.83 21.06 26.42
N GLN C 239 32.70 21.15 25.09
CA GLN C 239 33.34 20.13 24.20
C GLN C 239 34.87 20.28 24.25
N LYS C 240 35.38 21.51 24.31
CA LYS C 240 36.83 21.70 24.38
C LYS C 240 37.40 21.19 25.69
N LYS C 241 36.66 21.33 26.78
CA LYS C 241 37.16 20.88 28.08
C LYS C 241 37.35 19.38 28.08
N SER C 242 36.35 18.64 27.60
CA SER C 242 36.43 17.18 27.56
C SER C 242 37.70 16.70 26.85
N ARG C 243 37.90 17.16 25.62
CA ARG C 243 39.14 16.85 24.91
C ARG C 243 40.36 17.32 25.71
N LEU C 244 40.49 18.64 25.91
CA LEU C 244 41.63 19.21 26.63
C LEU C 244 41.49 19.06 28.14
N ASP D 36 -0.64 -27.54 24.39
CA ASP D 36 -1.62 -27.09 25.37
C ASP D 36 -2.81 -26.44 24.68
N THR D 37 -3.00 -26.77 23.40
CA THR D 37 -4.20 -26.34 22.69
C THR D 37 -5.44 -27.10 23.15
N ASP D 38 -5.26 -28.25 23.81
CA ASP D 38 -6.37 -28.89 24.49
C ASP D 38 -6.78 -28.12 25.75
N VAL D 39 -5.84 -27.36 26.32
CA VAL D 39 -6.16 -26.48 27.45
C VAL D 39 -6.90 -25.25 26.97
N LEU D 40 -6.47 -24.67 25.83
CA LEU D 40 -7.19 -23.56 25.24
C LEU D 40 -8.64 -23.93 24.90
N ARG D 41 -8.85 -25.11 24.31
CA ARG D 41 -10.22 -25.54 24.04
C ARG D 41 -11.04 -25.64 25.32
N LYS D 42 -10.42 -26.14 26.40
CA LYS D 42 -11.13 -26.26 27.67
C LYS D 42 -11.46 -24.89 28.25
N LEU D 43 -10.47 -23.99 28.29
CA LEU D 43 -10.75 -22.64 28.80
C LEU D 43 -11.77 -21.93 27.92
N ALA D 44 -11.65 -22.04 26.60
CA ALA D 44 -12.54 -21.29 25.73
C ALA D 44 -13.99 -21.77 25.87
N GLU D 45 -14.20 -23.05 26.16
CA GLU D 45 -15.56 -23.54 26.32
C GLU D 45 -16.29 -22.84 27.46
N GLN D 46 -15.57 -22.43 28.51
CA GLN D 46 -16.24 -21.85 29.66
C GLN D 46 -16.61 -20.39 29.48
N VAL D 47 -16.27 -19.79 28.34
CA VAL D 47 -16.53 -18.37 28.09
C VAL D 47 -17.75 -18.26 27.19
N ASP D 48 -18.77 -17.56 27.66
CA ASP D 48 -20.06 -17.51 26.95
C ASP D 48 -19.92 -16.83 25.59
N ASP D 49 -19.23 -15.70 25.56
CA ASP D 49 -19.13 -14.89 24.34
C ASP D 49 -17.67 -14.76 23.98
N ILE D 50 -17.33 -15.17 22.76
CA ILE D 50 -15.97 -15.09 22.28
C ILE D 50 -16.01 -14.27 21.00
N VAL D 51 -15.53 -13.02 21.09
CA VAL D 51 -15.45 -12.09 19.97
C VAL D 51 -14.04 -12.16 19.39
N PHE D 52 -13.94 -12.47 18.09
CA PHE D 52 -12.70 -12.32 17.33
C PHE D 52 -12.77 -11.08 16.46
N ILE D 53 -11.65 -10.35 16.37
CA ILE D 53 -11.51 -9.15 15.55
C ILE D 53 -10.43 -9.42 14.52
N SER D 54 -10.75 -9.23 13.25
CA SER D 54 -9.70 -9.43 12.27
C SER D 54 -9.93 -8.49 11.09
N GLY D 55 -9.13 -8.67 10.05
CA GLY D 55 -9.03 -7.77 8.92
C GLY D 55 -7.60 -7.28 8.78
N THR D 56 -7.37 -6.49 7.74
CA THR D 56 -5.96 -6.18 7.51
C THR D 56 -5.48 -5.00 8.38
N ASN D 57 -6.33 -4.00 8.54
CA ASN D 57 -5.96 -2.81 9.33
C ASN D 57 -6.98 -2.50 10.43
N GLY D 58 -6.51 -1.96 11.55
CA GLY D 58 -7.37 -1.47 12.60
C GLY D 58 -7.86 -2.49 13.60
N LYS D 59 -7.31 -3.70 13.60
CA LYS D 59 -7.78 -4.70 14.58
C LYS D 59 -7.49 -4.23 15.99
N THR D 60 -6.36 -3.54 16.19
CA THR D 60 -5.96 -3.17 17.55
C THR D 60 -6.83 -2.03 18.10
N THR D 61 -7.08 -1.00 17.32
CA THR D 61 -7.95 0.07 17.82
C THR D 61 -9.36 -0.45 18.11
N THR D 62 -9.93 -1.21 17.16
CA THR D 62 -11.25 -1.81 17.37
C THR D 62 -11.25 -2.68 18.61
N SER D 63 -10.26 -3.55 18.74
CA SER D 63 -10.20 -4.43 19.90
C SER D 63 -10.06 -3.63 21.21
N ASN D 64 -9.21 -2.60 21.21
CA ASN D 64 -9.02 -1.79 22.41
C ASN D 64 -10.29 -1.06 22.79
N LEU D 65 -11.02 -0.55 21.78
CA LEU D 65 -12.28 0.14 22.07
C LEU D 65 -13.29 -0.80 22.73
N ILE D 66 -13.34 -2.05 22.26
CA ILE D 66 -14.28 -3.02 22.81
C ILE D 66 -13.87 -3.38 24.23
N GLY D 67 -12.59 -3.72 24.41
CA GLY D 67 -12.12 -4.13 25.72
C GLY D 67 -12.17 -3.01 26.73
N HIS D 68 -11.83 -1.80 26.31
CA HIS D 68 -11.92 -0.63 27.20
C HIS D 68 -13.34 -0.43 27.70
N THR D 69 -14.32 -0.52 26.80
CA THR D 69 -15.70 -0.18 27.18
C THR D 69 -16.30 -1.26 28.09
N LEU D 70 -15.98 -2.53 27.85
CA LEU D 70 -16.44 -3.57 28.76
C LEU D 70 -15.78 -3.42 30.14
N LYS D 71 -14.46 -3.18 30.17
CA LYS D 71 -13.79 -2.95 31.46
C LYS D 71 -14.36 -1.73 32.16
N ALA D 72 -14.71 -0.70 31.40
CA ALA D 72 -15.34 0.48 32.01
C ALA D 72 -16.74 0.19 32.58
N ASN D 73 -17.37 -0.92 32.20
CA ASN D 73 -18.61 -1.33 32.86
C ASN D 73 -18.40 -2.44 33.86
N ASN D 74 -17.15 -2.64 34.32
CA ASN D 74 -16.82 -3.66 35.32
C ASN D 74 -17.31 -5.04 34.88
N ILE D 75 -17.10 -5.34 33.60
CA ILE D 75 -17.31 -6.64 32.99
C ILE D 75 -15.93 -7.30 32.87
N GLN D 76 -15.75 -8.45 33.52
CA GLN D 76 -14.46 -9.14 33.48
C GLN D 76 -14.33 -9.89 32.16
N ILE D 77 -13.23 -9.65 31.47
CA ILE D 77 -13.02 -10.22 30.16
C ILE D 77 -11.62 -10.82 30.10
N ILE D 78 -11.43 -11.68 29.11
CA ILE D 78 -10.12 -12.02 28.58
C ILE D 78 -9.89 -11.08 27.41
N HIS D 79 -8.71 -10.46 27.37
CA HIS D 79 -8.42 -9.51 26.29
C HIS D 79 -6.92 -9.50 25.98
N ASN D 80 -6.55 -9.77 24.74
CA ASN D 80 -5.11 -9.71 24.32
C ASN D 80 -4.81 -8.26 23.91
N ASN D 81 -4.76 -7.37 24.91
CA ASN D 81 -4.54 -5.89 24.79
C ASN D 81 -3.16 -5.57 24.22
N GLU D 82 -2.18 -6.45 24.43
CA GLU D 82 -0.79 -6.29 23.91
C GLU D 82 -0.73 -6.43 22.38
N GLY D 83 -1.71 -7.09 21.76
CA GLY D 83 -1.72 -7.27 20.30
C GLY D 83 -1.15 -8.62 19.88
N ALA D 84 -0.73 -9.47 20.83
CA ALA D 84 -0.26 -10.82 20.50
C ALA D 84 -1.46 -11.53 19.86
N ASN D 85 -1.62 -11.34 18.55
CA ASN D 85 -2.81 -11.78 17.85
C ASN D 85 -2.58 -13.07 17.07
N MET D 86 -1.55 -13.82 17.44
CA MET D 86 -1.25 -15.13 16.80
C MET D 86 -1.67 -16.25 17.76
N ALA D 87 -1.61 -17.50 17.31
CA ALA D 87 -2.17 -18.60 18.09
C ALA D 87 -1.52 -18.70 19.47
N ALA D 88 -0.19 -18.56 19.54
CA ALA D 88 0.48 -18.65 20.83
C ALA D 88 0.08 -17.52 21.75
N GLY D 89 -0.09 -16.32 21.18
CA GLY D 89 -0.45 -15.13 21.96
C GLY D 89 -1.86 -15.25 22.51
N ILE D 90 -2.77 -15.73 21.67
CA ILE D 90 -4.16 -15.94 22.04
C ILE D 90 -4.24 -16.97 23.17
N THR D 91 -3.56 -18.11 22.98
CA THR D 91 -3.55 -19.17 23.99
C THR D 91 -3.05 -18.63 25.33
N SER D 92 -1.94 -17.88 25.30
CA SER D 92 -1.41 -17.31 26.53
C SER D 92 -2.38 -16.32 27.17
N ALA D 93 -3.08 -15.55 26.32
CA ALA D 93 -4.06 -14.57 26.85
C ALA D 93 -5.15 -15.35 27.60
N PHE D 94 -5.72 -16.37 26.95
CA PHE D 94 -6.73 -17.17 27.64
C PHE D 94 -6.17 -17.79 28.91
N ILE D 95 -4.94 -18.30 28.83
CA ILE D 95 -4.37 -19.02 29.97
C ILE D 95 -4.11 -18.08 31.14
N MET D 96 -3.76 -16.82 30.88
CA MET D 96 -3.45 -15.90 31.96
C MET D 96 -4.67 -15.14 32.48
N GLN D 97 -5.78 -15.10 31.75
CA GLN D 97 -6.89 -14.24 32.15
C GLN D 97 -8.19 -14.97 32.45
N SER D 98 -8.31 -16.24 32.10
CA SER D 98 -9.55 -16.98 32.38
C SER D 98 -9.80 -17.12 33.87
N THR D 99 -10.93 -16.61 34.33
CA THR D 99 -11.41 -16.83 35.69
C THR D 99 -12.83 -17.40 35.59
N PRO D 100 -13.42 -17.91 36.67
CA PRO D 100 -14.85 -18.24 36.62
C PRO D 100 -15.72 -17.03 36.32
N LYS D 101 -15.18 -15.82 36.45
CA LYS D 101 -15.94 -14.61 36.21
C LYS D 101 -15.81 -14.07 34.80
N THR D 102 -14.76 -14.42 34.07
CA THR D 102 -14.59 -13.88 32.72
C THR D 102 -15.48 -14.69 31.79
N LYS D 103 -16.64 -14.13 31.45
CA LYS D 103 -17.53 -14.76 30.49
C LYS D 103 -17.51 -14.10 29.11
N ILE D 104 -16.61 -13.12 28.88
CA ILE D 104 -16.40 -12.58 27.54
C ILE D 104 -14.92 -12.58 27.20
N ALA D 105 -14.58 -13.02 25.98
CA ALA D 105 -13.22 -12.90 25.45
C ALA D 105 -13.24 -11.97 24.26
N VAL D 106 -12.29 -11.03 24.24
CA VAL D 106 -12.13 -10.06 23.16
C VAL D 106 -10.73 -10.31 22.59
N ILE D 107 -10.68 -10.86 21.37
CA ILE D 107 -9.49 -11.51 20.83
C ILE D 107 -9.18 -10.93 19.44
N GLU D 108 -8.13 -10.14 19.35
CA GLU D 108 -7.60 -9.74 18.06
C GLU D 108 -6.84 -10.93 17.46
N ILE D 109 -7.10 -11.24 16.18
CA ILE D 109 -6.48 -12.40 15.57
C ILE D 109 -5.93 -12.03 14.21
N ASP D 110 -4.66 -12.39 13.99
CA ASP D 110 -4.03 -12.23 12.69
C ASP D 110 -4.79 -13.02 11.64
N GLU D 111 -5.12 -12.35 10.54
CA GLU D 111 -5.98 -12.95 9.53
C GLU D 111 -5.41 -14.28 9.01
N GLY D 112 -4.10 -14.38 8.92
CA GLY D 112 -3.56 -15.68 8.52
C GLY D 112 -3.51 -16.73 9.60
N SER D 113 -3.86 -16.39 10.85
CA SER D 113 -3.91 -17.36 11.94
C SER D 113 -5.31 -17.92 12.15
N ILE D 114 -6.29 -17.43 11.40
CA ILE D 114 -7.67 -17.81 11.65
C ILE D 114 -7.89 -19.31 11.47
N PRO D 115 -7.46 -19.95 10.35
CA PRO D 115 -7.57 -21.41 10.26
C PRO D 115 -7.00 -22.17 11.44
N ARG D 116 -5.79 -21.84 11.87
CA ARG D 116 -5.14 -22.61 12.96
C ARG D 116 -5.89 -22.45 14.29
N VAL D 117 -6.39 -21.26 14.59
CA VAL D 117 -7.04 -21.03 15.88
C VAL D 117 -8.43 -21.68 15.91
N LEU D 118 -9.10 -21.75 14.76
CA LEU D 118 -10.47 -22.24 14.78
C LEU D 118 -10.55 -23.75 14.88
N LYS D 119 -9.42 -24.43 14.83
CA LYS D 119 -9.33 -25.83 15.18
C LYS D 119 -9.42 -26.07 16.68
N GLU D 120 -9.44 -25.01 17.48
CA GLU D 120 -9.44 -25.16 18.93
C GLU D 120 -10.58 -24.34 19.50
N VAL D 121 -10.94 -23.27 18.82
CA VAL D 121 -11.87 -22.27 19.32
C VAL D 121 -12.83 -21.90 18.22
N THR D 122 -14.13 -21.99 18.52
CA THR D 122 -15.15 -21.43 17.67
C THR D 122 -15.62 -20.13 18.28
N PRO D 123 -15.36 -18.96 17.67
CA PRO D 123 -15.91 -17.72 18.19
C PRO D 123 -17.41 -17.70 18.05
N SER D 124 -18.07 -17.01 19.00
CA SER D 124 -19.49 -16.75 18.87
C SER D 124 -19.78 -15.54 17.99
N MET D 125 -18.79 -14.68 17.76
CA MET D 125 -18.98 -13.46 17.00
C MET D 125 -17.63 -13.10 16.41
N MET D 126 -17.65 -12.67 15.15
CA MET D 126 -16.38 -12.28 14.50
C MET D 126 -16.62 -11.01 13.68
N VAL D 127 -15.85 -9.96 13.96
CA VAL D 127 -15.95 -8.72 13.21
C VAL D 127 -14.71 -8.58 12.33
N PHE D 128 -14.92 -8.10 11.12
CA PHE D 128 -13.86 -7.87 10.15
C PHE D 128 -13.88 -6.41 9.74
N THR D 129 -12.72 -5.76 9.85
CA THR D 129 -12.60 -4.33 9.60
C THR D 129 -12.52 -4.02 8.10
N ASN D 130 -11.61 -4.68 7.41
CA ASN D 130 -11.30 -4.35 6.03
C ASN D 130 -10.32 -5.39 5.53
N PHE D 131 -10.13 -5.45 4.20
CA PHE D 131 -9.07 -6.26 3.59
C PHE D 131 -8.41 -5.41 2.50
N PHE D 132 -7.23 -4.89 2.78
CA PHE D 132 -6.51 -4.03 1.81
C PHE D 132 -5.36 -4.80 1.14
N ARG D 133 -5.12 -4.52 -0.14
N ARG D 133 -5.14 -4.53 -0.15
CA ARG D 133 -4.03 -5.16 -0.90
CA ARG D 133 -4.03 -5.16 -0.90
C ARG D 133 -2.70 -4.70 -0.29
C ARG D 133 -2.72 -4.63 -0.30
N ASP D 134 -1.67 -5.55 -0.38
N ASP D 134 -1.67 -5.45 -0.32
CA ASP D 134 -0.34 -5.30 0.22
CA ASP D 134 -0.36 -5.11 0.30
C ASP D 134 0.55 -4.41 -0.68
C ASP D 134 0.53 -4.30 -0.65
N GLN D 135 0.04 -4.00 -1.85
N GLN D 135 0.02 -3.93 -1.84
CA GLN D 135 0.74 -3.13 -2.85
CA GLN D 135 0.74 -3.13 -2.88
C GLN D 135 1.85 -4.01 -3.45
C GLN D 135 1.83 -4.03 -3.45
N MET D 136 2.70 -4.55 -2.57
CA MET D 136 3.74 -5.49 -3.03
C MET D 136 3.14 -6.89 -3.13
N ASP D 137 1.89 -7.04 -2.72
CA ASP D 137 1.17 -8.35 -2.69
C ASP D 137 0.99 -8.93 -4.09
N ARG D 138 1.19 -10.24 -4.21
CA ARG D 138 0.97 -11.01 -5.46
C ARG D 138 -0.48 -10.81 -5.90
N PHE D 139 -0.71 -10.69 -7.20
CA PHE D 139 -2.07 -10.49 -7.76
C PHE D 139 -3.03 -11.54 -7.17
N GLY D 140 -4.14 -11.07 -6.59
CA GLY D 140 -5.16 -11.94 -6.02
C GLY D 140 -4.83 -12.57 -4.69
N GLU D 141 -3.79 -12.09 -4.01
CA GLU D 141 -3.46 -12.63 -2.67
C GLU D 141 -4.64 -12.39 -1.73
N ILE D 142 -5.28 -11.22 -1.86
CA ILE D 142 -6.44 -10.85 -0.99
C ILE D 142 -7.60 -11.79 -1.28
N ASP D 143 -7.95 -11.93 -2.55
CA ASP D 143 -9.03 -12.80 -2.96
C ASP D 143 -8.83 -14.21 -2.42
N ILE D 144 -7.62 -14.75 -2.51
CA ILE D 144 -7.39 -16.11 -2.05
C ILE D 144 -7.51 -16.18 -0.53
N MET D 145 -7.01 -15.16 0.18
CA MET D 145 -7.04 -15.19 1.63
C MET D 145 -8.46 -15.07 2.16
N VAL D 146 -9.25 -14.18 1.58
CA VAL D 146 -10.64 -14.06 1.98
C VAL D 146 -11.38 -15.36 1.74
N ASN D 147 -11.03 -16.08 0.66
CA ASN D 147 -11.66 -17.38 0.41
C ASN D 147 -11.22 -18.42 1.44
N ASN D 148 -9.95 -18.39 1.83
CA ASN D 148 -9.50 -19.36 2.83
C ASN D 148 -10.25 -19.14 4.13
N ILE D 149 -10.52 -17.88 4.46
CA ILE D 149 -11.17 -17.55 5.71
C ILE D 149 -12.62 -17.95 5.66
N ALA D 150 -13.31 -17.58 4.57
CA ALA D 150 -14.64 -18.08 4.30
C ALA D 150 -14.78 -19.59 4.53
N GLU D 151 -13.89 -20.40 3.96
CA GLU D 151 -14.02 -21.85 4.15
C GLU D 151 -13.86 -22.24 5.61
N THR D 152 -12.92 -21.58 6.31
CA THR D 152 -12.60 -21.96 7.68
C THR D 152 -13.75 -21.69 8.64
N ILE D 153 -14.43 -20.56 8.46
CA ILE D 153 -15.52 -20.18 9.43
C ILE D 153 -16.92 -20.52 8.89
N SER D 154 -17.02 -21.17 7.74
CA SER D 154 -18.35 -21.39 7.18
C SER D 154 -19.03 -22.55 7.87
N ASN D 155 -20.36 -22.51 7.86
CA ASN D 155 -21.19 -23.59 8.36
C ASN D 155 -21.02 -23.83 9.85
N LYS D 156 -20.61 -22.82 10.61
CA LYS D 156 -20.51 -22.97 12.05
C LYS D 156 -21.52 -22.10 12.79
N GLY D 157 -22.37 -21.36 12.08
CA GLY D 157 -23.25 -20.40 12.72
C GLY D 157 -22.57 -19.26 13.46
N ILE D 158 -21.37 -18.86 13.07
CA ILE D 158 -20.74 -17.72 13.75
C ILE D 158 -21.43 -16.44 13.29
N LYS D 159 -21.78 -15.58 14.25
CA LYS D 159 -22.29 -14.27 13.89
C LYS D 159 -21.15 -13.45 13.31
N LEU D 160 -21.32 -13.00 12.07
CA LEU D 160 -20.31 -12.24 11.38
C LEU D 160 -20.71 -10.77 11.33
N LEU D 161 -19.79 -9.89 11.74
CA LEU D 161 -20.00 -8.44 11.75
C LEU D 161 -19.15 -7.87 10.62
N LEU D 162 -19.80 -7.38 9.57
CA LEU D 162 -19.12 -7.15 8.31
C LEU D 162 -19.20 -5.69 7.91
N ASN D 163 -18.08 -5.16 7.43
CA ASN D 163 -18.03 -3.79 6.95
C ASN D 163 -18.70 -3.79 5.58
N ALA D 164 -19.96 -3.34 5.51
CA ALA D 164 -20.71 -3.34 4.25
C ALA D 164 -19.99 -2.53 3.16
N ASP D 165 -19.22 -1.52 3.56
CA ASP D 165 -18.52 -0.65 2.62
C ASP D 165 -17.28 -1.30 2.02
N ASP D 166 -16.81 -2.39 2.58
CA ASP D 166 -15.66 -3.05 2.00
C ASP D 166 -16.16 -4.25 1.20
N PRO D 167 -16.09 -4.23 -0.14
CA PRO D 167 -16.58 -5.38 -0.90
C PRO D 167 -15.89 -6.69 -0.53
N PHE D 168 -14.61 -6.66 -0.14
CA PHE D 168 -13.96 -7.93 0.19
C PHE D 168 -14.27 -8.41 1.60
N VAL D 169 -14.66 -7.52 2.52
CA VAL D 169 -15.19 -8.03 3.78
C VAL D 169 -16.61 -8.58 3.59
N SER D 170 -17.41 -7.91 2.76
CA SER D 170 -18.79 -8.32 2.57
C SER D 170 -18.88 -9.67 1.86
N ARG D 171 -17.84 -10.04 1.09
CA ARG D 171 -17.71 -11.37 0.51
C ARG D 171 -17.95 -12.48 1.53
N LEU D 172 -17.56 -12.26 2.79
CA LEU D 172 -17.71 -13.22 3.88
C LEU D 172 -19.17 -13.54 4.24
N LYS D 173 -20.13 -12.88 3.59
CA LYS D 173 -21.54 -13.24 3.80
C LYS D 173 -21.80 -14.70 3.47
N ILE D 174 -21.02 -15.28 2.54
CA ILE D 174 -21.18 -16.68 2.14
C ILE D 174 -20.91 -17.64 3.29
N ALA D 175 -20.24 -17.18 4.34
CA ALA D 175 -19.68 -18.07 5.33
C ALA D 175 -20.59 -18.27 6.52
N SER D 176 -21.71 -17.55 6.58
CA SER D 176 -22.59 -17.72 7.71
C SER D 176 -24.02 -17.33 7.33
N ASP D 177 -24.97 -17.88 8.07
CA ASP D 177 -26.35 -17.45 7.96
C ASP D 177 -26.69 -16.23 8.82
N THR D 178 -25.78 -15.81 9.71
CA THR D 178 -26.04 -14.69 10.62
C THR D 178 -25.05 -13.54 10.33
N ILE D 179 -25.54 -12.53 9.61
CA ILE D 179 -24.74 -11.39 9.19
C ILE D 179 -25.32 -10.14 9.81
N VAL D 180 -24.43 -9.26 10.30
CA VAL D 180 -24.78 -7.92 10.72
C VAL D 180 -23.84 -6.98 9.96
N TYR D 181 -24.42 -5.99 9.29
CA TYR D 181 -23.64 -5.04 8.49
C TYR D 181 -23.54 -3.71 9.25
N TYR D 182 -22.33 -3.17 9.30
CA TYR D 182 -22.11 -1.79 9.68
C TYR D 182 -21.54 -1.05 8.48
N GLY D 183 -21.63 0.27 8.52
CA GLY D 183 -21.20 1.01 7.35
C GLY D 183 -21.37 2.48 7.60
N MET D 184 -21.03 3.25 6.58
CA MET D 184 -21.00 4.70 6.71
C MET D 184 -21.77 5.28 5.54
N LYS D 185 -22.65 6.23 5.82
CA LYS D 185 -23.48 6.81 4.76
C LYS D 185 -22.64 7.63 3.80
N ALA D 186 -23.17 7.81 2.59
CA ALA D 186 -22.48 8.61 1.60
C ALA D 186 -22.32 10.04 2.10
N HIS D 187 -21.12 10.58 1.90
CA HIS D 187 -20.77 11.95 2.26
C HIS D 187 -20.71 12.18 3.77
N ALA D 188 -20.52 11.12 4.56
CA ALA D 188 -20.40 11.29 6.01
C ALA D 188 -19.19 12.13 6.37
N HIS D 189 -18.20 12.20 5.48
CA HIS D 189 -16.93 12.87 5.75
C HIS D 189 -16.08 12.82 4.50
N GLU D 190 -15.25 13.84 4.27
CA GLU D 190 -14.38 13.84 3.09
C GLU D 190 -13.05 13.24 3.52
N PHE D 191 -12.79 12.00 3.14
CA PHE D 191 -11.56 11.33 3.52
C PHE D 191 -10.39 11.88 2.69
N GLU D 192 -9.17 11.62 3.17
CA GLU D 192 -7.98 12.13 2.49
C GLU D 192 -7.88 11.61 1.05
N GLU D 198 -4.85 -1.52 -9.11
CA GLU D 198 -5.67 -1.12 -10.25
C GLU D 198 -7.09 -0.76 -9.81
N SER D 199 -8.07 -1.32 -10.50
CA SER D 199 -9.47 -1.16 -10.13
C SER D 199 -9.91 -2.34 -9.27
N ARG D 200 -11.14 -2.25 -8.76
CA ARG D 200 -11.72 -3.29 -7.92
C ARG D 200 -12.58 -4.23 -8.76
N TYR D 201 -12.43 -5.53 -8.51
CA TYR D 201 -13.20 -6.56 -9.18
C TYR D 201 -14.08 -7.27 -8.18
N CYS D 202 -15.28 -7.58 -8.61
CA CYS D 202 -16.25 -8.21 -7.72
C CYS D 202 -15.70 -9.50 -7.14
N PRO D 203 -15.72 -9.69 -5.83
CA PRO D 203 -15.27 -10.97 -5.26
C PRO D 203 -16.20 -12.12 -5.54
N ASN D 204 -17.43 -11.86 -5.98
CA ASN D 204 -18.36 -12.94 -6.23
C ASN D 204 -18.23 -13.48 -7.66
N CYS D 205 -18.38 -12.62 -8.67
CA CYS D 205 -18.30 -13.06 -10.06
C CYS D 205 -17.03 -12.60 -10.77
N GLY D 206 -16.25 -11.71 -10.17
CA GLY D 206 -15.03 -11.30 -10.83
C GLY D 206 -15.18 -10.18 -11.86
N ARG D 207 -16.38 -9.66 -12.10
CA ARG D 207 -16.40 -8.55 -13.03
C ARG D 207 -15.88 -7.27 -12.36
N LEU D 208 -15.70 -6.25 -13.18
CA LEU D 208 -15.31 -4.93 -12.70
C LEU D 208 -16.46 -4.27 -11.93
N LEU D 209 -16.12 -3.69 -10.77
CA LEU D 209 -17.08 -3.24 -9.78
C LEU D 209 -17.50 -1.78 -10.01
N GLN D 210 -18.80 -1.52 -9.98
CA GLN D 210 -19.36 -0.19 -10.16
C GLN D 210 -19.62 0.43 -8.80
N TYR D 211 -19.05 1.62 -8.55
CA TYR D 211 -19.23 2.34 -7.30
C TYR D 211 -20.12 3.56 -7.50
N ASP D 212 -21.18 3.67 -6.68
CA ASP D 212 -21.96 4.90 -6.64
C ASP D 212 -21.31 5.98 -5.78
N TYR D 213 -20.42 5.61 -4.85
CA TYR D 213 -19.79 6.59 -3.96
C TYR D 213 -18.56 5.95 -3.32
N ILE D 214 -17.48 6.73 -3.21
CA ILE D 214 -16.22 6.22 -2.69
C ILE D 214 -15.91 6.94 -1.38
N HIS D 215 -15.81 6.18 -0.29
CA HIS D 215 -15.30 6.73 0.94
C HIS D 215 -13.81 6.98 0.77
N TYR D 216 -13.04 5.90 0.72
CA TYR D 216 -11.62 5.96 0.38
C TYR D 216 -11.22 4.59 -0.14
N ASN D 217 -10.35 4.57 -1.14
CA ASN D 217 -9.76 3.33 -1.68
C ASN D 217 -10.89 2.45 -2.20
N GLN D 218 -10.98 1.17 -1.81
CA GLN D 218 -12.10 0.30 -2.18
C GLN D 218 -13.33 0.49 -1.30
N ILE D 219 -13.24 1.31 -0.25
CA ILE D 219 -14.34 1.45 0.69
C ILE D 219 -15.36 2.41 0.10
N GLY D 220 -16.61 1.98 0.00
CA GLY D 220 -17.64 2.84 -0.54
C GLY D 220 -18.92 2.08 -0.82
N HIS D 221 -19.74 2.66 -1.71
CA HIS D 221 -21.04 2.09 -2.08
C HIS D 221 -20.95 1.53 -3.48
N TYR D 222 -21.06 0.20 -3.59
CA TYR D 222 -20.77 -0.52 -4.80
C TYR D 222 -21.96 -1.45 -5.06
N HIS D 223 -22.09 -1.88 -6.31
CA HIS D 223 -23.11 -2.87 -6.66
C HIS D 223 -22.70 -3.49 -7.98
N CYS D 224 -22.77 -4.81 -8.07
CA CYS D 224 -22.43 -5.53 -9.27
C CYS D 224 -23.70 -5.91 -10.00
N GLN D 225 -23.58 -6.16 -11.31
CA GLN D 225 -24.70 -6.72 -12.07
C GLN D 225 -25.02 -8.14 -11.63
N CYS D 226 -24.09 -8.81 -10.95
CA CYS D 226 -24.37 -10.14 -10.40
C CYS D 226 -25.25 -10.08 -9.15
N GLY D 227 -25.52 -8.88 -8.61
CA GLY D 227 -26.31 -8.73 -7.43
C GLY D 227 -25.52 -8.43 -6.17
N PHE D 228 -24.23 -8.75 -6.13
CA PHE D 228 -23.40 -8.42 -4.99
C PHE D 228 -23.35 -6.90 -4.86
N LYS D 229 -23.54 -6.41 -3.64
CA LYS D 229 -23.66 -4.97 -3.48
C LYS D 229 -23.42 -4.57 -2.03
N ARG D 230 -23.20 -3.27 -1.84
CA ARG D 230 -23.16 -2.71 -0.48
C ARG D 230 -24.55 -2.85 0.13
N GLU D 231 -24.67 -3.67 1.19
CA GLU D 231 -25.97 -3.93 1.78
C GLU D 231 -26.32 -2.85 2.82
N GLN D 232 -27.59 -2.82 3.22
CA GLN D 232 -28.01 -1.84 4.20
C GLN D 232 -27.40 -2.19 5.55
N ALA D 233 -27.00 -1.16 6.28
CA ALA D 233 -26.26 -1.37 7.52
C ALA D 233 -27.21 -1.27 8.71
N LYS D 234 -27.09 -2.20 9.63
CA LYS D 234 -27.85 -2.09 10.87
C LYS D 234 -27.31 -0.95 11.75
N TYR D 235 -26.00 -0.77 11.77
CA TYR D 235 -25.39 0.34 12.49
C TYR D 235 -24.63 1.18 11.48
N GLU D 236 -24.96 2.46 11.40
CA GLU D 236 -24.43 3.30 10.35
C GLU D 236 -24.02 4.66 10.90
N ILE D 237 -22.86 5.16 10.47
CA ILE D 237 -22.43 6.53 10.74
C ILE D 237 -23.04 7.43 9.67
N SER D 238 -23.88 8.37 10.11
CA SER D 238 -24.53 9.35 9.21
C SER D 238 -23.48 10.41 8.84
N SER D 239 -22.68 10.83 9.83
CA SER D 239 -21.60 11.79 9.59
C SER D 239 -20.66 11.79 10.77
N PHE D 240 -19.46 12.28 10.54
CA PHE D 240 -18.56 12.53 11.64
C PHE D 240 -17.61 13.64 11.24
N ASP D 241 -16.89 14.13 12.23
CA ASP D 241 -15.80 15.05 11.97
C ASP D 241 -14.69 14.73 12.95
N VAL D 242 -13.56 15.41 12.74
CA VAL D 242 -12.33 15.21 13.59
C VAL D 242 -11.80 16.62 13.87
N ALA D 243 -12.34 17.26 14.90
CA ALA D 243 -11.96 18.63 15.18
C ALA D 243 -11.90 18.89 16.68
N PRO D 244 -10.78 18.53 17.32
CA PRO D 244 -9.71 17.77 16.70
C PRO D 244 -9.86 16.26 16.91
N PHE D 245 -10.87 15.87 17.68
CA PHE D 245 -11.08 14.43 17.95
C PHE D 245 -12.31 13.94 17.19
N LEU D 246 -12.40 12.62 17.01
CA LEU D 246 -13.55 12.02 16.34
C LEU D 246 -14.83 12.39 17.07
N TYR D 247 -15.81 12.86 16.30
CA TYR D 247 -17.16 13.12 16.78
C TYR D 247 -18.09 12.37 15.83
N LEU D 248 -18.71 11.30 16.32
CA LEU D 248 -19.41 10.34 15.50
C LEU D 248 -20.91 10.45 15.73
N ASN D 249 -21.69 10.37 14.64
CA ASN D 249 -23.14 10.19 14.69
C ASN D 249 -23.44 8.77 14.23
N ILE D 250 -23.66 7.87 15.18
CA ILE D 250 -23.99 6.47 14.91
C ILE D 250 -25.45 6.27 15.22
N ASN D 251 -26.21 5.94 14.17
CA ASN D 251 -27.65 5.80 14.24
C ASN D 251 -28.23 7.08 14.82
N ASP D 252 -28.93 7.04 15.95
CA ASP D 252 -29.53 8.26 16.46
C ASP D 252 -28.76 8.89 17.64
N GLU D 253 -27.49 8.53 17.84
CA GLU D 253 -26.77 8.99 19.03
C GLU D 253 -25.42 9.59 18.62
N LYS D 254 -24.95 10.53 19.44
CA LYS D 254 -23.67 11.23 19.19
C LYS D 254 -22.60 10.73 20.16
N TYR D 255 -21.40 10.48 19.65
CA TYR D 255 -20.27 10.03 20.45
C TYR D 255 -19.12 11.03 20.33
N ASP D 256 -18.73 11.62 21.46
CA ASP D 256 -17.62 12.57 21.53
C ASP D 256 -16.38 11.82 22.01
N MET D 257 -15.59 11.35 21.03
CA MET D 257 -14.39 10.52 21.28
C MET D 257 -13.18 11.38 21.65
N LYS D 258 -12.14 10.73 22.17
CA LYS D 258 -10.88 11.38 22.53
C LYS D 258 -9.74 10.75 21.76
N ILE D 259 -10.02 10.30 20.53
CA ILE D 259 -9.02 9.87 19.57
C ILE D 259 -9.30 10.55 18.24
N ALA D 260 -8.28 10.52 17.38
CA ALA D 260 -8.29 11.23 16.12
C ALA D 260 -7.97 10.25 15.00
N GLY D 261 -7.94 10.77 13.78
CA GLY D 261 -7.65 9.97 12.60
C GLY D 261 -8.92 9.54 11.90
N ASP D 262 -9.12 10.02 10.66
CA ASP D 262 -10.28 9.71 9.81
C ASP D 262 -10.68 8.23 9.84
N PHE D 263 -9.73 7.36 9.44
CA PHE D 263 -9.99 5.94 9.30
C PHE D 263 -10.45 5.31 10.61
N ASN D 264 -10.11 5.93 11.75
CA ASN D 264 -10.54 5.42 13.05
C ASN D 264 -12.05 5.50 13.26
N ALA D 265 -12.80 6.28 12.48
CA ALA D 265 -14.26 6.24 12.63
C ALA D 265 -14.81 4.86 12.30
N TYR D 266 -14.18 4.17 11.34
CA TYR D 266 -14.54 2.80 11.02
C TYR D 266 -14.21 1.84 12.16
N ASN D 267 -13.06 2.01 12.81
CA ASN D 267 -12.72 1.10 13.90
C ASN D 267 -13.67 1.27 15.08
N ALA D 268 -14.03 2.52 15.40
CA ALA D 268 -15.01 2.76 16.44
C ALA D 268 -16.37 2.20 16.05
N LEU D 269 -16.76 2.34 14.78
CA LEU D 269 -18.03 1.78 14.32
C LEU D 269 -18.01 0.25 14.39
N ALA D 270 -16.88 -0.37 14.05
CA ALA D 270 -16.79 -1.82 14.20
C ALA D 270 -16.88 -2.21 15.68
N ALA D 271 -16.16 -1.51 16.56
CA ALA D 271 -16.27 -1.78 18.00
C ALA D 271 -17.70 -1.55 18.48
N TYR D 272 -18.30 -0.44 18.05
CA TYR D 272 -19.69 -0.17 18.40
C TYR D 272 -20.58 -1.34 18.01
N THR D 273 -20.38 -1.87 16.82
CA THR D 273 -21.21 -2.97 16.35
C THR D 273 -21.07 -4.17 17.27
N VAL D 274 -19.84 -4.53 17.61
CA VAL D 274 -19.63 -5.60 18.57
C VAL D 274 -20.39 -5.34 19.87
N LEU D 275 -20.21 -4.13 20.41
CA LEU D 275 -20.76 -3.83 21.73
C LEU D 275 -22.28 -3.90 21.74
N ARG D 276 -22.94 -3.35 20.70
CA ARG D 276 -24.40 -3.49 20.62
C ARG D 276 -24.83 -4.94 20.52
N GLU D 277 -24.12 -5.75 19.72
CA GLU D 277 -24.53 -7.14 19.55
C GLU D 277 -24.25 -7.96 20.81
N LEU D 278 -23.37 -7.47 21.67
CA LEU D 278 -23.16 -8.07 22.98
C LEU D 278 -24.25 -7.66 23.96
N GLY D 279 -25.13 -6.74 23.57
CA GLY D 279 -26.26 -6.33 24.37
C GLY D 279 -26.06 -5.09 25.21
N LEU D 280 -25.00 -4.32 24.98
CA LEU D 280 -24.87 -3.06 25.70
C LEU D 280 -25.73 -2.00 25.01
N ASN D 281 -26.25 -1.10 25.81
CA ASN D 281 -27.04 -0.01 25.27
C ASN D 281 -26.16 1.20 25.00
N GLU D 282 -26.75 2.21 24.36
CA GLU D 282 -26.00 3.42 23.92
C GLU D 282 -25.32 4.16 25.07
N GLN D 283 -25.90 4.17 26.27
CA GLN D 283 -25.23 4.92 27.33
C GLN D 283 -23.98 4.21 27.83
N THR D 284 -24.04 2.87 27.99
CA THR D 284 -22.84 2.19 28.48
C THR D 284 -21.72 2.18 27.45
N ILE D 285 -22.05 2.35 26.16
CA ILE D 285 -21.04 2.53 25.12
C ILE D 285 -20.47 3.94 25.15
N LYS D 286 -21.35 4.94 25.22
CA LYS D 286 -20.98 6.34 25.38
C LYS D 286 -19.92 6.51 26.45
N ASN D 287 -20.15 5.93 27.63
CA ASN D 287 -19.17 6.01 28.71
C ASN D 287 -17.79 5.62 28.19
N GLY D 288 -17.64 4.38 27.72
CA GLY D 288 -16.33 3.94 27.28
C GLY D 288 -15.76 4.75 26.12
N PHE D 289 -16.60 5.05 25.12
CA PHE D 289 -16.13 5.73 23.93
C PHE D 289 -15.63 7.14 24.24
N GLU D 290 -16.21 7.78 25.26
CA GLU D 290 -15.86 9.15 25.59
C GLU D 290 -14.57 9.26 26.40
N THR D 291 -14.05 8.16 26.95
CA THR D 291 -12.83 8.20 27.74
C THR D 291 -11.66 7.51 27.07
N TYR D 292 -11.91 6.69 26.04
CA TYR D 292 -10.82 6.00 25.36
C TYR D 292 -9.86 6.98 24.72
N THR D 293 -8.57 6.75 24.89
CA THR D 293 -7.59 7.51 24.12
C THR D 293 -6.37 6.64 23.86
N SER D 294 -5.54 7.13 22.94
CA SER D 294 -4.29 6.49 22.61
C SER D 294 -3.31 6.60 23.79
N ASP D 295 -2.16 5.92 23.62
CA ASP D 295 -1.14 5.83 24.65
C ASP D 295 0.26 5.98 24.06
N ASN D 296 0.39 6.54 22.86
CA ASN D 296 1.70 6.64 22.22
C ASN D 296 2.10 8.07 21.90
N GLY D 297 1.51 9.07 22.56
CA GLY D 297 1.94 10.43 22.23
C GLY D 297 1.45 10.97 20.90
N ARG D 298 0.52 10.29 20.24
CA ARG D 298 -0.08 10.74 18.99
C ARG D 298 -1.54 11.11 19.27
N MET D 299 -1.80 12.41 19.36
CA MET D 299 -3.15 12.94 19.69
C MET D 299 -3.64 12.24 20.97
N GLN D 300 -2.74 12.07 21.93
CA GLN D 300 -3.09 11.41 23.23
C GLN D 300 -3.69 12.46 24.16
N TYR D 301 -4.92 12.21 24.63
CA TYR D 301 -5.68 13.15 25.49
C TYR D 301 -5.54 12.77 26.98
N PHE D 302 -5.49 13.79 27.83
CA PHE D 302 -5.39 13.67 29.28
C PHE D 302 -6.42 14.57 29.94
N LYS D 303 -6.92 14.14 31.10
CA LYS D 303 -7.95 14.90 31.79
C LYS D 303 -7.87 14.65 33.28
N LYS D 304 -7.79 15.74 34.06
CA LYS D 304 -7.85 15.68 35.53
C LYS D 304 -8.72 16.84 36.00
N GLU D 305 -9.83 16.53 36.68
CA GLU D 305 -10.77 17.59 37.14
C GLU D 305 -11.14 18.41 35.92
N ARG D 306 -10.94 19.73 35.97
CA ARG D 306 -11.25 20.59 34.81
C ARG D 306 -9.98 20.81 33.97
N LYS D 307 -8.86 20.21 34.33
CA LYS D 307 -7.63 20.39 33.56
C LYS D 307 -7.50 19.32 32.46
N GLU D 308 -7.32 19.77 31.23
CA GLU D 308 -7.16 18.89 30.08
C GLU D 308 -5.79 19.10 29.42
N ALA D 309 -5.36 18.08 28.68
CA ALA D 309 -4.07 18.15 27.96
C ALA D 309 -4.11 17.20 26.76
N MET D 310 -3.33 17.52 25.73
CA MET D 310 -3.26 16.66 24.52
C MET D 310 -1.84 16.73 23.97
N ILE D 311 -1.18 15.59 23.83
CA ILE D 311 0.22 15.54 23.32
C ILE D 311 0.25 14.97 21.90
N ASN D 312 0.98 15.65 21.01
CA ASN D 312 1.13 15.16 19.61
C ASN D 312 2.59 15.37 19.16
N LEU D 313 3.27 14.26 18.86
CA LEU D 313 4.66 14.30 18.41
C LEU D 313 4.81 15.06 17.10
N ALA D 314 5.86 15.88 17.00
CA ALA D 314 6.09 16.69 15.80
C ALA D 314 7.58 16.87 15.61
N LYS D 315 8.13 16.34 14.52
CA LYS D 315 9.60 16.39 14.31
C LYS D 315 9.97 16.96 12.93
N ASN D 316 9.02 17.56 12.22
CA ASN D 316 9.32 18.11 10.91
C ASN D 316 8.29 19.19 10.62
N PRO D 317 8.45 19.94 9.53
CA PRO D 317 7.52 21.07 9.32
C PRO D 317 6.06 20.63 9.17
N ALA D 318 5.80 19.60 8.37
CA ALA D 318 4.42 19.12 8.18
C ALA D 318 3.83 18.67 9.51
N GLY D 319 4.57 17.86 10.27
CA GLY D 319 4.10 17.48 11.59
C GLY D 319 3.88 18.66 12.51
N MET D 320 4.82 19.61 12.55
CA MET D 320 4.63 20.76 13.44
C MET D 320 3.41 21.57 13.01
N ASN D 321 3.23 21.74 11.70
CA ASN D 321 2.08 22.51 11.23
C ASN D 321 0.77 21.90 11.71
N ALA D 322 0.65 20.56 11.67
CA ALA D 322 -0.58 19.88 12.10
C ALA D 322 -0.77 20.00 13.59
N SER D 323 0.30 19.78 14.37
CA SER D 323 0.21 19.94 15.82
C SER D 323 -0.18 21.37 16.20
N LEU D 324 0.35 22.37 15.51
CA LEU D 324 0.03 23.74 15.92
C LEU D 324 -1.42 24.07 15.61
N SER D 325 -1.96 23.58 14.50
CA SER D 325 -3.33 23.90 14.12
C SER D 325 -4.38 23.26 15.02
N VAL D 326 -3.97 22.27 15.82
CA VAL D 326 -4.95 21.58 16.71
C VAL D 326 -5.56 22.58 17.69
N GLY D 327 -4.83 23.65 18.02
CA GLY D 327 -5.34 24.65 18.93
C GLY D 327 -6.49 25.45 18.35
N GLU D 328 -6.46 25.68 17.02
CA GLU D 328 -7.61 26.32 16.38
C GLU D 328 -8.89 25.53 16.64
N GLN D 329 -8.77 24.21 16.75
CA GLN D 329 -9.96 23.38 16.91
C GLN D 329 -10.36 23.21 18.37
N LEU D 330 -9.50 23.57 19.31
CA LEU D 330 -9.84 23.52 20.72
C LEU D 330 -10.46 24.84 21.16
N GLU D 331 -11.28 24.76 22.19
CA GLU D 331 -12.06 25.87 22.67
C GLU D 331 -11.38 26.49 23.90
N GLY D 332 -11.49 27.82 24.02
CA GLY D 332 -10.94 28.51 25.15
C GLY D 332 -9.43 28.70 25.02
N GLU D 333 -8.81 29.01 26.15
CA GLU D 333 -7.40 29.35 26.11
C GLU D 333 -6.52 28.11 26.13
N LYS D 334 -5.39 28.21 25.45
CA LYS D 334 -4.43 27.13 25.44
C LYS D 334 -3.11 27.58 26.06
N VAL D 335 -2.45 26.65 26.74
CA VAL D 335 -1.06 26.81 27.11
C VAL D 335 -0.30 25.75 26.32
N TYR D 336 0.85 26.14 25.78
CA TYR D 336 1.66 25.25 24.96
C TYR D 336 2.94 24.88 25.70
N VAL D 337 3.38 23.64 25.54
CA VAL D 337 4.78 23.29 25.79
C VAL D 337 5.32 22.68 24.51
N ILE D 338 6.45 23.20 24.06
CA ILE D 338 7.07 22.77 22.80
C ILE D 338 8.52 22.43 23.10
N SER D 339 8.93 21.22 22.70
CA SER D 339 10.25 20.69 23.05
C SER D 339 11.04 20.40 21.80
N LEU D 340 12.22 21.03 21.67
CA LEU D 340 13.15 20.82 20.57
C LEU D 340 14.49 20.34 21.13
N ASN D 341 14.65 19.02 21.18
CA ASN D 341 15.95 18.40 21.37
C ASN D 341 16.69 18.32 20.04
N ASP D 342 18.01 18.21 20.12
CA ASP D 342 18.89 18.01 18.97
C ASP D 342 19.87 16.89 19.21
N ASN D 343 19.42 15.81 19.86
CA ASN D 343 20.21 14.59 19.93
C ASN D 343 20.33 13.94 18.54
N ALA D 344 21.13 12.88 18.49
CA ALA D 344 21.42 12.24 17.21
C ALA D 344 20.15 11.75 16.53
N ALA D 345 19.22 11.17 17.29
CA ALA D 345 18.03 10.60 16.66
C ALA D 345 17.15 11.70 16.08
N ASP D 346 17.16 12.89 16.69
CA ASP D 346 16.45 14.06 16.21
C ASP D 346 17.08 14.71 14.99
N GLY D 347 18.38 14.51 14.79
CA GLY D 347 19.10 15.35 13.85
C GLY D 347 19.69 16.57 14.53
N ARG D 348 20.88 16.96 14.08
CA ARG D 348 21.66 18.03 14.72
C ARG D 348 21.23 19.42 14.23
N ASP D 349 20.85 19.53 12.97
CA ASP D 349 20.47 20.80 12.38
C ASP D 349 18.97 21.06 12.66
N THR D 350 18.69 22.14 13.38
CA THR D 350 17.35 22.50 13.80
C THR D 350 16.72 23.53 12.89
N SER D 351 17.30 23.77 11.71
CA SER D 351 16.78 24.82 10.84
C SER D 351 15.33 24.56 10.42
N TRP D 352 14.91 23.30 10.36
CA TRP D 352 13.58 23.01 9.84
C TRP D 352 12.50 23.80 10.57
N ILE D 353 12.77 24.32 11.77
CA ILE D 353 11.70 25.01 12.47
C ILE D 353 11.34 26.32 11.79
N TYR D 354 12.21 26.83 10.91
CA TYR D 354 11.83 28.04 10.20
C TYR D 354 10.93 27.74 9.00
N ASP D 355 10.81 26.48 8.61
CA ASP D 355 9.86 26.07 7.59
C ASP D 355 8.48 25.78 8.17
N ALA D 356 8.36 25.53 9.47
CA ALA D 356 7.06 25.43 10.09
C ALA D 356 6.40 26.80 10.25
N ASP D 357 5.07 26.82 10.13
CA ASP D 357 4.27 28.03 10.21
C ASP D 357 3.94 28.30 11.68
N PHE D 358 4.98 28.72 12.43
CA PHE D 358 4.78 29.21 13.79
C PHE D 358 3.96 30.49 13.80
N GLU D 359 3.94 31.23 12.71
CA GLU D 359 3.29 32.54 12.73
C GLU D 359 1.79 32.42 12.96
N LYS D 360 1.21 31.28 12.57
CA LYS D 360 -0.22 31.08 12.71
C LYS D 360 -0.65 31.06 14.16
N LEU D 361 0.29 30.86 15.09
CA LEU D 361 -0.10 30.88 16.51
C LEU D 361 -0.68 32.22 16.93
N SER D 362 -0.47 33.30 16.16
CA SER D 362 -1.10 34.56 16.53
C SER D 362 -2.62 34.56 16.37
N LYS D 363 -3.20 33.55 15.72
CA LYS D 363 -4.66 33.49 15.57
C LYS D 363 -5.34 32.84 16.76
N GLN D 364 -4.60 32.28 17.71
CA GLN D 364 -5.19 31.51 18.79
C GLN D 364 -5.16 32.28 20.10
N GLN D 365 -5.96 31.82 21.05
CA GLN D 365 -5.97 32.34 22.41
C GLN D 365 -4.98 31.51 23.22
N ILE D 366 -3.89 32.14 23.65
CA ILE D 366 -2.79 31.42 24.27
C ILE D 366 -2.34 32.21 25.49
N GLU D 367 -2.33 31.56 26.65
CA GLU D 367 -1.84 32.20 27.86
C GLU D 367 -0.33 32.35 27.81
N ALA D 368 0.37 31.31 27.36
CA ALA D 368 1.82 31.28 27.39
C ALA D 368 2.29 30.07 26.61
N ILE D 369 3.52 30.14 26.13
CA ILE D 369 4.23 29.04 25.49
C ILE D 369 5.47 28.73 26.31
N ILE D 370 5.58 27.49 26.77
CA ILE D 370 6.77 27.01 27.46
C ILE D 370 7.63 26.27 26.45
N VAL D 371 8.86 26.73 26.24
CA VAL D 371 9.76 26.08 25.30
C VAL D 371 10.85 25.36 26.10
N THR D 372 11.23 24.19 25.60
CA THR D 372 12.03 23.25 26.38
C THR D 372 12.83 22.38 25.41
N GLY D 373 13.53 21.39 25.96
CA GLY D 373 14.47 20.60 25.19
C GLY D 373 15.82 21.31 25.08
N THR D 374 16.80 20.60 24.51
CA THR D 374 18.16 21.13 24.46
C THR D 374 18.26 22.38 23.60
N ARG D 375 17.32 22.62 22.71
CA ARG D 375 17.34 23.82 21.90
C ARG D 375 16.10 24.68 22.12
N ALA D 376 15.60 24.69 23.36
CA ALA D 376 14.50 25.58 23.74
C ALA D 376 14.71 27.00 23.23
N GLU D 377 15.96 27.48 23.26
CA GLU D 377 16.26 28.88 22.91
C GLU D 377 16.06 29.15 21.43
N GLU D 378 16.32 28.15 20.59
CA GLU D 378 15.97 28.23 19.17
C GLU D 378 14.47 28.46 18.96
N LEU D 379 13.64 27.79 19.77
CA LEU D 379 12.19 27.99 19.68
C LEU D 379 11.82 29.39 20.14
N GLN D 380 12.36 29.83 21.28
CA GLN D 380 12.11 31.20 21.73
C GLN D 380 12.40 32.18 20.61
N LEU D 381 13.59 32.10 20.03
CA LEU D 381 13.94 33.03 18.95
C LEU D 381 13.04 32.83 17.74
N ARG D 382 12.66 31.58 17.45
CA ARG D 382 11.74 31.31 16.35
C ARG D 382 10.40 31.96 16.61
N LEU D 383 9.91 31.85 17.85
CA LEU D 383 8.63 32.47 18.18
C LEU D 383 8.72 33.99 18.15
N LYS D 384 9.86 34.55 18.57
CA LYS D 384 10.01 36.00 18.49
C LYS D 384 9.98 36.45 17.03
N LEU D 385 10.68 35.72 16.17
CA LEU D 385 10.68 36.09 14.77
C LEU D 385 9.33 35.81 14.12
N ALA D 386 8.52 34.93 14.70
CA ALA D 386 7.16 34.67 14.25
C ALA D 386 6.16 35.69 14.78
N GLU D 387 6.60 36.64 15.60
CA GLU D 387 5.71 37.67 16.13
C GLU D 387 4.56 37.08 16.94
N VAL D 388 4.81 35.94 17.59
CA VAL D 388 3.85 35.36 18.52
C VAL D 388 4.03 36.08 19.85
N GLU D 389 3.27 37.14 20.08
CA GLU D 389 3.54 38.04 21.20
C GLU D 389 2.69 37.63 22.40
N VAL D 390 3.13 36.54 23.02
CA VAL D 390 2.54 35.95 24.23
C VAL D 390 3.70 35.59 25.15
N PRO D 391 3.43 35.43 26.45
CA PRO D 391 4.54 35.13 27.38
C PRO D 391 5.26 33.84 26.99
N ILE D 392 6.55 33.96 26.73
CA ILE D 392 7.41 32.84 26.40
C ILE D 392 8.22 32.50 27.64
N ILE D 393 8.14 31.26 28.11
CA ILE D 393 8.99 30.76 29.19
C ILE D 393 9.94 29.75 28.60
N VAL D 394 11.24 29.91 28.84
CA VAL D 394 12.17 28.88 28.46
C VAL D 394 12.57 28.10 29.70
N GLU D 395 12.45 26.77 29.62
CA GLU D 395 12.79 25.87 30.72
C GLU D 395 13.32 24.60 30.07
N ARG D 396 14.66 24.49 30.01
CA ARG D 396 15.27 23.45 29.20
C ARG D 396 14.96 22.05 29.71
N ASP D 397 14.59 21.90 30.99
CA ASP D 397 14.26 20.59 31.53
C ASP D 397 12.85 20.23 31.09
N ILE D 398 12.73 19.14 30.32
CA ILE D 398 11.43 18.75 29.75
C ILE D 398 10.43 18.37 30.85
N TYR D 399 10.82 17.47 31.76
CA TYR D 399 9.97 17.12 32.92
C TYR D 399 9.41 18.35 33.60
N LYS D 400 10.27 19.30 33.98
CA LYS D 400 9.73 20.42 34.74
C LYS D 400 9.02 21.43 33.82
N ALA D 401 9.45 21.56 32.57
CA ALA D 401 8.65 22.34 31.62
C ALA D 401 7.25 21.77 31.44
N THR D 402 7.14 20.43 31.38
CA THR D 402 5.82 19.84 31.16
C THR D 402 4.93 19.99 32.39
N ALA D 403 5.51 19.81 33.58
CA ALA D 403 4.79 20.05 34.83
C ALA D 403 4.30 21.48 34.94
N LYS D 404 5.04 22.45 34.38
CA LYS D 404 4.59 23.84 34.46
C LYS D 404 3.23 24.04 33.82
N THR D 405 2.88 23.24 32.80
CA THR D 405 1.61 23.42 32.09
C THR D 405 0.41 23.17 33.00
N MET D 406 0.66 22.54 34.14
CA MET D 406 -0.42 22.26 35.12
C MET D 406 -0.78 23.55 35.90
N ASP D 407 0.13 24.54 35.98
CA ASP D 407 -0.22 25.75 36.70
C ASP D 407 -1.24 26.62 35.96
N TYR D 408 -1.69 26.20 34.78
CA TYR D 408 -2.61 26.98 33.97
C TYR D 408 -3.94 26.24 33.82
N LYS D 409 -5.02 27.01 33.79
CA LYS D 409 -6.35 26.42 33.62
C LYS D 409 -6.66 26.10 32.16
N GLY D 410 -5.87 26.66 31.25
CA GLY D 410 -6.09 26.48 29.80
C GLY D 410 -5.79 25.07 29.33
N PHE D 411 -6.21 24.76 28.09
CA PHE D 411 -5.99 23.42 27.49
C PHE D 411 -4.51 23.29 27.10
N THR D 412 -3.81 22.37 27.75
CA THR D 412 -2.36 22.14 27.46
C THR D 412 -2.20 21.51 26.08
N VAL D 413 -1.33 22.08 25.25
CA VAL D 413 -1.00 21.49 23.91
C VAL D 413 0.48 21.13 23.96
N ALA D 414 0.80 19.86 24.21
CA ALA D 414 2.20 19.40 24.32
C ALA D 414 2.70 18.89 22.97
N ILE D 415 3.80 19.46 22.47
CA ILE D 415 4.37 19.09 21.17
C ILE D 415 5.87 18.78 21.31
N PRO D 416 6.26 17.51 21.43
CA PRO D 416 7.70 17.16 21.48
C PRO D 416 8.25 16.76 20.13
N ASN D 417 9.57 16.89 19.86
CA ASN D 417 10.14 16.12 18.76
C ASN D 417 10.60 14.78 19.33
N TYR D 418 11.32 14.00 18.51
CA TYR D 418 11.36 12.55 18.75
C TYR D 418 11.96 12.19 20.10
N THR D 419 13.20 12.64 20.40
CA THR D 419 13.72 12.26 21.71
C THR D 419 13.07 13.05 22.86
N SER D 420 12.30 14.09 22.55
CA SER D 420 11.55 14.78 23.57
C SER D 420 10.32 14.01 24.05
N LEU D 421 9.86 13.02 23.27
CA LEU D 421 8.55 12.44 23.52
C LEU D 421 8.52 11.67 24.84
N ALA D 422 9.41 10.70 24.99
CA ALA D 422 9.35 9.86 26.17
C ALA D 422 9.37 10.66 27.48
N PRO D 423 10.30 11.61 27.71
CA PRO D 423 10.22 12.41 28.95
C PRO D 423 8.94 13.23 29.06
N MET D 424 8.47 13.84 27.97
CA MET D 424 7.28 14.68 28.06
C MET D 424 6.05 13.82 28.35
N LEU D 425 5.91 12.69 27.64
CA LEU D 425 4.85 11.72 27.93
C LEU D 425 4.91 11.21 29.37
N GLU D 426 6.11 10.84 29.84
CA GLU D 426 6.23 10.33 31.20
C GLU D 426 5.77 11.35 32.24
N GLN D 427 6.10 12.63 32.02
CA GLN D 427 5.70 13.65 32.98
C GLN D 427 4.18 13.87 32.95
N LEU D 428 3.61 13.97 31.75
CA LEU D 428 2.15 14.11 31.62
C LEU D 428 1.40 13.00 32.35
N ASN D 429 1.84 11.75 32.17
CA ASN D 429 1.20 10.65 32.90
C ASN D 429 1.35 10.81 34.41
N ARG D 430 2.51 11.29 34.85
CA ARG D 430 2.74 11.55 36.27
C ARG D 430 1.83 12.65 36.79
N SER D 431 1.79 13.79 36.09
CA SER D 431 0.98 14.91 36.56
C SER D 431 -0.50 14.55 36.61
N PHE D 432 -1.00 13.83 35.60
CA PHE D 432 -2.44 13.49 35.50
C PHE D 432 -2.75 12.16 36.20
N GLU D 433 -1.77 11.54 36.87
CA GLU D 433 -2.04 10.24 37.52
C GLU D 433 -3.16 10.41 38.54
N GLY D 434 -4.12 9.49 38.57
CA GLY D 434 -5.27 9.55 39.50
C GLY D 434 -6.53 10.00 38.79
ZN ZN E . 19.77 13.72 4.15
PG ANP F . 4.28 -10.63 8.06
O1G ANP F . 4.79 -11.82 8.79
O2G ANP F . 2.79 -10.66 7.91
O3G ANP F . 4.79 -9.32 8.59
PB ANP F . 6.46 -11.19 5.95
O1B ANP F . 6.81 -12.53 6.51
O2B ANP F . 7.36 -10.04 6.29
N3B ANP F . 4.83 -10.80 6.41
PA ANP F . 6.22 -12.63 3.53
O1A ANP F . 5.11 -13.42 4.13
O2A ANP F . 7.50 -13.33 3.14
O3A ANP F . 6.51 -11.31 4.36
O5' ANP F . 5.60 -11.94 2.23
C5' ANP F . 4.35 -11.30 2.36
C4' ANP F . 4.09 -10.55 1.06
O4' ANP F . 5.01 -9.47 0.93
C3' ANP F . 4.33 -11.46 -0.12
O3' ANP F . 3.12 -12.09 -0.53
C2' ANP F . 4.90 -10.55 -1.18
O2' ANP F . 3.88 -10.10 -2.07
C1' ANP F . 5.45 -9.35 -0.42
N9 ANP F . 6.92 -9.35 -0.43
C8 ANP F . 7.71 -10.39 -0.11
N7 ANP F . 9.01 -10.06 -0.20
C5 ANP F . 9.09 -8.78 -0.60
C6 ANP F . 10.15 -7.81 -0.89
N6 ANP F . 11.46 -8.14 -0.78
N1 ANP F . 9.80 -6.57 -1.27
C2 ANP F . 8.51 -6.22 -1.38
N3 ANP F . 7.50 -7.05 -1.12
C4 ANP F . 7.71 -8.32 -0.73
MG MG G . 5.82 -13.68 8.12
C1 144 H . 39.03 41.83 6.02
C1 144 H . 39.21 41.74 6.15
N 144 H . 39.22 40.98 7.20
N 144 H . 39.42 40.89 7.32
C2 144 H . 38.09 40.08 7.32
C2 144 H . 38.28 40.00 7.45
O2 144 H . 38.29 39.35 8.53
O2 144 H . 37.16 40.84 7.70
C3 144 H . 40.43 40.18 7.07
C3 144 H . 40.65 40.11 7.15
O3 144 H . 41.59 40.95 7.40
O3 144 H . 41.79 40.94 7.41
C4 144 H . 39.30 41.78 8.41
C4 144 H . 39.52 41.70 8.52
O4 144 H . 39.44 40.88 9.50
O4 144 H . 39.43 40.84 9.66
C1 GOL I . 36.63 14.91 10.48
O1 GOL I . 35.87 14.06 9.66
C2 GOL I . 37.97 15.11 9.75
O2 GOL I . 37.63 15.15 8.39
C3 GOL I . 38.71 16.39 10.12
O3 GOL I . 39.76 16.59 9.20
C1 GOL J . 36.37 20.71 15.80
O1 GOL J . 35.41 19.97 16.49
C2 GOL J . 37.34 21.38 16.78
O2 GOL J . 37.21 22.77 16.72
C3 GOL J . 38.78 21.06 16.39
O3 GOL J . 38.89 21.15 14.99
C1 GOL K . 22.41 54.99 6.88
O1 GOL K . 21.17 55.12 6.26
C2 GOL K . 22.21 54.81 8.39
O2 GOL K . 23.47 54.61 8.98
C3 GOL K . 21.59 56.04 9.07
O3 GOL K . 21.07 55.66 10.30
C1 PEG L . 14.17 37.49 27.28
O1 PEG L . 14.13 36.09 27.30
C2 PEG L . 13.18 37.98 26.21
O2 PEG L . 13.64 37.52 24.96
C3 PEG L . 12.80 37.77 23.86
C4 PEG L . 13.26 39.03 23.10
O4 PEG L . 14.66 39.08 22.93
ZN ZN M . -20.32 -9.54 -9.28
PG ANP N . -1.51 -5.85 12.81
O1G ANP N . -2.07 -6.19 14.14
O2G ANP N . -0.08 -5.41 12.86
O3G ANP N . -1.73 -6.83 11.71
PB ANP N . -3.85 -3.88 13.04
O1B ANP N . -3.79 -4.18 14.48
O2B ANP N . -4.96 -4.41 12.22
N3B ANP N . -2.34 -4.40 12.33
PA ANP N . -3.65 -1.24 13.96
O1A ANP N . -2.48 -1.69 14.75
O2A ANP N . -4.87 -0.77 14.64
O3A ANP N . -3.98 -2.32 12.84
O5' ANP N . -3.16 -0.07 13.00
C5' ANP N . -2.53 -0.40 11.77
C4' ANP N . -2.45 0.80 10.85
O4' ANP N . -3.48 0.69 9.89
C3' ANP N . -2.66 2.12 11.56
O3' ANP N . -1.41 2.67 11.93
C2' ANP N . -3.39 2.96 10.55
O2' ANP N . -2.47 3.73 9.78
C1' ANP N . -4.05 1.96 9.62
N9 ANP N . -5.50 1.81 9.88
C8 ANP N . -6.04 1.62 11.07
N7 ANP N . -7.37 1.48 10.97
C5 ANP N . -7.69 1.57 9.70
C6 ANP N . -8.93 1.52 8.91
N6 ANP N . -10.11 1.33 9.50
N1 ANP N . -8.83 1.66 7.60
C2 ANP N . -7.65 1.84 6.99
N3 ANP N . -6.49 1.90 7.64
C4 ANP N . -6.44 1.79 8.98
MG MG O . -2.77 -5.29 15.71
C1 GOL P . 21.11 17.16 10.37
O1 GOL P . 20.00 17.20 11.22
C2 GOL P . 21.77 15.79 10.51
O2 GOL P . 22.64 15.68 9.43
C3 GOL P . 22.62 15.69 11.76
O3 GOL P . 22.12 14.70 12.59
C1 GOL Q . -15.98 -25.50 4.55
O1 GOL Q . -15.43 -25.72 3.28
C2 GOL Q . -16.89 -26.66 4.97
O2 GOL Q . -18.10 -26.12 5.43
C3 GOL Q . -16.29 -27.51 6.08
O3 GOL Q . -15.13 -26.90 6.58
C2 PEG R . -26.69 2.94 -0.19
O2 PEG R . -26.26 1.85 -0.98
C3 PEG R . -25.51 2.20 -2.12
C4 PEG R . -25.55 1.10 -3.22
O4 PEG R . -25.70 -0.19 -2.68
O2 PEG S . 15.42 13.91 29.46
C3 PEG S . 14.72 15.08 29.77
C4 PEG S . 15.70 16.21 30.12
O4 PEG S . 15.05 17.45 29.92
#